data_3YGS
# 
_entry.id   3YGS 
# 
_audit_conform.dict_name       mmcif_pdbx.dic 
_audit_conform.dict_version    5.383 
_audit_conform.dict_location   http://mmcif.pdb.org/dictionaries/ascii/mmcif_pdbx.dic 
# 
loop_
_database_2.database_id 
_database_2.database_code 
_database_2.pdbx_database_accession 
_database_2.pdbx_DOI 
PDB   3YGS         pdb_00003ygs 10.2210/pdb3ygs/pdb 
RCSB  RCSB001025   ?            ?                   
WWPDB D_1000001025 ?            ?                   
# 
loop_
_pdbx_audit_revision_history.ordinal 
_pdbx_audit_revision_history.data_content_type 
_pdbx_audit_revision_history.major_revision 
_pdbx_audit_revision_history.minor_revision 
_pdbx_audit_revision_history.revision_date 
1 'Structure model' 1 0 2000-04-19 
2 'Structure model' 1 1 2008-04-26 
3 'Structure model' 1 2 2011-07-13 
4 'Structure model' 1 3 2023-12-27 
# 
_pdbx_audit_revision_details.ordinal             1 
_pdbx_audit_revision_details.revision_ordinal    1 
_pdbx_audit_revision_details.data_content_type   'Structure model' 
_pdbx_audit_revision_details.provider            repository 
_pdbx_audit_revision_details.type                'Initial release' 
_pdbx_audit_revision_details.description         ? 
_pdbx_audit_revision_details.details             ? 
# 
loop_
_pdbx_audit_revision_group.ordinal 
_pdbx_audit_revision_group.revision_ordinal 
_pdbx_audit_revision_group.data_content_type 
_pdbx_audit_revision_group.group 
1 2 'Structure model' 'Version format compliance' 
2 3 'Structure model' 'Version format compliance' 
3 4 'Structure model' 'Data collection'           
4 4 'Structure model' 'Database references'       
# 
loop_
_pdbx_audit_revision_category.ordinal 
_pdbx_audit_revision_category.revision_ordinal 
_pdbx_audit_revision_category.data_content_type 
_pdbx_audit_revision_category.category 
1 4 'Structure model' chem_comp_atom     
2 4 'Structure model' chem_comp_bond     
3 4 'Structure model' database_2         
4 4 'Structure model' struct_ref_seq_dif 
# 
loop_
_pdbx_audit_revision_item.ordinal 
_pdbx_audit_revision_item.revision_ordinal 
_pdbx_audit_revision_item.data_content_type 
_pdbx_audit_revision_item.item 
1 4 'Structure model' '_database_2.pdbx_DOI'                
2 4 'Structure model' '_database_2.pdbx_database_accession' 
3 4 'Structure model' '_struct_ref_seq_dif.details'         
# 
_pdbx_database_status.status_code                     REL 
_pdbx_database_status.entry_id                        3YGS 
_pdbx_database_status.recvd_initial_deposition_date   1999-05-08 
_pdbx_database_status.deposit_site                    BNL 
_pdbx_database_status.process_site                    RCSB 
_pdbx_database_status.SG_entry                        . 
_pdbx_database_status.pdb_format_compatible           Y 
_pdbx_database_status.status_code_mr                  ? 
_pdbx_database_status.status_code_sf                  ? 
_pdbx_database_status.status_code_cs                  ? 
_pdbx_database_status.status_code_nmr_data            ? 
_pdbx_database_status.methods_development_category    ? 
# 
_pdbx_database_related.db_name        PDB 
_pdbx_database_related.db_id          2YGS 
_pdbx_database_related.details        . 
_pdbx_database_related.content_type   unspecified 
# 
loop_
_audit_author.name 
_audit_author.pdbx_ordinal 
'Qin, H.'               1 
'Srinivasula, S.'       2 
'Wu, G.'                3 
'Fernandes-Alnemri, T.' 4 
'Alnemri, E.'           5 
'Shi, Y.'               6 
# 
_citation.id                        primary 
_citation.title                     'Structural basis of procaspase-9 recruitment by the apoptotic protease-activating factor 1.' 
_citation.journal_abbrev            Nature 
_citation.journal_volume            399 
_citation.page_first                549 
_citation.page_last                 557 
_citation.year                      1999 
_citation.journal_id_ASTM           NATUAS 
_citation.country                   UK 
_citation.journal_id_ISSN           0028-0836 
_citation.journal_id_CSD            0006 
_citation.book_publisher            ? 
_citation.pdbx_database_id_PubMed   10376594 
_citation.pdbx_database_id_DOI      10.1038/21124 
# 
loop_
_citation_author.citation_id 
_citation_author.name 
_citation_author.ordinal 
_citation_author.identifier_ORCID 
primary 'Qin, H.'               1 ? 
primary 'Srinivasula, S.M.'     2 ? 
primary 'Wu, G.'                3 ? 
primary 'Fernandes-Alnemri, T.' 4 ? 
primary 'Alnemri, E.S.'         5 ? 
primary 'Shi, Y.'               6 ? 
# 
loop_
_entity.id 
_entity.type 
_entity.src_method 
_entity.pdbx_description 
_entity.formula_weight 
_entity.pdbx_number_of_molecules 
_entity.pdbx_ec 
_entity.pdbx_mutation 
_entity.pdbx_fragment 
_entity.details 
1 polymer man 'APOPTOTIC PROTEASE ACTIVATING FACTOR 1' 10925.555 1   ?        ? 'CASPASE RECRUITMENT DOMAIN (CARD)' ? 
2 polymer man 'PROCASPASE 9'                           11312.906 1   3.4.22.- ? PRODOMAIN                           ? 
3 water   nat water                                    18.015    173 ?        ? ?                                   ? 
# 
loop_
_entity_poly.entity_id 
_entity_poly.type 
_entity_poly.nstd_linkage 
_entity_poly.nstd_monomer 
_entity_poly.pdbx_seq_one_letter_code 
_entity_poly.pdbx_seq_one_letter_code_can 
_entity_poly.pdbx_strand_id 
_entity_poly.pdbx_target_identifier 
1 'polypeptide(L)' no no 
;MDAKARNCLLQHREALEKDIKTSYIMDHMISDGFLTISEEEKVRNEPTQQQRAAMLIKMILKKDNDSYVSFYNALLHEGY
KDLAALLHDGIPVVS
;
;MDAKARNCLLQHREALEKDIKTSYIMDHMISDGFLTISEEEKVRNEPTQQQRAAMLIKMILKKDNDSYVSFYNALLHEGY
KDLAALLHDGIPVVS
;
C ? 
2 'polypeptide(L)' no no 
;SMDEADRRLLRRCRLRLVEELQVDQLWDVLLSRELFRPHMIEDIQRAGSGSRRDQARQLIIDLETRGSQALPLFISCLED
TGQDMLASFLRTNRQAG
;
;SMDEADRRLLRRCRLRLVEELQVDQLWDVLLSRELFRPHMIEDIQRAGSGSRRDQARQLIIDLETRGSQALPLFISCLED
TGQDMLASFLRTNRQAG
;
P ? 
# 
_pdbx_entity_nonpoly.entity_id   3 
_pdbx_entity_nonpoly.name        water 
_pdbx_entity_nonpoly.comp_id     HOH 
# 
loop_
_entity_poly_seq.entity_id 
_entity_poly_seq.num 
_entity_poly_seq.mon_id 
_entity_poly_seq.hetero 
1 1  MET n 
1 2  ASP n 
1 3  ALA n 
1 4  LYS n 
1 5  ALA n 
1 6  ARG n 
1 7  ASN n 
1 8  CYS n 
1 9  LEU n 
1 10 LEU n 
1 11 GLN n 
1 12 HIS n 
1 13 ARG n 
1 14 GLU n 
1 15 ALA n 
1 16 LEU n 
1 17 GLU n 
1 18 LYS n 
1 19 ASP n 
1 20 ILE n 
1 21 LYS n 
1 22 THR n 
1 23 SER n 
1 24 TYR n 
1 25 ILE n 
1 26 MET n 
1 27 ASP n 
1 28 HIS n 
1 29 MET n 
1 30 ILE n 
1 31 SER n 
1 32 ASP n 
1 33 GLY n 
1 34 PHE n 
1 35 LEU n 
1 36 THR n 
1 37 ILE n 
1 38 SER n 
1 39 GLU n 
1 40 GLU n 
1 41 GLU n 
1 42 LYS n 
1 43 VAL n 
1 44 ARG n 
1 45 ASN n 
1 46 GLU n 
1 47 PRO n 
1 48 THR n 
1 49 GLN n 
1 50 GLN n 
1 51 GLN n 
1 52 ARG n 
1 53 ALA n 
1 54 ALA n 
1 55 MET n 
1 56 LEU n 
1 57 ILE n 
1 58 LYS n 
1 59 MET n 
1 60 ILE n 
1 61 LEU n 
1 62 LYS n 
1 63 LYS n 
1 64 ASP n 
1 65 ASN n 
1 66 ASP n 
1 67 SER n 
1 68 TYR n 
1 69 VAL n 
1 70 SER n 
1 71 PHE n 
1 72 TYR n 
1 73 ASN n 
1 74 ALA n 
1 75 LEU n 
1 76 LEU n 
1 77 HIS n 
1 78 GLU n 
1 79 GLY n 
1 80 TYR n 
1 81 LYS n 
1 82 ASP n 
1 83 LEU n 
1 84 ALA n 
1 85 ALA n 
1 86 LEU n 
1 87 LEU n 
1 88 HIS n 
1 89 ASP n 
1 90 GLY n 
1 91 ILE n 
1 92 PRO n 
1 93 VAL n 
1 94 VAL n 
1 95 SER n 
2 1  SER n 
2 2  MET n 
2 3  ASP n 
2 4  GLU n 
2 5  ALA n 
2 6  ASP n 
2 7  ARG n 
2 8  ARG n 
2 9  LEU n 
2 10 LEU n 
2 11 ARG n 
2 12 ARG n 
2 13 CYS n 
2 14 ARG n 
2 15 LEU n 
2 16 ARG n 
2 17 LEU n 
2 18 VAL n 
2 19 GLU n 
2 20 GLU n 
2 21 LEU n 
2 22 GLN n 
2 23 VAL n 
2 24 ASP n 
2 25 GLN n 
2 26 LEU n 
2 27 TRP n 
2 28 ASP n 
2 29 VAL n 
2 30 LEU n 
2 31 LEU n 
2 32 SER n 
2 33 ARG n 
2 34 GLU n 
2 35 LEU n 
2 36 PHE n 
2 37 ARG n 
2 38 PRO n 
2 39 HIS n 
2 40 MET n 
2 41 ILE n 
2 42 GLU n 
2 43 ASP n 
2 44 ILE n 
2 45 GLN n 
2 46 ARG n 
2 47 ALA n 
2 48 GLY n 
2 49 SER n 
2 50 GLY n 
2 51 SER n 
2 52 ARG n 
2 53 ARG n 
2 54 ASP n 
2 55 GLN n 
2 56 ALA n 
2 57 ARG n 
2 58 GLN n 
2 59 LEU n 
2 60 ILE n 
2 61 ILE n 
2 62 ASP n 
2 63 LEU n 
2 64 GLU n 
2 65 THR n 
2 66 ARG n 
2 67 GLY n 
2 68 SER n 
2 69 GLN n 
2 70 ALA n 
2 71 LEU n 
2 72 PRO n 
2 73 LEU n 
2 74 PHE n 
2 75 ILE n 
2 76 SER n 
2 77 CYS n 
2 78 LEU n 
2 79 GLU n 
2 80 ASP n 
2 81 THR n 
2 82 GLY n 
2 83 GLN n 
2 84 ASP n 
2 85 MET n 
2 86 LEU n 
2 87 ALA n 
2 88 SER n 
2 89 PHE n 
2 90 LEU n 
2 91 ARG n 
2 92 THR n 
2 93 ASN n 
2 94 ARG n 
2 95 GLN n 
2 96 ALA n 
2 97 GLY n 
# 
loop_
_entity_src_gen.entity_id 
_entity_src_gen.pdbx_src_id 
_entity_src_gen.pdbx_alt_source_flag 
_entity_src_gen.pdbx_seq_type 
_entity_src_gen.pdbx_beg_seq_num 
_entity_src_gen.pdbx_end_seq_num 
_entity_src_gen.gene_src_common_name 
_entity_src_gen.gene_src_genus 
_entity_src_gen.pdbx_gene_src_gene 
_entity_src_gen.gene_src_species 
_entity_src_gen.gene_src_strain 
_entity_src_gen.gene_src_tissue 
_entity_src_gen.gene_src_tissue_fraction 
_entity_src_gen.gene_src_details 
_entity_src_gen.pdbx_gene_src_fragment 
_entity_src_gen.pdbx_gene_src_scientific_name 
_entity_src_gen.pdbx_gene_src_ncbi_taxonomy_id 
_entity_src_gen.pdbx_gene_src_variant 
_entity_src_gen.pdbx_gene_src_cell_line 
_entity_src_gen.pdbx_gene_src_atcc 
_entity_src_gen.pdbx_gene_src_organ 
_entity_src_gen.pdbx_gene_src_organelle 
_entity_src_gen.pdbx_gene_src_cell 
_entity_src_gen.pdbx_gene_src_cellular_location 
_entity_src_gen.host_org_common_name 
_entity_src_gen.pdbx_host_org_scientific_name 
_entity_src_gen.pdbx_host_org_ncbi_taxonomy_id 
_entity_src_gen.host_org_genus 
_entity_src_gen.pdbx_host_org_gene 
_entity_src_gen.pdbx_host_org_organ 
_entity_src_gen.host_org_species 
_entity_src_gen.pdbx_host_org_tissue 
_entity_src_gen.pdbx_host_org_tissue_fraction 
_entity_src_gen.pdbx_host_org_strain 
_entity_src_gen.pdbx_host_org_variant 
_entity_src_gen.pdbx_host_org_cell_line 
_entity_src_gen.pdbx_host_org_atcc 
_entity_src_gen.pdbx_host_org_culture_collection 
_entity_src_gen.pdbx_host_org_cell 
_entity_src_gen.pdbx_host_org_organelle 
_entity_src_gen.pdbx_host_org_cellular_location 
_entity_src_gen.pdbx_host_org_vector_type 
_entity_src_gen.pdbx_host_org_vector 
_entity_src_gen.host_org_details 
_entity_src_gen.expression_system_id 
_entity_src_gen.plasmid_name 
_entity_src_gen.plasmid_details 
_entity_src_gen.pdbx_description 
1 1 sample ? ? ? human Homo ? ? ? ? ? ? ? 'Homo sapiens' 9606 ? ? ? ? ? ? CYTOPLASM ? 'Escherichia coli BL21(DE3)' 469008 
Escherichia ? ? 'Escherichia coli' ? ? 'BL21(DE3)' ? ? ? ? ? ? ? ? ? ? ? PGEX-2T ? ? 
2 1 sample ? ? ? human Homo ? ? ? ? ? ? ? 'Homo sapiens' 9606 ? ? ? ? ? ? CYTOPLASM ? 'Escherichia coli BL21(DE3)' 469008 
Escherichia ? ? 'Escherichia coli' ? ? 'BL21(DE3)' ? ? ? ? ? ? ? ? ? ? ? PGEX-2T ? ? 
# 
loop_
_chem_comp.id 
_chem_comp.type 
_chem_comp.mon_nstd_flag 
_chem_comp.name 
_chem_comp.pdbx_synonyms 
_chem_comp.formula 
_chem_comp.formula_weight 
ALA 'L-peptide linking' y ALANINE         ? 'C3 H7 N O2'     89.093  
ARG 'L-peptide linking' y ARGININE        ? 'C6 H15 N4 O2 1' 175.209 
ASN 'L-peptide linking' y ASPARAGINE      ? 'C4 H8 N2 O3'    132.118 
ASP 'L-peptide linking' y 'ASPARTIC ACID' ? 'C4 H7 N O4'     133.103 
CYS 'L-peptide linking' y CYSTEINE        ? 'C3 H7 N O2 S'   121.158 
GLN 'L-peptide linking' y GLUTAMINE       ? 'C5 H10 N2 O3'   146.144 
GLU 'L-peptide linking' y 'GLUTAMIC ACID' ? 'C5 H9 N O4'     147.129 
GLY 'peptide linking'   y GLYCINE         ? 'C2 H5 N O2'     75.067  
HIS 'L-peptide linking' y HISTIDINE       ? 'C6 H10 N3 O2 1' 156.162 
HOH non-polymer         . WATER           ? 'H2 O'           18.015  
ILE 'L-peptide linking' y ISOLEUCINE      ? 'C6 H13 N O2'    131.173 
LEU 'L-peptide linking' y LEUCINE         ? 'C6 H13 N O2'    131.173 
LYS 'L-peptide linking' y LYSINE          ? 'C6 H15 N2 O2 1' 147.195 
MET 'L-peptide linking' y METHIONINE      ? 'C5 H11 N O2 S'  149.211 
PHE 'L-peptide linking' y PHENYLALANINE   ? 'C9 H11 N O2'    165.189 
PRO 'L-peptide linking' y PROLINE         ? 'C5 H9 N O2'     115.130 
SER 'L-peptide linking' y SERINE          ? 'C3 H7 N O3'     105.093 
THR 'L-peptide linking' y THREONINE       ? 'C4 H9 N O3'     119.119 
TRP 'L-peptide linking' y TRYPTOPHAN      ? 'C11 H12 N2 O2'  204.225 
TYR 'L-peptide linking' y TYROSINE        ? 'C9 H11 N O3'    181.189 
VAL 'L-peptide linking' y VALINE          ? 'C5 H11 N O2'    117.146 
# 
loop_
_pdbx_poly_seq_scheme.asym_id 
_pdbx_poly_seq_scheme.entity_id 
_pdbx_poly_seq_scheme.seq_id 
_pdbx_poly_seq_scheme.mon_id 
_pdbx_poly_seq_scheme.ndb_seq_num 
_pdbx_poly_seq_scheme.pdb_seq_num 
_pdbx_poly_seq_scheme.auth_seq_num 
_pdbx_poly_seq_scheme.pdb_mon_id 
_pdbx_poly_seq_scheme.auth_mon_id 
_pdbx_poly_seq_scheme.pdb_strand_id 
_pdbx_poly_seq_scheme.pdb_ins_code 
_pdbx_poly_seq_scheme.hetero 
A 1 1  MET 1  1  1  MET MET C . n 
A 1 2  ASP 2  2  2  ASP ASP C . n 
A 1 3  ALA 3  3  3  ALA ALA C . n 
A 1 4  LYS 4  4  4  LYS LYS C . n 
A 1 5  ALA 5  5  5  ALA ALA C . n 
A 1 6  ARG 6  6  6  ARG ARG C . n 
A 1 7  ASN 7  7  7  ASN ASN C . n 
A 1 8  CYS 8  8  8  CYS CYS C . n 
A 1 9  LEU 9  9  9  LEU LEU C . n 
A 1 10 LEU 10 10 10 LEU LEU C . n 
A 1 11 GLN 11 11 11 GLN GLN C . n 
A 1 12 HIS 12 12 12 HIS HIS C . n 
A 1 13 ARG 13 13 13 ARG ARG C . n 
A 1 14 GLU 14 14 14 GLU GLU C . n 
A 1 15 ALA 15 15 15 ALA ALA C . n 
A 1 16 LEU 16 16 16 LEU LEU C . n 
A 1 17 GLU 17 17 17 GLU GLU C . n 
A 1 18 LYS 18 18 18 LYS LYS C . n 
A 1 19 ASP 19 19 19 ASP ASP C . n 
A 1 20 ILE 20 20 20 ILE ILE C . n 
A 1 21 LYS 21 21 21 LYS LYS C . n 
A 1 22 THR 22 22 22 THR THR C . n 
A 1 23 SER 23 23 23 SER SER C . n 
A 1 24 TYR 24 24 24 TYR TYR C . n 
A 1 25 ILE 25 25 25 ILE ILE C . n 
A 1 26 MET 26 26 26 MET MET C . n 
A 1 27 ASP 27 27 27 ASP ASP C . n 
A 1 28 HIS 28 28 28 HIS HIS C . n 
A 1 29 MET 29 29 29 MET MET C . n 
A 1 30 ILE 30 30 30 ILE ILE C . n 
A 1 31 SER 31 31 31 SER SER C . n 
A 1 32 ASP 32 32 32 ASP ASP C . n 
A 1 33 GLY 33 33 33 GLY GLY C . n 
A 1 34 PHE 34 34 34 PHE PHE C . n 
A 1 35 LEU 35 35 35 LEU LEU C . n 
A 1 36 THR 36 36 36 THR THR C . n 
A 1 37 ILE 37 37 37 ILE ILE C . n 
A 1 38 SER 38 38 38 SER SER C . n 
A 1 39 GLU 39 39 39 GLU GLU C . n 
A 1 40 GLU 40 40 40 GLU GLU C . n 
A 1 41 GLU 41 41 41 GLU GLU C . n 
A 1 42 LYS 42 42 42 LYS LYS C . n 
A 1 43 VAL 43 43 43 VAL VAL C . n 
A 1 44 ARG 44 44 44 ARG ARG C . n 
A 1 45 ASN 45 45 45 ASN ASN C . n 
A 1 46 GLU 46 46 46 GLU GLU C . n 
A 1 47 PRO 47 47 47 PRO PRO C . n 
A 1 48 THR 48 48 48 THR THR C . n 
A 1 49 GLN 49 49 49 GLN GLN C . n 
A 1 50 GLN 50 50 50 GLN GLN C . n 
A 1 51 GLN 51 51 51 GLN GLN C . n 
A 1 52 ARG 52 52 52 ARG ARG C . n 
A 1 53 ALA 53 53 53 ALA ALA C . n 
A 1 54 ALA 54 54 54 ALA ALA C . n 
A 1 55 MET 55 55 55 MET MET C . n 
A 1 56 LEU 56 56 56 LEU LEU C . n 
A 1 57 ILE 57 57 57 ILE ILE C . n 
A 1 58 LYS 58 58 58 LYS LYS C . n 
A 1 59 MET 59 59 59 MET MET C . n 
A 1 60 ILE 60 60 60 ILE ILE C . n 
A 1 61 LEU 61 61 61 LEU LEU C . n 
A 1 62 LYS 62 62 62 LYS LYS C . n 
A 1 63 LYS 63 63 63 LYS LYS C . n 
A 1 64 ASP 64 64 64 ASP ASP C . n 
A 1 65 ASN 65 65 65 ASN ASN C . n 
A 1 66 ASP 66 66 66 ASP ASP C . n 
A 1 67 SER 67 67 67 SER SER C . n 
A 1 68 TYR 68 68 68 TYR TYR C . n 
A 1 69 VAL 69 69 69 VAL VAL C . n 
A 1 70 SER 70 70 70 SER SER C . n 
A 1 71 PHE 71 71 71 PHE PHE C . n 
A 1 72 TYR 72 72 72 TYR TYR C . n 
A 1 73 ASN 73 73 73 ASN ASN C . n 
A 1 74 ALA 74 74 74 ALA ALA C . n 
A 1 75 LEU 75 75 75 LEU LEU C . n 
A 1 76 LEU 76 76 76 LEU LEU C . n 
A 1 77 HIS 77 77 77 HIS HIS C . n 
A 1 78 GLU 78 78 78 GLU GLU C . n 
A 1 79 GLY 79 79 79 GLY GLY C . n 
A 1 80 TYR 80 80 80 TYR TYR C . n 
A 1 81 LYS 81 81 81 LYS LYS C . n 
A 1 82 ASP 82 82 82 ASP ASP C . n 
A 1 83 LEU 83 83 83 LEU LEU C . n 
A 1 84 ALA 84 84 84 ALA ALA C . n 
A 1 85 ALA 85 85 85 ALA ALA C . n 
A 1 86 LEU 86 86 86 LEU LEU C . n 
A 1 87 LEU 87 87 87 LEU LEU C . n 
A 1 88 HIS 88 88 88 HIS HIS C . n 
A 1 89 ASP 89 89 89 ASP ASP C . n 
A 1 90 GLY 90 90 90 GLY GLY C . n 
A 1 91 ILE 91 91 91 ILE ILE C . n 
A 1 92 PRO 92 92 92 PRO PRO C . n 
A 1 93 VAL 93 93 93 VAL VAL C . n 
A 1 94 VAL 94 94 94 VAL VAL C . n 
A 1 95 SER 95 95 95 SER SER C . n 
B 2 1  SER 1  1  1  SER SER P . n 
B 2 2  MET 2  2  2  MET MET P . n 
B 2 3  ASP 3  3  3  ASP ASP P . n 
B 2 4  GLU 4  4  4  GLU GLU P . n 
B 2 5  ALA 5  5  5  ALA ALA P . n 
B 2 6  ASP 6  6  6  ASP ASP P . n 
B 2 7  ARG 7  7  7  ARG ARG P . n 
B 2 8  ARG 8  8  8  ARG ARG P . n 
B 2 9  LEU 9  9  9  LEU LEU P . n 
B 2 10 LEU 10 10 10 LEU LEU P . n 
B 2 11 ARG 11 11 11 ARG ARG P . n 
B 2 12 ARG 12 12 12 ARG ARG P . n 
B 2 13 CYS 13 13 13 CYS CYS P . n 
B 2 14 ARG 14 14 14 ARG ARG P . n 
B 2 15 LEU 15 15 15 LEU LEU P . n 
B 2 16 ARG 16 16 16 ARG ARG P . n 
B 2 17 LEU 17 17 17 LEU LEU P . n 
B 2 18 VAL 18 18 18 VAL VAL P . n 
B 2 19 GLU 19 19 19 GLU GLU P . n 
B 2 20 GLU 20 20 20 GLU GLU P . n 
B 2 21 LEU 21 21 21 LEU LEU P . n 
B 2 22 GLN 22 22 22 GLN GLN P . n 
B 2 23 VAL 23 23 23 VAL VAL P . n 
B 2 24 ASP 24 24 24 ASP ASP P . n 
B 2 25 GLN 25 25 25 GLN GLN P . n 
B 2 26 LEU 26 26 26 LEU LEU P . n 
B 2 27 TRP 27 27 27 TRP TRP P . n 
B 2 28 ASP 28 28 28 ASP ASP P . n 
B 2 29 VAL 29 29 29 VAL VAL P . n 
B 2 30 LEU 30 30 30 LEU LEU P . n 
B 2 31 LEU 31 31 31 LEU LEU P . n 
B 2 32 SER 32 32 32 SER SER P . n 
B 2 33 ARG 33 33 33 ARG ARG P . n 
B 2 34 GLU 34 34 34 GLU GLU P . n 
B 2 35 LEU 35 35 35 LEU LEU P . n 
B 2 36 PHE 36 36 36 PHE PHE P . n 
B 2 37 ARG 37 37 37 ARG ARG P . n 
B 2 38 PRO 38 38 38 PRO PRO P . n 
B 2 39 HIS 39 39 39 HIS HIS P . n 
B 2 40 MET 40 40 40 MET MET P . n 
B 2 41 ILE 41 41 41 ILE ILE P . n 
B 2 42 GLU 42 42 42 GLU GLU P . n 
B 2 43 ASP 43 43 43 ASP ASP P . n 
B 2 44 ILE 44 44 44 ILE ILE P . n 
B 2 45 GLN 45 45 45 GLN GLN P . n 
B 2 46 ARG 46 46 46 ARG ARG P . n 
B 2 47 ALA 47 47 47 ALA ALA P . n 
B 2 48 GLY 48 48 48 GLY GLY P . n 
B 2 49 SER 49 49 49 SER SER P . n 
B 2 50 GLY 50 50 50 GLY GLY P . n 
B 2 51 SER 51 51 51 SER SER P . n 
B 2 52 ARG 52 52 52 ARG ARG P . n 
B 2 53 ARG 53 53 53 ARG ARG P . n 
B 2 54 ASP 54 54 54 ASP ASP P . n 
B 2 55 GLN 55 55 55 GLN GLN P . n 
B 2 56 ALA 56 56 56 ALA ALA P . n 
B 2 57 ARG 57 57 57 ARG ARG P . n 
B 2 58 GLN 58 58 58 GLN GLN P . n 
B 2 59 LEU 59 59 59 LEU LEU P . n 
B 2 60 ILE 60 60 60 ILE ILE P . n 
B 2 61 ILE 61 61 61 ILE ILE P . n 
B 2 62 ASP 62 62 62 ASP ASP P . n 
B 2 63 LEU 63 63 63 LEU LEU P . n 
B 2 64 GLU 64 64 64 GLU GLU P . n 
B 2 65 THR 65 65 65 THR THR P . n 
B 2 66 ARG 66 66 66 ARG ARG P . n 
B 2 67 GLY 67 67 67 GLY GLY P . n 
B 2 68 SER 68 68 68 SER SER P . n 
B 2 69 GLN 69 69 69 GLN GLN P . n 
B 2 70 ALA 70 70 70 ALA ALA P . n 
B 2 71 LEU 71 71 71 LEU LEU P . n 
B 2 72 PRO 72 72 72 PRO PRO P . n 
B 2 73 LEU 73 73 73 LEU LEU P . n 
B 2 74 PHE 74 74 74 PHE PHE P . n 
B 2 75 ILE 75 75 75 ILE ILE P . n 
B 2 76 SER 76 76 76 SER SER P . n 
B 2 77 CYS 77 77 77 CYS CYS P . n 
B 2 78 LEU 78 78 78 LEU LEU P . n 
B 2 79 GLU 79 79 79 GLU GLU P . n 
B 2 80 ASP 80 80 80 ASP ASP P . n 
B 2 81 THR 81 81 81 THR THR P . n 
B 2 82 GLY 82 82 82 GLY GLY P . n 
B 2 83 GLN 83 83 83 GLN GLN P . n 
B 2 84 ASP 84 84 84 ASP ASP P . n 
B 2 85 MET 85 85 85 MET MET P . n 
B 2 86 LEU 86 86 86 LEU LEU P . n 
B 2 87 ALA 87 87 87 ALA ALA P . n 
B 2 88 SER 88 88 88 SER SER P . n 
B 2 89 PHE 89 89 89 PHE PHE P . n 
B 2 90 LEU 90 90 90 LEU LEU P . n 
B 2 91 ARG 91 91 91 ARG ARG P . n 
B 2 92 THR 92 92 92 THR THR P . n 
B 2 93 ASN 93 93 93 ASN ASN P . n 
B 2 94 ARG 94 94 94 ARG ARG P . n 
B 2 95 GLN 95 95 95 GLN GLN P . n 
B 2 96 ALA 96 96 96 ALA ALA P . n 
B 2 97 GLY 97 97 97 GLY GLY P . n 
# 
loop_
_pdbx_nonpoly_scheme.asym_id 
_pdbx_nonpoly_scheme.entity_id 
_pdbx_nonpoly_scheme.mon_id 
_pdbx_nonpoly_scheme.ndb_seq_num 
_pdbx_nonpoly_scheme.pdb_seq_num 
_pdbx_nonpoly_scheme.auth_seq_num 
_pdbx_nonpoly_scheme.pdb_mon_id 
_pdbx_nonpoly_scheme.auth_mon_id 
_pdbx_nonpoly_scheme.pdb_strand_id 
_pdbx_nonpoly_scheme.pdb_ins_code 
C 3 HOH 1  96  4   HOH HOH C . 
C 3 HOH 2  97  7   HOH HOH C . 
C 3 HOH 3  98  10  HOH HOH C . 
C 3 HOH 4  99  11  HOH HOH C . 
C 3 HOH 5  100 13  HOH HOH C . 
C 3 HOH 6  101 16  HOH HOH C . 
C 3 HOH 7  102 18  HOH HOH C . 
C 3 HOH 8  103 23  HOH HOH C . 
C 3 HOH 9  104 24  HOH HOH C . 
C 3 HOH 10 105 26  HOH HOH C . 
C 3 HOH 11 106 28  HOH HOH C . 
C 3 HOH 12 107 29  HOH HOH C . 
C 3 HOH 13 108 31  HOH HOH C . 
C 3 HOH 14 109 34  HOH HOH C . 
C 3 HOH 15 110 38  HOH HOH C . 
C 3 HOH 16 111 40  HOH HOH C . 
C 3 HOH 17 112 46  HOH HOH C . 
C 3 HOH 18 113 49  HOH HOH C . 
C 3 HOH 19 114 52  HOH HOH C . 
C 3 HOH 20 115 54  HOH HOH C . 
C 3 HOH 21 116 55  HOH HOH C . 
C 3 HOH 22 117 58  HOH HOH C . 
C 3 HOH 23 118 63  HOH HOH C . 
C 3 HOH 24 119 67  HOH HOH C . 
C 3 HOH 25 120 68  HOH HOH C . 
C 3 HOH 26 121 73  HOH HOH C . 
C 3 HOH 27 122 76  HOH HOH C . 
C 3 HOH 28 123 77  HOH HOH C . 
C 3 HOH 29 124 79  HOH HOH C . 
C 3 HOH 30 125 80  HOH HOH C . 
C 3 HOH 31 126 81  HOH HOH C . 
C 3 HOH 32 127 85  HOH HOH C . 
C 3 HOH 33 128 89  HOH HOH C . 
C 3 HOH 34 129 92  HOH HOH C . 
C 3 HOH 35 130 98  HOH HOH C . 
C 3 HOH 36 131 101 HOH HOH C . 
C 3 HOH 37 132 103 HOH HOH C . 
C 3 HOH 38 133 105 HOH HOH C . 
C 3 HOH 39 134 110 HOH HOH C . 
C 3 HOH 40 135 111 HOH HOH C . 
C 3 HOH 41 136 112 HOH HOH C . 
C 3 HOH 42 137 114 HOH HOH C . 
C 3 HOH 43 138 115 HOH HOH C . 
C 3 HOH 44 139 116 HOH HOH C . 
C 3 HOH 45 140 119 HOH HOH C . 
C 3 HOH 46 141 120 HOH HOH C . 
C 3 HOH 47 142 121 HOH HOH C . 
C 3 HOH 48 143 124 HOH HOH C . 
C 3 HOH 49 144 125 HOH HOH C . 
C 3 HOH 50 145 126 HOH HOH C . 
C 3 HOH 51 146 128 HOH HOH C . 
C 3 HOH 52 147 130 HOH HOH C . 
C 3 HOH 53 148 132 HOH HOH C . 
C 3 HOH 54 149 133 HOH HOH C . 
C 3 HOH 55 150 134 HOH HOH C . 
C 3 HOH 56 151 136 HOH HOH C . 
C 3 HOH 57 152 138 HOH HOH C . 
C 3 HOH 58 153 139 HOH HOH C . 
C 3 HOH 59 154 141 HOH HOH C . 
C 3 HOH 60 155 142 HOH HOH C . 
C 3 HOH 61 156 145 HOH HOH C . 
C 3 HOH 62 157 147 HOH HOH C . 
C 3 HOH 63 158 148 HOH HOH C . 
C 3 HOH 64 159 151 HOH HOH C . 
C 3 HOH 65 160 155 HOH HOH C . 
C 3 HOH 66 161 156 HOH HOH C . 
C 3 HOH 67 162 157 HOH HOH C . 
C 3 HOH 68 163 158 HOH HOH C . 
C 3 HOH 69 164 159 HOH HOH C . 
C 3 HOH 70 165 163 HOH HOH C . 
C 3 HOH 71 166 164 HOH HOH C . 
C 3 HOH 72 167 166 HOH HOH C . 
C 3 HOH 73 168 167 HOH HOH C . 
C 3 HOH 74 169 171 HOH HOH C . 
C 3 HOH 75 170 172 HOH HOH C . 
D 3 HOH 1  98  1   HOH HOH P . 
D 3 HOH 2  99  2   HOH HOH P . 
D 3 HOH 3  100 3   HOH HOH P . 
D 3 HOH 4  101 5   HOH HOH P . 
D 3 HOH 5  102 6   HOH HOH P . 
D 3 HOH 6  103 8   HOH HOH P . 
D 3 HOH 7  104 9   HOH HOH P . 
D 3 HOH 8  105 12  HOH HOH P . 
D 3 HOH 9  106 14  HOH HOH P . 
D 3 HOH 10 107 15  HOH HOH P . 
D 3 HOH 11 108 17  HOH HOH P . 
D 3 HOH 12 109 19  HOH HOH P . 
D 3 HOH 13 110 20  HOH HOH P . 
D 3 HOH 14 111 21  HOH HOH P . 
D 3 HOH 15 112 22  HOH HOH P . 
D 3 HOH 16 113 25  HOH HOH P . 
D 3 HOH 17 114 27  HOH HOH P . 
D 3 HOH 18 115 30  HOH HOH P . 
D 3 HOH 19 116 32  HOH HOH P . 
D 3 HOH 20 117 33  HOH HOH P . 
D 3 HOH 21 118 35  HOH HOH P . 
D 3 HOH 22 119 36  HOH HOH P . 
D 3 HOH 23 120 37  HOH HOH P . 
D 3 HOH 24 121 39  HOH HOH P . 
D 3 HOH 25 122 41  HOH HOH P . 
D 3 HOH 26 123 42  HOH HOH P . 
D 3 HOH 27 124 43  HOH HOH P . 
D 3 HOH 28 125 44  HOH HOH P . 
D 3 HOH 29 126 45  HOH HOH P . 
D 3 HOH 30 127 47  HOH HOH P . 
D 3 HOH 31 128 48  HOH HOH P . 
D 3 HOH 32 129 50  HOH HOH P . 
D 3 HOH 33 130 51  HOH HOH P . 
D 3 HOH 34 131 53  HOH HOH P . 
D 3 HOH 35 132 56  HOH HOH P . 
D 3 HOH 36 133 57  HOH HOH P . 
D 3 HOH 37 134 59  HOH HOH P . 
D 3 HOH 38 135 60  HOH HOH P . 
D 3 HOH 39 136 61  HOH HOH P . 
D 3 HOH 40 137 62  HOH HOH P . 
D 3 HOH 41 138 64  HOH HOH P . 
D 3 HOH 42 139 65  HOH HOH P . 
D 3 HOH 43 140 66  HOH HOH P . 
D 3 HOH 44 141 69  HOH HOH P . 
D 3 HOH 45 142 70  HOH HOH P . 
D 3 HOH 46 143 71  HOH HOH P . 
D 3 HOH 47 144 72  HOH HOH P . 
D 3 HOH 48 145 74  HOH HOH P . 
D 3 HOH 49 146 75  HOH HOH P . 
D 3 HOH 50 147 78  HOH HOH P . 
D 3 HOH 51 148 82  HOH HOH P . 
D 3 HOH 52 149 83  HOH HOH P . 
D 3 HOH 53 150 84  HOH HOH P . 
D 3 HOH 54 151 86  HOH HOH P . 
D 3 HOH 55 152 87  HOH HOH P . 
D 3 HOH 56 153 88  HOH HOH P . 
D 3 HOH 57 154 90  HOH HOH P . 
D 3 HOH 58 155 91  HOH HOH P . 
D 3 HOH 59 156 93  HOH HOH P . 
D 3 HOH 60 157 94  HOH HOH P . 
D 3 HOH 61 158 95  HOH HOH P . 
D 3 HOH 62 159 96  HOH HOH P . 
D 3 HOH 63 160 97  HOH HOH P . 
D 3 HOH 64 161 99  HOH HOH P . 
D 3 HOH 65 162 100 HOH HOH P . 
D 3 HOH 66 163 102 HOH HOH P . 
D 3 HOH 67 164 104 HOH HOH P . 
D 3 HOH 68 165 106 HOH HOH P . 
D 3 HOH 69 166 107 HOH HOH P . 
D 3 HOH 70 167 108 HOH HOH P . 
D 3 HOH 71 168 109 HOH HOH P . 
D 3 HOH 72 169 113 HOH HOH P . 
D 3 HOH 73 170 118 HOH HOH P . 
D 3 HOH 74 171 122 HOH HOH P . 
D 3 HOH 75 172 123 HOH HOH P . 
D 3 HOH 76 173 127 HOH HOH P . 
D 3 HOH 77 174 129 HOH HOH P . 
D 3 HOH 78 175 131 HOH HOH P . 
D 3 HOH 79 176 135 HOH HOH P . 
D 3 HOH 80 177 137 HOH HOH P . 
D 3 HOH 81 178 140 HOH HOH P . 
D 3 HOH 82 179 143 HOH HOH P . 
D 3 HOH 83 180 144 HOH HOH P . 
D 3 HOH 84 181 146 HOH HOH P . 
D 3 HOH 85 182 149 HOH HOH P . 
D 3 HOH 86 183 150 HOH HOH P . 
D 3 HOH 87 184 152 HOH HOH P . 
D 3 HOH 88 185 153 HOH HOH P . 
D 3 HOH 89 186 154 HOH HOH P . 
D 3 HOH 90 187 160 HOH HOH P . 
D 3 HOH 91 188 161 HOH HOH P . 
D 3 HOH 92 189 162 HOH HOH P . 
D 3 HOH 93 190 165 HOH HOH P . 
D 3 HOH 94 191 168 HOH HOH P . 
D 3 HOH 95 192 169 HOH HOH P . 
D 3 HOH 96 193 170 HOH HOH P . 
D 3 HOH 97 194 173 HOH HOH P . 
D 3 HOH 98 195 174 HOH HOH P . 
# 
loop_
_software.name 
_software.classification 
_software.version 
_software.citation_id 
_software.pdbx_ordinal 
X-PLOR    refinement       3.8 ? 1 
DENZO     'data reduction' .   ? 2 
SCALEPACK 'data scaling'   .   ? 3 
# 
_cell.entry_id           3YGS 
_cell.length_a           92.500 
_cell.length_b           92.500 
_cell.length_c           136.800 
_cell.angle_alpha        90.00 
_cell.angle_beta         90.00 
_cell.angle_gamma        120.00 
_cell.Z_PDB              12 
_cell.pdbx_unique_axis   ? 
# 
_symmetry.entry_id                         3YGS 
_symmetry.space_group_name_H-M             'P 62 2 2' 
_symmetry.pdbx_full_space_group_name_H-M   ? 
_symmetry.cell_setting                     ? 
_symmetry.Int_Tables_number                180 
# 
_exptl.entry_id          3YGS 
_exptl.method            'X-RAY DIFFRACTION' 
_exptl.crystals_number   1 
# 
_exptl_crystal.id                    1 
_exptl_crystal.density_meas          ? 
_exptl_crystal.density_Matthews      3.80 
_exptl_crystal.density_percent_sol   65 
_exptl_crystal.description           ? 
# 
_exptl_crystal_grow.crystal_id      1 
_exptl_crystal_grow.method          ? 
_exptl_crystal_grow.temp            ? 
_exptl_crystal_grow.temp_details    ? 
_exptl_crystal_grow.pH              7.5 
_exptl_crystal_grow.pdbx_details    'pH 7.5' 
_exptl_crystal_grow.pdbx_pH_range   . 
# 
_diffrn.id                     1 
_diffrn.ambient_temp           100 
_diffrn.ambient_temp_details   ? 
_diffrn.crystal_id             1 
# 
_diffrn_detector.diffrn_id              1 
_diffrn_detector.detector               ? 
_diffrn_detector.type                   ? 
_diffrn_detector.pdbx_collection_date   ? 
_diffrn_detector.details                MIRRORS 
# 
_diffrn_radiation.diffrn_id                        1 
_diffrn_radiation.wavelength_id                    1 
_diffrn_radiation.pdbx_monochromatic_or_laue_m_l   M 
_diffrn_radiation.monochromator                    'NI FILTER' 
_diffrn_radiation.pdbx_diffrn_protocol             'SINGLE WAVELENGTH' 
_diffrn_radiation.pdbx_scattering_type             x-ray 
# 
_diffrn_radiation_wavelength.id           1 
_diffrn_radiation_wavelength.wavelength   1.5418 
_diffrn_radiation_wavelength.wt           1.0 
# 
_diffrn_source.diffrn_id                   1 
_diffrn_source.source                      'ROTATING ANODE' 
_diffrn_source.type                        'RIGAKU RU200' 
_diffrn_source.pdbx_synchrotron_site       ? 
_diffrn_source.pdbx_synchrotron_beamline   ? 
_diffrn_source.pdbx_wavelength             1.5418 
_diffrn_source.pdbx_wavelength_list        ? 
# 
_reflns.entry_id                     3YGS 
_reflns.observed_criterion_sigma_I   ? 
_reflns.observed_criterion_sigma_F   ? 
_reflns.d_resolution_low             99.0 
_reflns.d_resolution_high            2.5 
_reflns.number_obs                   134080 
_reflns.number_all                   ? 
_reflns.percent_possible_obs         98.6 
_reflns.pdbx_Rmerge_I_obs            0.0560000 
_reflns.pdbx_Rsym_value              ? 
_reflns.pdbx_netI_over_sigmaI        ? 
_reflns.B_iso_Wilson_estimate        ? 
_reflns.pdbx_redundancy              11 
_reflns.R_free_details               ? 
_reflns.limit_h_max                  ? 
_reflns.limit_h_min                  ? 
_reflns.limit_k_max                  ? 
_reflns.limit_k_min                  ? 
_reflns.limit_l_max                  ? 
_reflns.limit_l_min                  ? 
_reflns.observed_criterion_F_max     ? 
_reflns.observed_criterion_F_min     ? 
_reflns.pdbx_diffrn_id               1 
_reflns.pdbx_ordinal                 1 
# 
_reflns_shell.d_res_high             2.5 
_reflns_shell.d_res_low              2.59 
_reflns_shell.percent_possible_all   93.2 
_reflns_shell.Rmerge_I_obs           0.1770000 
_reflns_shell.pdbx_Rsym_value        ? 
_reflns_shell.meanI_over_sigI_obs    ? 
_reflns_shell.pdbx_redundancy        ? 
_reflns_shell.percent_possible_obs   ? 
_reflns_shell.number_unique_all      ? 
_reflns_shell.pdbx_diffrn_id         ? 
_reflns_shell.pdbx_ordinal           1 
# 
_refine.entry_id                                 3YGS 
_refine.ls_number_reflns_obs                     12211 
_refine.ls_number_reflns_all                     ? 
_refine.pdbx_ls_sigma_I                          ? 
_refine.pdbx_ls_sigma_F                          0.0 
_refine.pdbx_data_cutoff_high_absF               ? 
_refine.pdbx_data_cutoff_low_absF                ? 
_refine.pdbx_data_cutoff_high_rms_absF           ? 
_refine.ls_d_res_low                             10.0 
_refine.ls_d_res_high                            2.5 
_refine.ls_percent_reflns_obs                    98 
_refine.ls_R_factor_obs                          ? 
_refine.ls_R_factor_all                          ? 
_refine.ls_R_factor_R_work                       0.2240000 
_refine.ls_R_factor_R_free                       0.2990000 
_refine.ls_R_factor_R_free_error                 ? 
_refine.ls_R_factor_R_free_error_details         ? 
_refine.ls_percent_reflns_R_free                 5.0 
_refine.ls_number_reflns_R_free                  600 
_refine.ls_number_parameters                     ? 
_refine.ls_number_restraints                     ? 
_refine.occupancy_min                            ? 
_refine.occupancy_max                            ? 
_refine.B_iso_mean                               ? 
_refine.aniso_B[1][1]                            ? 
_refine.aniso_B[2][2]                            ? 
_refine.aniso_B[3][3]                            ? 
_refine.aniso_B[1][2]                            ? 
_refine.aniso_B[1][3]                            ? 
_refine.aniso_B[2][3]                            ? 
_refine.solvent_model_details                    ? 
_refine.solvent_model_param_ksol                 ? 
_refine.solvent_model_param_bsol                 ? 
_refine.pdbx_ls_cross_valid_method               ? 
_refine.details                                  ? 
_refine.pdbx_starting_model                      ? 
_refine.pdbx_method_to_determine_struct          MIR 
_refine.pdbx_isotropic_thermal_model             ? 
_refine.pdbx_stereochemistry_target_values       ? 
_refine.pdbx_stereochem_target_val_spec_case     ? 
_refine.pdbx_R_Free_selection_details            RANDOM 
_refine.pdbx_overall_ESU_R                       ? 
_refine.pdbx_overall_ESU_R_Free                  ? 
_refine.overall_SU_ML                            ? 
_refine.overall_SU_B                             ? 
_refine.ls_redundancy_reflns_obs                 ? 
_refine.B_iso_min                                ? 
_refine.B_iso_max                                ? 
_refine.pdbx_refine_id                           'X-RAY DIFFRACTION' 
_refine.pdbx_diffrn_id                           1 
_refine.pdbx_TLS_residual_ADP_flag               ? 
_refine.correlation_coeff_Fo_to_Fc               ? 
_refine.correlation_coeff_Fo_to_Fc_free          ? 
_refine.pdbx_solvent_vdw_probe_radii             ? 
_refine.pdbx_solvent_ion_probe_radii             ? 
_refine.pdbx_solvent_shrinkage_radii             ? 
_refine.pdbx_overall_phase_error                 ? 
_refine.overall_SU_R_Cruickshank_DPI             ? 
_refine.pdbx_overall_SU_R_free_Cruickshank_DPI   ? 
_refine.pdbx_overall_SU_R_Blow_DPI               ? 
_refine.pdbx_overall_SU_R_free_Blow_DPI          ? 
# 
_refine_hist.pdbx_refine_id                   'X-RAY DIFFRACTION' 
_refine_hist.cycle_id                         LAST 
_refine_hist.pdbx_number_atoms_protein        1553 
_refine_hist.pdbx_number_atoms_nucleic_acid   0 
_refine_hist.pdbx_number_atoms_ligand         0 
_refine_hist.number_atoms_solvent             173 
_refine_hist.number_atoms_total               1726 
_refine_hist.d_res_high                       2.5 
_refine_hist.d_res_low                        10.0 
# 
loop_
_refine_ls_restr.type 
_refine_ls_restr.dev_ideal 
_refine_ls_restr.dev_ideal_target 
_refine_ls_restr.weight 
_refine_ls_restr.number 
_refine_ls_restr.pdbx_refine_id 
_refine_ls_restr.pdbx_restraint_function 
x_bond_d                0.009 ? ? ? 'X-RAY DIFFRACTION' ? 
x_bond_d_na             ?     ? ? ? 'X-RAY DIFFRACTION' ? 
x_bond_d_prot           ?     ? ? ? 'X-RAY DIFFRACTION' ? 
x_angle_d               ?     ? ? ? 'X-RAY DIFFRACTION' ? 
x_angle_d_na            ?     ? ? ? 'X-RAY DIFFRACTION' ? 
x_angle_d_prot          ?     ? ? ? 'X-RAY DIFFRACTION' ? 
x_angle_deg             1.447 ? ? ? 'X-RAY DIFFRACTION' ? 
x_angle_deg_na          ?     ? ? ? 'X-RAY DIFFRACTION' ? 
x_angle_deg_prot        ?     ? ? ? 'X-RAY DIFFRACTION' ? 
x_dihedral_angle_d      ?     ? ? ? 'X-RAY DIFFRACTION' ? 
x_dihedral_angle_d_na   ?     ? ? ? 'X-RAY DIFFRACTION' ? 
x_dihedral_angle_d_prot ?     ? ? ? 'X-RAY DIFFRACTION' ? 
x_improper_angle_d      ?     ? ? ? 'X-RAY DIFFRACTION' ? 
x_improper_angle_d_na   ?     ? ? ? 'X-RAY DIFFRACTION' ? 
x_improper_angle_d_prot ?     ? ? ? 'X-RAY DIFFRACTION' ? 
x_mcbond_it             ?     ? ? ? 'X-RAY DIFFRACTION' ? 
x_mcangle_it            ?     ? ? ? 'X-RAY DIFFRACTION' ? 
x_scbond_it             ?     ? ? ? 'X-RAY DIFFRACTION' ? 
x_scangle_it            ?     ? ? ? 'X-RAY DIFFRACTION' ? 
# 
_refine_ls_shell.pdbx_total_number_of_bins_used   10 
_refine_ls_shell.d_res_high                       2.5 
_refine_ls_shell.d_res_low                        2.61 
_refine_ls_shell.number_reflns_R_work             1326 
_refine_ls_shell.R_factor_R_work                  0.3500000 
_refine_ls_shell.percent_reflns_obs               ? 
_refine_ls_shell.R_factor_R_free                  0.4600000 
_refine_ls_shell.R_factor_R_free_error            ? 
_refine_ls_shell.percent_reflns_R_free            5.0 
_refine_ls_shell.number_reflns_R_free             76 
_refine_ls_shell.redundancy_reflns_obs            ? 
_refine_ls_shell.number_reflns_all                ? 
_refine_ls_shell.number_reflns_obs                ? 
_refine_ls_shell.pdbx_refine_id                   'X-RAY DIFFRACTION' 
_refine_ls_shell.R_factor_all                     ? 
# 
_struct.entry_id                  3YGS 
_struct.title                     'APAF-1 CARD IN COMPLEX WITH PRODOMAIN OF PROCASPASE-9' 
_struct.pdbx_model_details        ? 
_struct.pdbx_CASP_flag            ? 
_struct.pdbx_model_type_details   ? 
# 
_struct_keywords.entry_id        3YGS 
_struct_keywords.pdbx_keywords   APOPTOSIS 
_struct_keywords.text            'APOPTOSIS, CASPASE ACTIVATION, CASPASE RECRUITMENT, RECOGNITION COMPLEX' 
# 
loop_
_struct_asym.id 
_struct_asym.pdbx_blank_PDB_chainid_flag 
_struct_asym.pdbx_modified 
_struct_asym.entity_id 
_struct_asym.details 
A N N 1 ? 
B N N 2 ? 
C N N 3 ? 
D N N 3 ? 
# 
loop_
_struct_ref.id 
_struct_ref.db_name 
_struct_ref.db_code 
_struct_ref.entity_id 
_struct_ref.pdbx_db_accession 
_struct_ref.pdbx_align_begin 
_struct_ref.pdbx_seq_one_letter_code 
_struct_ref.pdbx_db_isoform 
1 UNP APAF_HUMAN  1 O14727 ? ? ? 
2 UNP CASP9_HUMAN 2 P55211 ? ? ? 
# 
loop_
_struct_ref_seq.align_id 
_struct_ref_seq.ref_id 
_struct_ref_seq.pdbx_PDB_id_code 
_struct_ref_seq.pdbx_strand_id 
_struct_ref_seq.seq_align_beg 
_struct_ref_seq.pdbx_seq_align_beg_ins_code 
_struct_ref_seq.seq_align_end 
_struct_ref_seq.pdbx_seq_align_end_ins_code 
_struct_ref_seq.pdbx_db_accession 
_struct_ref_seq.db_align_beg 
_struct_ref_seq.pdbx_db_align_beg_ins_code 
_struct_ref_seq.db_align_end 
_struct_ref_seq.pdbx_db_align_end_ins_code 
_struct_ref_seq.pdbx_auth_seq_align_beg 
_struct_ref_seq.pdbx_auth_seq_align_end 
1 1 3YGS C 1 ? 95 ? O14727 1 ? 95 ? 1 95 
2 2 3YGS P 2 ? 97 ? P55211 1 ? 96 ? 2 97 
# 
_struct_ref_seq_dif.align_id                     2 
_struct_ref_seq_dif.pdbx_pdb_id_code             3YGS 
_struct_ref_seq_dif.mon_id                       SER 
_struct_ref_seq_dif.pdbx_pdb_strand_id           P 
_struct_ref_seq_dif.seq_num                      1 
_struct_ref_seq_dif.pdbx_pdb_ins_code            ? 
_struct_ref_seq_dif.pdbx_seq_db_name             UNP 
_struct_ref_seq_dif.pdbx_seq_db_accession_code   P55211 
_struct_ref_seq_dif.db_mon_id                    ? 
_struct_ref_seq_dif.pdbx_seq_db_seq_num          ? 
_struct_ref_seq_dif.details                      'cloning artifact' 
_struct_ref_seq_dif.pdbx_auth_seq_num            1 
_struct_ref_seq_dif.pdbx_ordinal                 1 
# 
_pdbx_struct_assembly.id                   1 
_pdbx_struct_assembly.details              author_defined_assembly 
_pdbx_struct_assembly.method_details       ? 
_pdbx_struct_assembly.oligomeric_details   dimeric 
_pdbx_struct_assembly.oligomeric_count     2 
# 
_pdbx_struct_assembly_gen.assembly_id       1 
_pdbx_struct_assembly_gen.oper_expression   1 
_pdbx_struct_assembly_gen.asym_id_list      A,B,C,D 
# 
_pdbx_struct_oper_list.id                   1 
_pdbx_struct_oper_list.type                 'identity operation' 
_pdbx_struct_oper_list.name                 1_555 
_pdbx_struct_oper_list.symmetry_operation   x,y,z 
_pdbx_struct_oper_list.matrix[1][1]         1.0000000000 
_pdbx_struct_oper_list.matrix[1][2]         0.0000000000 
_pdbx_struct_oper_list.matrix[1][3]         0.0000000000 
_pdbx_struct_oper_list.vector[1]            0.0000000000 
_pdbx_struct_oper_list.matrix[2][1]         0.0000000000 
_pdbx_struct_oper_list.matrix[2][2]         1.0000000000 
_pdbx_struct_oper_list.matrix[2][3]         0.0000000000 
_pdbx_struct_oper_list.vector[2]            0.0000000000 
_pdbx_struct_oper_list.matrix[3][1]         0.0000000000 
_pdbx_struct_oper_list.matrix[3][2]         0.0000000000 
_pdbx_struct_oper_list.matrix[3][3]         1.0000000000 
_pdbx_struct_oper_list.vector[3]            0.0000000000 
# 
_struct_biol.id   1 
# 
loop_
_struct_conf.conf_type_id 
_struct_conf.id 
_struct_conf.pdbx_PDB_helix_id 
_struct_conf.beg_label_comp_id 
_struct_conf.beg_label_asym_id 
_struct_conf.beg_label_seq_id 
_struct_conf.pdbx_beg_PDB_ins_code 
_struct_conf.end_label_comp_id 
_struct_conf.end_label_asym_id 
_struct_conf.end_label_seq_id 
_struct_conf.pdbx_end_PDB_ins_code 
_struct_conf.beg_auth_comp_id 
_struct_conf.beg_auth_asym_id 
_struct_conf.beg_auth_seq_id 
_struct_conf.end_auth_comp_id 
_struct_conf.end_auth_asym_id 
_struct_conf.end_auth_seq_id 
_struct_conf.pdbx_PDB_helix_class 
_struct_conf.details 
_struct_conf.pdbx_PDB_helix_length 
HELX_P HELX_P1  1  ALA A 3  ? GLU A 17 ? ALA C 3  GLU C 17 1 ? 15 
HELX_P HELX_P2  2  THR A 22 ? ASP A 32 ? THR C 22 ASP C 32 1 ? 11 
HELX_P HELX_P3  3  ILE A 37 ? ARG A 44 ? ILE C 37 ARG C 44 1 ? 8  
HELX_P HELX_P4  4  GLN A 49 ? LYS A 62 ? GLN C 49 LYS C 62 1 ? 14 
HELX_P HELX_P5  5  ASN A 65 ? HIS A 77 ? ASN C 65 HIS C 77 1 ? 13 
HELX_P HELX_P6  6  LYS A 81 ? GLY A 90 ? LYS C 81 GLY C 90 1 ? 10 
HELX_P HELX_P7  7  GLU B 4  ? ARG B 12 ? GLU P 4  ARG P 12 1 ? 9  
HELX_P HELX_P8  8  ARG B 14 ? GLU B 20 ? ARG P 14 GLU P 20 1 ? 7  
HELX_P HELX_P9  9  TRP B 27 ? SER B 32 ? TRP P 27 SER P 32 1 ? 6  
HELX_P HELX_P10 10 PRO B 38 ? GLN B 45 ? PRO P 38 GLN P 45 1 ? 8  
HELX_P HELX_P11 11 ARG B 52 ? THR B 65 ? ARG P 52 THR P 65 1 ? 14 
HELX_P HELX_P12 12 ALA B 70 ? THR B 81 ? ALA P 70 THR P 81 1 ? 12 
HELX_P HELX_P13 13 ASP B 84 ? GLN B 95 ? ASP P 84 GLN P 95 1 ? 12 
# 
_struct_conf_type.id          HELX_P 
_struct_conf_type.criteria    ? 
_struct_conf_type.reference   ? 
# 
_pdbx_validate_symm_contact.id                1 
_pdbx_validate_symm_contact.PDB_model_num     1 
_pdbx_validate_symm_contact.auth_atom_id_1    O 
_pdbx_validate_symm_contact.auth_asym_id_1    P 
_pdbx_validate_symm_contact.auth_comp_id_1    HOH 
_pdbx_validate_symm_contact.auth_seq_id_1     151 
_pdbx_validate_symm_contact.PDB_ins_code_1    ? 
_pdbx_validate_symm_contact.label_alt_id_1    ? 
_pdbx_validate_symm_contact.site_symmetry_1   1_555 
_pdbx_validate_symm_contact.auth_atom_id_2    O 
_pdbx_validate_symm_contact.auth_asym_id_2    P 
_pdbx_validate_symm_contact.auth_comp_id_2    HOH 
_pdbx_validate_symm_contact.auth_seq_id_2     151 
_pdbx_validate_symm_contact.PDB_ins_code_2    ? 
_pdbx_validate_symm_contact.label_alt_id_2    ? 
_pdbx_validate_symm_contact.site_symmetry_2   11_656 
_pdbx_validate_symm_contact.dist              2.03 
# 
loop_
_pdbx_validate_torsion.id 
_pdbx_validate_torsion.PDB_model_num 
_pdbx_validate_torsion.auth_comp_id 
_pdbx_validate_torsion.auth_asym_id 
_pdbx_validate_torsion.auth_seq_id 
_pdbx_validate_torsion.PDB_ins_code 
_pdbx_validate_torsion.label_alt_id 
_pdbx_validate_torsion.phi 
_pdbx_validate_torsion.psi 
1 1 ASP C 2  ? ? -49.90  154.14  
2 1 ASP C 19 ? ? -136.20 -40.73  
3 1 ILE C 91 ? ? 154.16  -8.28   
4 1 VAL C 94 ? ? 57.05   -179.46 
# 
loop_
_chem_comp_atom.comp_id 
_chem_comp_atom.atom_id 
_chem_comp_atom.type_symbol 
_chem_comp_atom.pdbx_aromatic_flag 
_chem_comp_atom.pdbx_stereo_config 
_chem_comp_atom.pdbx_ordinal 
ALA N    N N N 1   
ALA CA   C N S 2   
ALA C    C N N 3   
ALA O    O N N 4   
ALA CB   C N N 5   
ALA OXT  O N N 6   
ALA H    H N N 7   
ALA H2   H N N 8   
ALA HA   H N N 9   
ALA HB1  H N N 10  
ALA HB2  H N N 11  
ALA HB3  H N N 12  
ALA HXT  H N N 13  
ARG N    N N N 14  
ARG CA   C N S 15  
ARG C    C N N 16  
ARG O    O N N 17  
ARG CB   C N N 18  
ARG CG   C N N 19  
ARG CD   C N N 20  
ARG NE   N N N 21  
ARG CZ   C N N 22  
ARG NH1  N N N 23  
ARG NH2  N N N 24  
ARG OXT  O N N 25  
ARG H    H N N 26  
ARG H2   H N N 27  
ARG HA   H N N 28  
ARG HB2  H N N 29  
ARG HB3  H N N 30  
ARG HG2  H N N 31  
ARG HG3  H N N 32  
ARG HD2  H N N 33  
ARG HD3  H N N 34  
ARG HE   H N N 35  
ARG HH11 H N N 36  
ARG HH12 H N N 37  
ARG HH21 H N N 38  
ARG HH22 H N N 39  
ARG HXT  H N N 40  
ASN N    N N N 41  
ASN CA   C N S 42  
ASN C    C N N 43  
ASN O    O N N 44  
ASN CB   C N N 45  
ASN CG   C N N 46  
ASN OD1  O N N 47  
ASN ND2  N N N 48  
ASN OXT  O N N 49  
ASN H    H N N 50  
ASN H2   H N N 51  
ASN HA   H N N 52  
ASN HB2  H N N 53  
ASN HB3  H N N 54  
ASN HD21 H N N 55  
ASN HD22 H N N 56  
ASN HXT  H N N 57  
ASP N    N N N 58  
ASP CA   C N S 59  
ASP C    C N N 60  
ASP O    O N N 61  
ASP CB   C N N 62  
ASP CG   C N N 63  
ASP OD1  O N N 64  
ASP OD2  O N N 65  
ASP OXT  O N N 66  
ASP H    H N N 67  
ASP H2   H N N 68  
ASP HA   H N N 69  
ASP HB2  H N N 70  
ASP HB3  H N N 71  
ASP HD2  H N N 72  
ASP HXT  H N N 73  
CYS N    N N N 74  
CYS CA   C N R 75  
CYS C    C N N 76  
CYS O    O N N 77  
CYS CB   C N N 78  
CYS SG   S N N 79  
CYS OXT  O N N 80  
CYS H    H N N 81  
CYS H2   H N N 82  
CYS HA   H N N 83  
CYS HB2  H N N 84  
CYS HB3  H N N 85  
CYS HG   H N N 86  
CYS HXT  H N N 87  
GLN N    N N N 88  
GLN CA   C N S 89  
GLN C    C N N 90  
GLN O    O N N 91  
GLN CB   C N N 92  
GLN CG   C N N 93  
GLN CD   C N N 94  
GLN OE1  O N N 95  
GLN NE2  N N N 96  
GLN OXT  O N N 97  
GLN H    H N N 98  
GLN H2   H N N 99  
GLN HA   H N N 100 
GLN HB2  H N N 101 
GLN HB3  H N N 102 
GLN HG2  H N N 103 
GLN HG3  H N N 104 
GLN HE21 H N N 105 
GLN HE22 H N N 106 
GLN HXT  H N N 107 
GLU N    N N N 108 
GLU CA   C N S 109 
GLU C    C N N 110 
GLU O    O N N 111 
GLU CB   C N N 112 
GLU CG   C N N 113 
GLU CD   C N N 114 
GLU OE1  O N N 115 
GLU OE2  O N N 116 
GLU OXT  O N N 117 
GLU H    H N N 118 
GLU H2   H N N 119 
GLU HA   H N N 120 
GLU HB2  H N N 121 
GLU HB3  H N N 122 
GLU HG2  H N N 123 
GLU HG3  H N N 124 
GLU HE2  H N N 125 
GLU HXT  H N N 126 
GLY N    N N N 127 
GLY CA   C N N 128 
GLY C    C N N 129 
GLY O    O N N 130 
GLY OXT  O N N 131 
GLY H    H N N 132 
GLY H2   H N N 133 
GLY HA2  H N N 134 
GLY HA3  H N N 135 
GLY HXT  H N N 136 
HIS N    N N N 137 
HIS CA   C N S 138 
HIS C    C N N 139 
HIS O    O N N 140 
HIS CB   C N N 141 
HIS CG   C Y N 142 
HIS ND1  N Y N 143 
HIS CD2  C Y N 144 
HIS CE1  C Y N 145 
HIS NE2  N Y N 146 
HIS OXT  O N N 147 
HIS H    H N N 148 
HIS H2   H N N 149 
HIS HA   H N N 150 
HIS HB2  H N N 151 
HIS HB3  H N N 152 
HIS HD1  H N N 153 
HIS HD2  H N N 154 
HIS HE1  H N N 155 
HIS HE2  H N N 156 
HIS HXT  H N N 157 
HOH O    O N N 158 
HOH H1   H N N 159 
HOH H2   H N N 160 
ILE N    N N N 161 
ILE CA   C N S 162 
ILE C    C N N 163 
ILE O    O N N 164 
ILE CB   C N S 165 
ILE CG1  C N N 166 
ILE CG2  C N N 167 
ILE CD1  C N N 168 
ILE OXT  O N N 169 
ILE H    H N N 170 
ILE H2   H N N 171 
ILE HA   H N N 172 
ILE HB   H N N 173 
ILE HG12 H N N 174 
ILE HG13 H N N 175 
ILE HG21 H N N 176 
ILE HG22 H N N 177 
ILE HG23 H N N 178 
ILE HD11 H N N 179 
ILE HD12 H N N 180 
ILE HD13 H N N 181 
ILE HXT  H N N 182 
LEU N    N N N 183 
LEU CA   C N S 184 
LEU C    C N N 185 
LEU O    O N N 186 
LEU CB   C N N 187 
LEU CG   C N N 188 
LEU CD1  C N N 189 
LEU CD2  C N N 190 
LEU OXT  O N N 191 
LEU H    H N N 192 
LEU H2   H N N 193 
LEU HA   H N N 194 
LEU HB2  H N N 195 
LEU HB3  H N N 196 
LEU HG   H N N 197 
LEU HD11 H N N 198 
LEU HD12 H N N 199 
LEU HD13 H N N 200 
LEU HD21 H N N 201 
LEU HD22 H N N 202 
LEU HD23 H N N 203 
LEU HXT  H N N 204 
LYS N    N N N 205 
LYS CA   C N S 206 
LYS C    C N N 207 
LYS O    O N N 208 
LYS CB   C N N 209 
LYS CG   C N N 210 
LYS CD   C N N 211 
LYS CE   C N N 212 
LYS NZ   N N N 213 
LYS OXT  O N N 214 
LYS H    H N N 215 
LYS H2   H N N 216 
LYS HA   H N N 217 
LYS HB2  H N N 218 
LYS HB3  H N N 219 
LYS HG2  H N N 220 
LYS HG3  H N N 221 
LYS HD2  H N N 222 
LYS HD3  H N N 223 
LYS HE2  H N N 224 
LYS HE3  H N N 225 
LYS HZ1  H N N 226 
LYS HZ2  H N N 227 
LYS HZ3  H N N 228 
LYS HXT  H N N 229 
MET N    N N N 230 
MET CA   C N S 231 
MET C    C N N 232 
MET O    O N N 233 
MET CB   C N N 234 
MET CG   C N N 235 
MET SD   S N N 236 
MET CE   C N N 237 
MET OXT  O N N 238 
MET H    H N N 239 
MET H2   H N N 240 
MET HA   H N N 241 
MET HB2  H N N 242 
MET HB3  H N N 243 
MET HG2  H N N 244 
MET HG3  H N N 245 
MET HE1  H N N 246 
MET HE2  H N N 247 
MET HE3  H N N 248 
MET HXT  H N N 249 
PHE N    N N N 250 
PHE CA   C N S 251 
PHE C    C N N 252 
PHE O    O N N 253 
PHE CB   C N N 254 
PHE CG   C Y N 255 
PHE CD1  C Y N 256 
PHE CD2  C Y N 257 
PHE CE1  C Y N 258 
PHE CE2  C Y N 259 
PHE CZ   C Y N 260 
PHE OXT  O N N 261 
PHE H    H N N 262 
PHE H2   H N N 263 
PHE HA   H N N 264 
PHE HB2  H N N 265 
PHE HB3  H N N 266 
PHE HD1  H N N 267 
PHE HD2  H N N 268 
PHE HE1  H N N 269 
PHE HE2  H N N 270 
PHE HZ   H N N 271 
PHE HXT  H N N 272 
PRO N    N N N 273 
PRO CA   C N S 274 
PRO C    C N N 275 
PRO O    O N N 276 
PRO CB   C N N 277 
PRO CG   C N N 278 
PRO CD   C N N 279 
PRO OXT  O N N 280 
PRO H    H N N 281 
PRO HA   H N N 282 
PRO HB2  H N N 283 
PRO HB3  H N N 284 
PRO HG2  H N N 285 
PRO HG3  H N N 286 
PRO HD2  H N N 287 
PRO HD3  H N N 288 
PRO HXT  H N N 289 
SER N    N N N 290 
SER CA   C N S 291 
SER C    C N N 292 
SER O    O N N 293 
SER CB   C N N 294 
SER OG   O N N 295 
SER OXT  O N N 296 
SER H    H N N 297 
SER H2   H N N 298 
SER HA   H N N 299 
SER HB2  H N N 300 
SER HB3  H N N 301 
SER HG   H N N 302 
SER HXT  H N N 303 
THR N    N N N 304 
THR CA   C N S 305 
THR C    C N N 306 
THR O    O N N 307 
THR CB   C N R 308 
THR OG1  O N N 309 
THR CG2  C N N 310 
THR OXT  O N N 311 
THR H    H N N 312 
THR H2   H N N 313 
THR HA   H N N 314 
THR HB   H N N 315 
THR HG1  H N N 316 
THR HG21 H N N 317 
THR HG22 H N N 318 
THR HG23 H N N 319 
THR HXT  H N N 320 
TRP N    N N N 321 
TRP CA   C N S 322 
TRP C    C N N 323 
TRP O    O N N 324 
TRP CB   C N N 325 
TRP CG   C Y N 326 
TRP CD1  C Y N 327 
TRP CD2  C Y N 328 
TRP NE1  N Y N 329 
TRP CE2  C Y N 330 
TRP CE3  C Y N 331 
TRP CZ2  C Y N 332 
TRP CZ3  C Y N 333 
TRP CH2  C Y N 334 
TRP OXT  O N N 335 
TRP H    H N N 336 
TRP H2   H N N 337 
TRP HA   H N N 338 
TRP HB2  H N N 339 
TRP HB3  H N N 340 
TRP HD1  H N N 341 
TRP HE1  H N N 342 
TRP HE3  H N N 343 
TRP HZ2  H N N 344 
TRP HZ3  H N N 345 
TRP HH2  H N N 346 
TRP HXT  H N N 347 
TYR N    N N N 348 
TYR CA   C N S 349 
TYR C    C N N 350 
TYR O    O N N 351 
TYR CB   C N N 352 
TYR CG   C Y N 353 
TYR CD1  C Y N 354 
TYR CD2  C Y N 355 
TYR CE1  C Y N 356 
TYR CE2  C Y N 357 
TYR CZ   C Y N 358 
TYR OH   O N N 359 
TYR OXT  O N N 360 
TYR H    H N N 361 
TYR H2   H N N 362 
TYR HA   H N N 363 
TYR HB2  H N N 364 
TYR HB3  H N N 365 
TYR HD1  H N N 366 
TYR HD2  H N N 367 
TYR HE1  H N N 368 
TYR HE2  H N N 369 
TYR HH   H N N 370 
TYR HXT  H N N 371 
VAL N    N N N 372 
VAL CA   C N S 373 
VAL C    C N N 374 
VAL O    O N N 375 
VAL CB   C N N 376 
VAL CG1  C N N 377 
VAL CG2  C N N 378 
VAL OXT  O N N 379 
VAL H    H N N 380 
VAL H2   H N N 381 
VAL HA   H N N 382 
VAL HB   H N N 383 
VAL HG11 H N N 384 
VAL HG12 H N N 385 
VAL HG13 H N N 386 
VAL HG21 H N N 387 
VAL HG22 H N N 388 
VAL HG23 H N N 389 
VAL HXT  H N N 390 
# 
loop_
_chem_comp_bond.comp_id 
_chem_comp_bond.atom_id_1 
_chem_comp_bond.atom_id_2 
_chem_comp_bond.value_order 
_chem_comp_bond.pdbx_aromatic_flag 
_chem_comp_bond.pdbx_stereo_config 
_chem_comp_bond.pdbx_ordinal 
ALA N   CA   sing N N 1   
ALA N   H    sing N N 2   
ALA N   H2   sing N N 3   
ALA CA  C    sing N N 4   
ALA CA  CB   sing N N 5   
ALA CA  HA   sing N N 6   
ALA C   O    doub N N 7   
ALA C   OXT  sing N N 8   
ALA CB  HB1  sing N N 9   
ALA CB  HB2  sing N N 10  
ALA CB  HB3  sing N N 11  
ALA OXT HXT  sing N N 12  
ARG N   CA   sing N N 13  
ARG N   H    sing N N 14  
ARG N   H2   sing N N 15  
ARG CA  C    sing N N 16  
ARG CA  CB   sing N N 17  
ARG CA  HA   sing N N 18  
ARG C   O    doub N N 19  
ARG C   OXT  sing N N 20  
ARG CB  CG   sing N N 21  
ARG CB  HB2  sing N N 22  
ARG CB  HB3  sing N N 23  
ARG CG  CD   sing N N 24  
ARG CG  HG2  sing N N 25  
ARG CG  HG3  sing N N 26  
ARG CD  NE   sing N N 27  
ARG CD  HD2  sing N N 28  
ARG CD  HD3  sing N N 29  
ARG NE  CZ   sing N N 30  
ARG NE  HE   sing N N 31  
ARG CZ  NH1  sing N N 32  
ARG CZ  NH2  doub N N 33  
ARG NH1 HH11 sing N N 34  
ARG NH1 HH12 sing N N 35  
ARG NH2 HH21 sing N N 36  
ARG NH2 HH22 sing N N 37  
ARG OXT HXT  sing N N 38  
ASN N   CA   sing N N 39  
ASN N   H    sing N N 40  
ASN N   H2   sing N N 41  
ASN CA  C    sing N N 42  
ASN CA  CB   sing N N 43  
ASN CA  HA   sing N N 44  
ASN C   O    doub N N 45  
ASN C   OXT  sing N N 46  
ASN CB  CG   sing N N 47  
ASN CB  HB2  sing N N 48  
ASN CB  HB3  sing N N 49  
ASN CG  OD1  doub N N 50  
ASN CG  ND2  sing N N 51  
ASN ND2 HD21 sing N N 52  
ASN ND2 HD22 sing N N 53  
ASN OXT HXT  sing N N 54  
ASP N   CA   sing N N 55  
ASP N   H    sing N N 56  
ASP N   H2   sing N N 57  
ASP CA  C    sing N N 58  
ASP CA  CB   sing N N 59  
ASP CA  HA   sing N N 60  
ASP C   O    doub N N 61  
ASP C   OXT  sing N N 62  
ASP CB  CG   sing N N 63  
ASP CB  HB2  sing N N 64  
ASP CB  HB3  sing N N 65  
ASP CG  OD1  doub N N 66  
ASP CG  OD2  sing N N 67  
ASP OD2 HD2  sing N N 68  
ASP OXT HXT  sing N N 69  
CYS N   CA   sing N N 70  
CYS N   H    sing N N 71  
CYS N   H2   sing N N 72  
CYS CA  C    sing N N 73  
CYS CA  CB   sing N N 74  
CYS CA  HA   sing N N 75  
CYS C   O    doub N N 76  
CYS C   OXT  sing N N 77  
CYS CB  SG   sing N N 78  
CYS CB  HB2  sing N N 79  
CYS CB  HB3  sing N N 80  
CYS SG  HG   sing N N 81  
CYS OXT HXT  sing N N 82  
GLN N   CA   sing N N 83  
GLN N   H    sing N N 84  
GLN N   H2   sing N N 85  
GLN CA  C    sing N N 86  
GLN CA  CB   sing N N 87  
GLN CA  HA   sing N N 88  
GLN C   O    doub N N 89  
GLN C   OXT  sing N N 90  
GLN CB  CG   sing N N 91  
GLN CB  HB2  sing N N 92  
GLN CB  HB3  sing N N 93  
GLN CG  CD   sing N N 94  
GLN CG  HG2  sing N N 95  
GLN CG  HG3  sing N N 96  
GLN CD  OE1  doub N N 97  
GLN CD  NE2  sing N N 98  
GLN NE2 HE21 sing N N 99  
GLN NE2 HE22 sing N N 100 
GLN OXT HXT  sing N N 101 
GLU N   CA   sing N N 102 
GLU N   H    sing N N 103 
GLU N   H2   sing N N 104 
GLU CA  C    sing N N 105 
GLU CA  CB   sing N N 106 
GLU CA  HA   sing N N 107 
GLU C   O    doub N N 108 
GLU C   OXT  sing N N 109 
GLU CB  CG   sing N N 110 
GLU CB  HB2  sing N N 111 
GLU CB  HB3  sing N N 112 
GLU CG  CD   sing N N 113 
GLU CG  HG2  sing N N 114 
GLU CG  HG3  sing N N 115 
GLU CD  OE1  doub N N 116 
GLU CD  OE2  sing N N 117 
GLU OE2 HE2  sing N N 118 
GLU OXT HXT  sing N N 119 
GLY N   CA   sing N N 120 
GLY N   H    sing N N 121 
GLY N   H2   sing N N 122 
GLY CA  C    sing N N 123 
GLY CA  HA2  sing N N 124 
GLY CA  HA3  sing N N 125 
GLY C   O    doub N N 126 
GLY C   OXT  sing N N 127 
GLY OXT HXT  sing N N 128 
HIS N   CA   sing N N 129 
HIS N   H    sing N N 130 
HIS N   H2   sing N N 131 
HIS CA  C    sing N N 132 
HIS CA  CB   sing N N 133 
HIS CA  HA   sing N N 134 
HIS C   O    doub N N 135 
HIS C   OXT  sing N N 136 
HIS CB  CG   sing N N 137 
HIS CB  HB2  sing N N 138 
HIS CB  HB3  sing N N 139 
HIS CG  ND1  sing Y N 140 
HIS CG  CD2  doub Y N 141 
HIS ND1 CE1  doub Y N 142 
HIS ND1 HD1  sing N N 143 
HIS CD2 NE2  sing Y N 144 
HIS CD2 HD2  sing N N 145 
HIS CE1 NE2  sing Y N 146 
HIS CE1 HE1  sing N N 147 
HIS NE2 HE2  sing N N 148 
HIS OXT HXT  sing N N 149 
HOH O   H1   sing N N 150 
HOH O   H2   sing N N 151 
ILE N   CA   sing N N 152 
ILE N   H    sing N N 153 
ILE N   H2   sing N N 154 
ILE CA  C    sing N N 155 
ILE CA  CB   sing N N 156 
ILE CA  HA   sing N N 157 
ILE C   O    doub N N 158 
ILE C   OXT  sing N N 159 
ILE CB  CG1  sing N N 160 
ILE CB  CG2  sing N N 161 
ILE CB  HB   sing N N 162 
ILE CG1 CD1  sing N N 163 
ILE CG1 HG12 sing N N 164 
ILE CG1 HG13 sing N N 165 
ILE CG2 HG21 sing N N 166 
ILE CG2 HG22 sing N N 167 
ILE CG2 HG23 sing N N 168 
ILE CD1 HD11 sing N N 169 
ILE CD1 HD12 sing N N 170 
ILE CD1 HD13 sing N N 171 
ILE OXT HXT  sing N N 172 
LEU N   CA   sing N N 173 
LEU N   H    sing N N 174 
LEU N   H2   sing N N 175 
LEU CA  C    sing N N 176 
LEU CA  CB   sing N N 177 
LEU CA  HA   sing N N 178 
LEU C   O    doub N N 179 
LEU C   OXT  sing N N 180 
LEU CB  CG   sing N N 181 
LEU CB  HB2  sing N N 182 
LEU CB  HB3  sing N N 183 
LEU CG  CD1  sing N N 184 
LEU CG  CD2  sing N N 185 
LEU CG  HG   sing N N 186 
LEU CD1 HD11 sing N N 187 
LEU CD1 HD12 sing N N 188 
LEU CD1 HD13 sing N N 189 
LEU CD2 HD21 sing N N 190 
LEU CD2 HD22 sing N N 191 
LEU CD2 HD23 sing N N 192 
LEU OXT HXT  sing N N 193 
LYS N   CA   sing N N 194 
LYS N   H    sing N N 195 
LYS N   H2   sing N N 196 
LYS CA  C    sing N N 197 
LYS CA  CB   sing N N 198 
LYS CA  HA   sing N N 199 
LYS C   O    doub N N 200 
LYS C   OXT  sing N N 201 
LYS CB  CG   sing N N 202 
LYS CB  HB2  sing N N 203 
LYS CB  HB3  sing N N 204 
LYS CG  CD   sing N N 205 
LYS CG  HG2  sing N N 206 
LYS CG  HG3  sing N N 207 
LYS CD  CE   sing N N 208 
LYS CD  HD2  sing N N 209 
LYS CD  HD3  sing N N 210 
LYS CE  NZ   sing N N 211 
LYS CE  HE2  sing N N 212 
LYS CE  HE3  sing N N 213 
LYS NZ  HZ1  sing N N 214 
LYS NZ  HZ2  sing N N 215 
LYS NZ  HZ3  sing N N 216 
LYS OXT HXT  sing N N 217 
MET N   CA   sing N N 218 
MET N   H    sing N N 219 
MET N   H2   sing N N 220 
MET CA  C    sing N N 221 
MET CA  CB   sing N N 222 
MET CA  HA   sing N N 223 
MET C   O    doub N N 224 
MET C   OXT  sing N N 225 
MET CB  CG   sing N N 226 
MET CB  HB2  sing N N 227 
MET CB  HB3  sing N N 228 
MET CG  SD   sing N N 229 
MET CG  HG2  sing N N 230 
MET CG  HG3  sing N N 231 
MET SD  CE   sing N N 232 
MET CE  HE1  sing N N 233 
MET CE  HE2  sing N N 234 
MET CE  HE3  sing N N 235 
MET OXT HXT  sing N N 236 
PHE N   CA   sing N N 237 
PHE N   H    sing N N 238 
PHE N   H2   sing N N 239 
PHE CA  C    sing N N 240 
PHE CA  CB   sing N N 241 
PHE CA  HA   sing N N 242 
PHE C   O    doub N N 243 
PHE C   OXT  sing N N 244 
PHE CB  CG   sing N N 245 
PHE CB  HB2  sing N N 246 
PHE CB  HB3  sing N N 247 
PHE CG  CD1  doub Y N 248 
PHE CG  CD2  sing Y N 249 
PHE CD1 CE1  sing Y N 250 
PHE CD1 HD1  sing N N 251 
PHE CD2 CE2  doub Y N 252 
PHE CD2 HD2  sing N N 253 
PHE CE1 CZ   doub Y N 254 
PHE CE1 HE1  sing N N 255 
PHE CE2 CZ   sing Y N 256 
PHE CE2 HE2  sing N N 257 
PHE CZ  HZ   sing N N 258 
PHE OXT HXT  sing N N 259 
PRO N   CA   sing N N 260 
PRO N   CD   sing N N 261 
PRO N   H    sing N N 262 
PRO CA  C    sing N N 263 
PRO CA  CB   sing N N 264 
PRO CA  HA   sing N N 265 
PRO C   O    doub N N 266 
PRO C   OXT  sing N N 267 
PRO CB  CG   sing N N 268 
PRO CB  HB2  sing N N 269 
PRO CB  HB3  sing N N 270 
PRO CG  CD   sing N N 271 
PRO CG  HG2  sing N N 272 
PRO CG  HG3  sing N N 273 
PRO CD  HD2  sing N N 274 
PRO CD  HD3  sing N N 275 
PRO OXT HXT  sing N N 276 
SER N   CA   sing N N 277 
SER N   H    sing N N 278 
SER N   H2   sing N N 279 
SER CA  C    sing N N 280 
SER CA  CB   sing N N 281 
SER CA  HA   sing N N 282 
SER C   O    doub N N 283 
SER C   OXT  sing N N 284 
SER CB  OG   sing N N 285 
SER CB  HB2  sing N N 286 
SER CB  HB3  sing N N 287 
SER OG  HG   sing N N 288 
SER OXT HXT  sing N N 289 
THR N   CA   sing N N 290 
THR N   H    sing N N 291 
THR N   H2   sing N N 292 
THR CA  C    sing N N 293 
THR CA  CB   sing N N 294 
THR CA  HA   sing N N 295 
THR C   O    doub N N 296 
THR C   OXT  sing N N 297 
THR CB  OG1  sing N N 298 
THR CB  CG2  sing N N 299 
THR CB  HB   sing N N 300 
THR OG1 HG1  sing N N 301 
THR CG2 HG21 sing N N 302 
THR CG2 HG22 sing N N 303 
THR CG2 HG23 sing N N 304 
THR OXT HXT  sing N N 305 
TRP N   CA   sing N N 306 
TRP N   H    sing N N 307 
TRP N   H2   sing N N 308 
TRP CA  C    sing N N 309 
TRP CA  CB   sing N N 310 
TRP CA  HA   sing N N 311 
TRP C   O    doub N N 312 
TRP C   OXT  sing N N 313 
TRP CB  CG   sing N N 314 
TRP CB  HB2  sing N N 315 
TRP CB  HB3  sing N N 316 
TRP CG  CD1  doub Y N 317 
TRP CG  CD2  sing Y N 318 
TRP CD1 NE1  sing Y N 319 
TRP CD1 HD1  sing N N 320 
TRP CD2 CE2  doub Y N 321 
TRP CD2 CE3  sing Y N 322 
TRP NE1 CE2  sing Y N 323 
TRP NE1 HE1  sing N N 324 
TRP CE2 CZ2  sing Y N 325 
TRP CE3 CZ3  doub Y N 326 
TRP CE3 HE3  sing N N 327 
TRP CZ2 CH2  doub Y N 328 
TRP CZ2 HZ2  sing N N 329 
TRP CZ3 CH2  sing Y N 330 
TRP CZ3 HZ3  sing N N 331 
TRP CH2 HH2  sing N N 332 
TRP OXT HXT  sing N N 333 
TYR N   CA   sing N N 334 
TYR N   H    sing N N 335 
TYR N   H2   sing N N 336 
TYR CA  C    sing N N 337 
TYR CA  CB   sing N N 338 
TYR CA  HA   sing N N 339 
TYR C   O    doub N N 340 
TYR C   OXT  sing N N 341 
TYR CB  CG   sing N N 342 
TYR CB  HB2  sing N N 343 
TYR CB  HB3  sing N N 344 
TYR CG  CD1  doub Y N 345 
TYR CG  CD2  sing Y N 346 
TYR CD1 CE1  sing Y N 347 
TYR CD1 HD1  sing N N 348 
TYR CD2 CE2  doub Y N 349 
TYR CD2 HD2  sing N N 350 
TYR CE1 CZ   doub Y N 351 
TYR CE1 HE1  sing N N 352 
TYR CE2 CZ   sing Y N 353 
TYR CE2 HE2  sing N N 354 
TYR CZ  OH   sing N N 355 
TYR OH  HH   sing N N 356 
TYR OXT HXT  sing N N 357 
VAL N   CA   sing N N 358 
VAL N   H    sing N N 359 
VAL N   H2   sing N N 360 
VAL CA  C    sing N N 361 
VAL CA  CB   sing N N 362 
VAL CA  HA   sing N N 363 
VAL C   O    doub N N 364 
VAL C   OXT  sing N N 365 
VAL CB  CG1  sing N N 366 
VAL CB  CG2  sing N N 367 
VAL CB  HB   sing N N 368 
VAL CG1 HG11 sing N N 369 
VAL CG1 HG12 sing N N 370 
VAL CG1 HG13 sing N N 371 
VAL CG2 HG21 sing N N 372 
VAL CG2 HG22 sing N N 373 
VAL CG2 HG23 sing N N 374 
VAL OXT HXT  sing N N 375 
# 
_atom_sites.entry_id                    3YGS 
_atom_sites.fract_transf_matrix[1][1]   0.00735437 
_atom_sites.fract_transf_matrix[1][2]   0.00618781 
_atom_sites.fract_transf_matrix[1][3]   0.00796646 
_atom_sites.fract_transf_matrix[2][1]   -0.00446119 
_atom_sites.fract_transf_matrix[2][2]   0.00983567 
_atom_sites.fract_transf_matrix[2][3]   0.00625960 
_atom_sites.fract_transf_matrix[3][1]   -0.00214621 
_atom_sites.fract_transf_matrix[3][2]   -0.00441867 
_atom_sites.fract_transf_matrix[3][3]   0.00541343 
_atom_sites.fract_transf_vector[1]      0.753041 
_atom_sites.fract_transf_vector[2]      0.252376 
_atom_sites.fract_transf_vector[3]      0.524085 
# 
loop_
_atom_type.symbol 
C 
N 
O 
S 
# 
loop_
_atom_site.group_PDB 
_atom_site.id 
_atom_site.type_symbol 
_atom_site.label_atom_id 
_atom_site.label_alt_id 
_atom_site.label_comp_id 
_atom_site.label_asym_id 
_atom_site.label_entity_id 
_atom_site.label_seq_id 
_atom_site.pdbx_PDB_ins_code 
_atom_site.Cartn_x 
_atom_site.Cartn_y 
_atom_site.Cartn_z 
_atom_site.occupancy 
_atom_site.B_iso_or_equiv 
_atom_site.pdbx_formal_charge 
_atom_site.auth_seq_id 
_atom_site.auth_comp_id 
_atom_site.auth_asym_id 
_atom_site.auth_atom_id 
_atom_site.pdbx_PDB_model_num 
ATOM   1    N N   . MET A 1 1  ? 15.895  15.519  1.216   1.00 48.34 ? 1   MET C N   1 
ATOM   2    C CA  . MET A 1 1  ? 15.677  15.863  -0.217  1.00 49.70 ? 1   MET C CA  1 
ATOM   3    C C   . MET A 1 1  ? 16.157  17.282  -0.535  1.00 50.97 ? 1   MET C C   1 
ATOM   4    O O   . MET A 1 1  ? 16.580  18.006  0.362   1.00 51.92 ? 1   MET C O   1 
ATOM   5    C CB  . MET A 1 1  ? 14.193  15.766  -0.527  1.00 46.17 ? 1   MET C CB  1 
ATOM   6    C CG  . MET A 1 1  ? 13.343  16.552  0.439   1.00 46.04 ? 1   MET C CG  1 
ATOM   7    S SD  . MET A 1 1  ? 11.675  16.650  -0.152  1.00 47.01 ? 1   MET C SD  1 
ATOM   8    C CE  . MET A 1 1  ? 11.152  14.958  0.098   1.00 52.12 ? 1   MET C CE  1 
ATOM   9    N N   . ASP A 1 2  ? 16.079  17.664  -1.809  1.00 54.68 ? 2   ASP C N   1 
ATOM   10   C CA  . ASP A 1 2  ? 16.457  19.006  -2.271  1.00 54.94 ? 2   ASP C CA  1 
ATOM   11   C C   . ASP A 1 2  ? 15.800  20.089  -1.422  1.00 56.58 ? 2   ASP C C   1 
ATOM   12   O O   . ASP A 1 2  ? 14.700  19.900  -0.895  1.00 57.81 ? 2   ASP C O   1 
ATOM   13   C CB  . ASP A 1 2  ? 15.981  19.232  -3.715  1.00 57.25 ? 2   ASP C CB  1 
ATOM   14   C CG  . ASP A 1 2  ? 17.019  18.863  -4.759  1.00 62.01 ? 2   ASP C CG  1 
ATOM   15   O OD1 . ASP A 1 2  ? 18.021  18.188  -4.420  1.00 64.68 ? 2   ASP C OD1 1 
ATOM   16   O OD2 . ASP A 1 2  ? 16.819  19.258  -5.933  1.00 59.22 ? 2   ASP C OD2 1 
ATOM   17   N N   . ALA A 1 3  ? 16.437  21.255  -1.372  1.00 57.80 ? 3   ALA C N   1 
ATOM   18   C CA  . ALA A 1 3  ? 15.922  22.390  -0.619  1.00 51.07 ? 3   ALA C CA  1 
ATOM   19   C C   . ALA A 1 3  ? 14.603  22.833  -1.217  1.00 49.69 ? 3   ALA C C   1 
ATOM   20   O O   . ALA A 1 3  ? 13.613  22.969  -0.505  1.00 50.17 ? 3   ALA C O   1 
ATOM   21   C CB  . ALA A 1 3  ? 16.908  23.526  -0.662  1.00 53.92 ? 3   ALA C CB  1 
ATOM   22   N N   . LYS A 1 4  ? 14.589  23.043  -2.529  1.00 47.17 ? 4   LYS C N   1 
ATOM   23   C CA  . LYS A 1 4  ? 13.374  23.475  -3.211  1.00 50.42 ? 4   LYS C CA  1 
ATOM   24   C C   . LYS A 1 4  ? 12.267  22.438  -3.091  1.00 49.43 ? 4   LYS C C   1 
ATOM   25   O O   . LYS A 1 4  ? 11.089  22.787  -3.025  1.00 52.85 ? 4   LYS C O   1 
ATOM   26   C CB  . LYS A 1 4  ? 13.643  23.805  -4.686  1.00 54.36 ? 4   LYS C CB  1 
ATOM   27   C CG  . LYS A 1 4  ? 14.224  22.664  -5.510  1.00 64.72 ? 4   LYS C CG  1 
ATOM   28   C CD  . LYS A 1 4  ? 14.149  22.959  -7.010  1.00 69.99 ? 4   LYS C CD  1 
ATOM   29   C CE  . LYS A 1 4  ? 14.964  24.193  -7.396  1.00 74.20 ? 4   LYS C CE  1 
ATOM   30   N NZ  . LYS A 1 4  ? 16.443  24.012  -7.214  1.00 77.82 ? 4   LYS C NZ  1 
ATOM   31   N N   . ALA A 1 5  ? 12.648  21.164  -3.047  1.00 49.72 ? 5   ALA C N   1 
ATOM   32   C CA  . ALA A 1 5  ? 11.677  20.082  -2.918  1.00 44.42 ? 5   ALA C CA  1 
ATOM   33   C C   . ALA A 1 5  ? 11.026  20.161  -1.540  1.00 43.00 ? 5   ALA C C   1 
ATOM   34   O O   . ALA A 1 5  ? 9.813   20.382  -1.435  1.00 39.31 ? 5   ALA C O   1 
ATOM   35   C CB  . ALA A 1 5  ? 12.357  18.731  -3.115  1.00 39.86 ? 5   ALA C CB  1 
ATOM   36   N N   . ARG A 1 6  ? 11.852  20.055  -0.496  1.00 44.83 ? 6   ARG C N   1 
ATOM   37   C CA  . ARG A 1 6  ? 11.397  20.108  0.892   1.00 46.46 ? 6   ARG C CA  1 
ATOM   38   C C   . ARG A 1 6  ? 10.558  21.355  1.142   1.00 44.17 ? 6   ARG C C   1 
ATOM   39   O O   . ARG A 1 6  ? 9.497   21.284  1.770   1.00 48.34 ? 6   ARG C O   1 
ATOM   40   C CB  . ARG A 1 6  ? 12.590  20.061  1.857   1.00 53.88 ? 6   ARG C CB  1 
ATOM   41   C CG  . ARG A 1 6  ? 12.204  19.990  3.337   1.00 64.92 ? 6   ARG C CG  1 
ATOM   42   C CD  . ARG A 1 6  ? 13.397  19.750  4.284   1.00 71.94 ? 6   ARG C CD  1 
ATOM   43   N NE  . ARG A 1 6  ? 13.933  18.384  4.221   1.00 76.42 ? 6   ARG C NE  1 
ATOM   44   C CZ  . ARG A 1 6  ? 14.370  17.688  5.274   1.00 77.12 ? 6   ARG C CZ  1 
ATOM   45   N NH1 . ARG A 1 6  ? 14.343  18.211  6.496   1.00 73.38 ? 6   ARG C NH1 1 
ATOM   46   N NH2 . ARG A 1 6  ? 14.843  16.459  5.104   1.00 79.41 ? 6   ARG C NH2 1 
ATOM   47   N N   . ASN A 1 7  ? 10.996  22.483  0.595   1.00 41.47 ? 7   ASN C N   1 
ATOM   48   C CA  . ASN A 1 7  ? 10.269  23.740  0.753   1.00 40.40 ? 7   ASN C CA  1 
ATOM   49   C C   . ASN A 1 7  ? 8.961   23.816  -0.015  1.00 37.91 ? 7   ASN C C   1 
ATOM   50   O O   . ASN A 1 7  ? 8.022   24.487  0.423   1.00 37.04 ? 7   ASN C O   1 
ATOM   51   C CB  . ASN A 1 7  ? 11.143  24.929  0.377   1.00 43.26 ? 7   ASN C CB  1 
ATOM   52   C CG  . ASN A 1 7  ? 11.801  25.544  1.575   1.00 47.66 ? 7   ASN C CG  1 
ATOM   53   O OD1 . ASN A 1 7  ? 13.016  25.446  1.750   1.00 50.31 ? 7   ASN C OD1 1 
ATOM   54   N ND2 . ASN A 1 7  ? 10.997  26.159  2.437   1.00 45.65 ? 7   ASN C ND2 1 
ATOM   55   N N   . CYS A 1 8  ? 8.907   23.167  -1.177  1.00 36.52 ? 8   CYS C N   1 
ATOM   56   C CA  . CYS A 1 8  ? 7.696   23.166  -1.984  1.00 31.12 ? 8   CYS C CA  1 
ATOM   57   C C   . CYS A 1 8  ? 6.646   22.396  -1.197  1.00 30.68 ? 8   CYS C C   1 
ATOM   58   O O   . CYS A 1 8  ? 5.472   22.794  -1.154  1.00 29.52 ? 8   CYS C O   1 
ATOM   59   C CB  . CYS A 1 8  ? 7.943   22.516  -3.350  1.00 29.08 ? 8   CYS C CB  1 
ATOM   60   S SG  . CYS A 1 8  ? 6.592   22.790  -4.546  1.00 31.63 ? 8   CYS C SG  1 
ATOM   61   N N   . LEU A 1 9  ? 7.081   21.313  -0.551  1.00 31.87 ? 9   LEU C N   1 
ATOM   62   C CA  . LEU A 1 9  ? 6.198   20.500  0.275   1.00 33.36 ? 9   LEU C CA  1 
ATOM   63   C C   . LEU A 1 9  ? 5.633   21.366  1.396   1.00 36.08 ? 9   LEU C C   1 
ATOM   64   O O   . LEU A 1 9  ? 4.415   21.497  1.529   1.00 36.15 ? 9   LEU C O   1 
ATOM   65   C CB  . LEU A 1 9  ? 6.954   19.318  0.879   1.00 33.68 ? 9   LEU C CB  1 
ATOM   66   C CG  . LEU A 1 9  ? 6.504   17.942  0.381   1.00 38.68 ? 9   LEU C CG  1 
ATOM   67   C CD1 . LEU A 1 9  ? 7.208   16.846  1.172   1.00 33.36 ? 9   LEU C CD1 1 
ATOM   68   C CD2 . LEU A 1 9  ? 4.986   17.811  0.507   1.00 35.78 ? 9   LEU C CD2 1 
ATOM   69   N N   . LEU A 1 10 ? 6.526   21.982  2.170   1.00 35.33 ? 10  LEU C N   1 
ATOM   70   C CA  . LEU A 1 10 ? 6.138   22.857  3.280   1.00 36.46 ? 10  LEU C CA  1 
ATOM   71   C C   . LEU A 1 10 ? 5.214   23.989  2.863   1.00 35.73 ? 10  LEU C C   1 
ATOM   72   O O   . LEU A 1 10 ? 4.286   24.356  3.585   1.00 34.99 ? 10  LEU C O   1 
ATOM   73   C CB  . LEU A 1 10 ? 7.376   23.460  3.915   1.00 38.87 ? 10  LEU C CB  1 
ATOM   74   C CG  . LEU A 1 10 ? 8.227   22.470  4.700   1.00 44.03 ? 10  LEU C CG  1 
ATOM   75   C CD1 . LEU A 1 10 ? 9.599   23.076  4.952   1.00 46.03 ? 10  LEU C CD1 1 
ATOM   76   C CD2 . LEU A 1 10 ? 7.520   22.099  5.999   1.00 38.85 ? 10  LEU C CD2 1 
ATOM   77   N N   . GLN A 1 11 ? 5.487   24.554  1.696   1.00 38.48 ? 11  GLN C N   1 
ATOM   78   C CA  . GLN A 1 11 ? 4.700   25.656  1.171   1.00 37.57 ? 11  GLN C CA  1 
ATOM   79   C C   . GLN A 1 11 ? 3.264   25.256  0.878   1.00 34.63 ? 11  GLN C C   1 
ATOM   80   O O   . GLN A 1 11 ? 2.365   26.091  0.940   1.00 35.12 ? 11  GLN C O   1 
ATOM   81   C CB  . GLN A 1 11 ? 5.351   26.184  -0.109  1.00 46.97 ? 11  GLN C CB  1 
ATOM   82   C CG  . GLN A 1 11 ? 4.861   27.568  -0.551  1.00 52.73 ? 11  GLN C CG  1 
ATOM   83   C CD  . GLN A 1 11 ? 5.375   27.978  -1.922  1.00 53.52 ? 11  GLN C CD  1 
ATOM   84   O OE1 . GLN A 1 11 ? 4.633   28.557  -2.715  1.00 52.42 ? 11  GLN C OE1 1 
ATOM   85   N NE2 . GLN A 1 11 ? 6.639   27.666  -2.213  1.00 49.45 ? 11  GLN C NE2 1 
ATOM   86   N N   . HIS A 1 12 ? 3.048   23.985  0.551   1.00 37.35 ? 12  HIS C N   1 
ATOM   87   C CA  . HIS A 1 12 ? 1.710   23.502  0.222   1.00 34.40 ? 12  HIS C CA  1 
ATOM   88   C C   . HIS A 1 12 ? 1.186   22.364  1.098   1.00 36.67 ? 12  HIS C C   1 
ATOM   89   O O   . HIS A 1 12 ? 0.075   21.871  0.878   1.00 39.42 ? 12  HIS C O   1 
ATOM   90   C CB  . HIS A 1 12 ? 1.661   23.095  -1.251  1.00 32.18 ? 12  HIS C CB  1 
ATOM   91   C CG  . HIS A 1 12 ? 2.187   24.147  -2.169  1.00 32.81 ? 12  HIS C CG  1 
ATOM   92   N ND1 . HIS A 1 12 ? 3.501   24.168  -2.602  1.00 27.35 ? 12  HIS C ND1 1 
ATOM   93   C CD2 . HIS A 1 12 ? 1.606   25.254  -2.690  1.00 29.53 ? 12  HIS C CD2 1 
ATOM   94   C CE1 . HIS A 1 12 ? 3.704   25.243  -3.337  1.00 29.17 ? 12  HIS C CE1 1 
ATOM   95   N NE2 . HIS A 1 12 ? 2.570   25.922  -3.406  1.00 30.57 ? 12  HIS C NE2 1 
ATOM   96   N N   . ARG A 1 13 ? 1.939   21.992  2.130   1.00 41.54 ? 13  ARG C N   1 
ATOM   97   C CA  . ARG A 1 13 ? 1.517   20.909  3.019   1.00 42.93 ? 13  ARG C CA  1 
ATOM   98   C C   . ARG A 1 13 ? 0.149   21.143  3.637   1.00 40.77 ? 13  ARG C C   1 
ATOM   99   O O   . ARG A 1 13 ? -0.547  20.186  3.933   1.00 44.67 ? 13  ARG C O   1 
ATOM   100  C CB  . ARG A 1 13 ? 2.561   20.625  4.106   1.00 47.95 ? 13  ARG C CB  1 
ATOM   101  C CG  . ARG A 1 13 ? 2.693   21.680  5.202   1.00 56.93 ? 13  ARG C CG  1 
ATOM   102  C CD  . ARG A 1 13 ? 3.924   21.413  6.086   1.00 62.09 ? 13  ARG C CD  1 
ATOM   103  N NE  . ARG A 1 13 ? 3.992   20.021  6.539   1.00 72.17 ? 13  ARG C NE  1 
ATOM   104  C CZ  . ARG A 1 13 ? 3.363   19.534  7.610   1.00 76.77 ? 13  ARG C CZ  1 
ATOM   105  N NH1 . ARG A 1 13 ? 2.608   20.324  8.367   1.00 81.30 ? 13  ARG C NH1 1 
ATOM   106  N NH2 . ARG A 1 13 ? 3.468   18.244  7.915   1.00 72.59 ? 13  ARG C NH2 1 
ATOM   107  N N   . GLU A 1 14 ? -0.266  22.395  3.792   1.00 38.71 ? 14  GLU C N   1 
ATOM   108  C CA  . GLU A 1 14 ? -1.577  22.655  4.371   1.00 40.50 ? 14  GLU C CA  1 
ATOM   109  C C   . GLU A 1 14 ? -2.712  22.362  3.404   1.00 36.90 ? 14  GLU C C   1 
ATOM   110  O O   . GLU A 1 14 ? -3.711  21.765  3.783   1.00 41.77 ? 14  GLU C O   1 
ATOM   111  C CB  . GLU A 1 14 ? -1.707  24.087  4.873   1.00 50.31 ? 14  GLU C CB  1 
ATOM   112  C CG  . GLU A 1 14 ? -2.884  24.256  5.845   1.00 59.91 ? 14  GLU C CG  1 
ATOM   113  C CD  . GLU A 1 14 ? -3.326  25.700  6.032   1.00 66.57 ? 14  GLU C CD  1 
ATOM   114  O OE1 . GLU A 1 14 ? -2.526  26.620  5.742   1.00 71.20 ? 14  GLU C OE1 1 
ATOM   115  O OE2 . GLU A 1 14 ? -4.481  25.914  6.474   1.00 69.29 ? 14  GLU C OE2 1 
ATOM   116  N N   . ALA A 1 15 ? -2.580  22.812  2.164   1.00 36.53 ? 15  ALA C N   1 
ATOM   117  C CA  . ALA A 1 15 ? -3.606  22.571  1.154   1.00 32.54 ? 15  ALA C CA  1 
ATOM   118  C C   . ALA A 1 15 ? -3.716  21.077  0.893   1.00 31.64 ? 15  ALA C C   1 
ATOM   119  O O   . ALA A 1 15 ? -4.795  20.555  0.610   1.00 31.67 ? 15  ALA C O   1 
ATOM   120  C CB  . ALA A 1 15 ? -3.253  23.293  -0.122  1.00 39.21 ? 15  ALA C CB  1 
ATOM   121  N N   . LEU A 1 16 ? -2.576  20.401  0.960   1.00 28.29 ? 16  LEU C N   1 
ATOM   122  C CA  . LEU A 1 16 ? -2.522  18.965  0.752   1.00 32.85 ? 16  LEU C CA  1 
ATOM   123  C C   . LEU A 1 16 ? -3.323  18.232  1.836   1.00 35.63 ? 16  LEU C C   1 
ATOM   124  O O   . LEU A 1 16 ? -4.274  17.501  1.530   1.00 35.78 ? 16  LEU C O   1 
ATOM   125  C CB  . LEU A 1 16 ? -1.060  18.490  0.754   1.00 31.85 ? 16  LEU C CB  1 
ATOM   126  C CG  . LEU A 1 16 ? -0.189  18.792  -0.474  1.00 27.57 ? 16  LEU C CG  1 
ATOM   127  C CD1 . LEU A 1 16 ? 1.275   18.790  -0.089  1.00 30.13 ? 16  LEU C CD1 1 
ATOM   128  C CD2 . LEU A 1 16 ? -0.444  17.765  -1.564  1.00 29.55 ? 16  LEU C CD2 1 
ATOM   129  N N   . GLU A 1 17 ? -2.961  18.469  3.099   1.00 37.46 ? 17  GLU C N   1 
ATOM   130  C CA  . GLU A 1 17 ? -3.612  17.853  4.259   1.00 38.72 ? 17  GLU C CA  1 
ATOM   131  C C   . GLU A 1 17 ? -5.110  18.064  4.282   1.00 41.74 ? 17  GLU C C   1 
ATOM   132  O O   . GLU A 1 17 ? -5.866  17.198  4.724   1.00 44.61 ? 17  GLU C O   1 
ATOM   133  C CB  . GLU A 1 17 ? -2.997  18.384  5.553   1.00 36.54 ? 17  GLU C CB  1 
ATOM   134  C CG  . GLU A 1 17 ? -1.621  17.799  5.833   1.00 39.74 ? 17  GLU C CG  1 
ATOM   135  C CD  . GLU A 1 17 ? -0.780  18.636  6.768   1.00 43.17 ? 17  GLU C CD  1 
ATOM   136  O OE1 . GLU A 1 17 ? -1.347  19.483  7.489   1.00 44.33 ? 17  GLU C OE1 1 
ATOM   137  O OE2 . GLU A 1 17 ? 0.460   18.441  6.779   1.00 47.17 ? 17  GLU C OE2 1 
ATOM   138  N N   . LYS A 1 18 ? -5.539  19.210  3.781   1.00 45.16 ? 18  LYS C N   1 
ATOM   139  C CA  . LYS A 1 18 ? -6.952  19.533  3.743   1.00 46.79 ? 18  LYS C CA  1 
ATOM   140  C C   . LYS A 1 18 ? -7.715  18.847  2.621   1.00 46.92 ? 18  LYS C C   1 
ATOM   141  O O   . LYS A 1 18 ? -8.931  19.001  2.541   1.00 54.72 ? 18  LYS C O   1 
ATOM   142  C CB  . LYS A 1 18 ? -7.133  21.047  3.633   1.00 51.29 ? 18  LYS C CB  1 
ATOM   143  C CG  . LYS A 1 18 ? -6.525  21.818  4.803   1.00 57.12 ? 18  LYS C CG  1 
ATOM   144  C CD  . LYS A 1 18 ? -6.604  23.334  4.612   1.00 62.64 ? 18  LYS C CD  1 
ATOM   145  C CE  . LYS A 1 18 ? -5.727  23.836  3.466   1.00 62.71 ? 18  LYS C CE  1 
ATOM   146  N NZ  . LYS A 1 18 ? -5.609  25.326  3.473   1.00 61.53 ? 18  LYS C NZ  1 
ATOM   147  N N   . ASP A 1 19 ? -7.038  18.079  1.767   1.00 44.09 ? 19  ASP C N   1 
ATOM   148  C CA  . ASP A 1 19 ? -7.734  17.430  0.654   1.00 40.67 ? 19  ASP C CA  1 
ATOM   149  C C   . ASP A 1 19 ? -7.406  15.973  0.353   1.00 35.25 ? 19  ASP C C   1 
ATOM   150  O O   . ASP A 1 19 ? -8.295  15.189  0.024   1.00 34.89 ? 19  ASP C O   1 
ATOM   151  C CB  . ASP A 1 19 ? -7.530  18.233  -0.638  1.00 47.89 ? 19  ASP C CB  1 
ATOM   152  C CG  . ASP A 1 19 ? -8.157  19.615  -0.581  1.00 56.27 ? 19  ASP C CG  1 
ATOM   153  O OD1 . ASP A 1 19 ? -9.406  19.702  -0.552  1.00 59.28 ? 19  ASP C OD1 1 
ATOM   154  O OD2 . ASP A 1 19 ? -7.400  20.616  -0.568  1.00 61.09 ? 19  ASP C OD2 1 
ATOM   155  N N   . ILE A 1 20 ? -6.130  15.619  0.431   1.00 29.73 ? 20  ILE C N   1 
ATOM   156  C CA  . ILE A 1 20 ? -5.692  14.268  0.099   1.00 27.92 ? 20  ILE C CA  1 
ATOM   157  C C   . ILE A 1 20 ? -6.107  13.117  1.019   1.00 31.79 ? 20  ILE C C   1 
ATOM   158  O O   . ILE A 1 20 ? -6.196  13.261  2.241   1.00 32.03 ? 20  ILE C O   1 
ATOM   159  C CB  . ILE A 1 20 ? -4.145  14.195  -0.081  1.00 21.37 ? 20  ILE C CB  1 
ATOM   160  C CG1 . ILE A 1 20 ? -3.444  14.255  1.282   1.00 20.40 ? 20  ILE C CG1 1 
ATOM   161  C CG2 . ILE A 1 20 ? -3.663  15.313  -0.986  1.00 19.62 ? 20  ILE C CG2 1 
ATOM   162  C CD1 . ILE A 1 20 ? -1.968  13.992  1.246   1.00 14.29 ? 20  ILE C CD1 1 
ATOM   163  N N   . LYS A 1 21 ? -6.351  11.970  0.398   1.00 32.73 ? 21  LYS C N   1 
ATOM   164  C CA  . LYS A 1 21 ? -6.682  10.744  1.097   1.00 34.71 ? 21  LYS C CA  1 
ATOM   165  C C   . LYS A 1 21 ? -5.442  9.858   0.943   1.00 37.50 ? 21  LYS C C   1 
ATOM   166  O O   . LYS A 1 21 ? -5.023  9.534   -0.179  1.00 41.23 ? 21  LYS C O   1 
ATOM   167  C CB  . LYS A 1 21 ? -7.923  10.090  0.496   1.00 35.22 ? 21  LYS C CB  1 
ATOM   168  C CG  . LYS A 1 21 ? -9.183  10.902  0.734   1.00 42.03 ? 21  LYS C CG  1 
ATOM   169  C CD  . LYS A 1 21 ? -10.428 10.156  0.270   1.00 56.86 ? 21  LYS C CD  1 
ATOM   170  C CE  . LYS A 1 21 ? -11.712 10.901  0.673   1.00 65.61 ? 21  LYS C CE  1 
ATOM   171  N NZ  . LYS A 1 21 ? -12.980 10.160  0.341   1.00 69.46 ? 21  LYS C NZ  1 
ATOM   172  N N   . THR A 1 22 ? -4.849  9.515   2.083   1.00 35.67 ? 22  THR C N   1 
ATOM   173  C CA  . THR A 1 22 ? -3.627  8.719   2.186   1.00 31.91 ? 22  THR C CA  1 
ATOM   174  C C   . THR A 1 22 ? -3.544  7.265   1.710   1.00 30.93 ? 22  THR C C   1 
ATOM   175  O O   . THR A 1 22 ? -2.500  6.858   1.205   1.00 34.53 ? 22  THR C O   1 
ATOM   176  C CB  . THR A 1 22 ? -3.100  8.740   3.633   1.00 34.70 ? 22  THR C CB  1 
ATOM   177  O OG1 . THR A 1 22 ? -4.135  8.292   4.519   1.00 34.80 ? 22  THR C OG1 1 
ATOM   178  C CG2 . THR A 1 22 ? -2.657  10.146  4.034   1.00 31.16 ? 22  THR C CG2 1 
ATOM   179  N N   . SER A 1 23 ? -4.596  6.471   1.882   1.00 31.92 ? 23  SER C N   1 
ATOM   180  C CA  . SER A 1 23 ? -4.529  5.055   1.491   1.00 32.45 ? 23  SER C CA  1 
ATOM   181  C C   . SER A 1 23 ? -4.060  4.746   0.063   1.00 29.28 ? 23  SER C C   1 
ATOM   182  O O   . SER A 1 23 ? -3.114  3.978   -0.132  1.00 33.35 ? 23  SER C O   1 
ATOM   183  C CB  . SER A 1 23 ? -5.833  4.314   1.831   1.00 30.96 ? 23  SER C CB  1 
ATOM   184  O OG  . SER A 1 23 ? -6.964  5.128   1.594   1.00 40.27 ? 23  SER C OG  1 
ATOM   185  N N   . TYR A 1 24 ? -4.694  5.359   -0.929  1.00 26.47 ? 24  TYR C N   1 
ATOM   186  C CA  . TYR A 1 24 ? -4.315  5.144   -2.318  1.00 23.41 ? 24  TYR C CA  1 
ATOM   187  C C   . TYR A 1 24 ? -2.891  5.615   -2.596  1.00 22.97 ? 24  TYR C C   1 
ATOM   188  O O   . TYR A 1 24 ? -2.158  4.983   -3.362  1.00 28.67 ? 24  TYR C O   1 
ATOM   189  C CB  . TYR A 1 24 ? -5.283  5.871   -3.234  1.00 21.74 ? 24  TYR C CB  1 
ATOM   190  C CG  . TYR A 1 24 ? -6.661  5.289   -3.212  1.00 23.19 ? 24  TYR C CG  1 
ATOM   191  C CD1 . TYR A 1 24 ? -7.549  5.571   -2.180  1.00 28.00 ? 24  TYR C CD1 1 
ATOM   192  C CD2 . TYR A 1 24 ? -7.093  4.465   -4.235  1.00 27.35 ? 24  TYR C CD2 1 
ATOM   193  C CE1 . TYR A 1 24 ? -8.847  5.044   -2.186  1.00 27.78 ? 24  TYR C CE1 1 
ATOM   194  C CE2 . TYR A 1 24 ? -8.373  3.940   -4.249  1.00 25.42 ? 24  TYR C CE2 1 
ATOM   195  C CZ  . TYR A 1 24 ? -9.240  4.232   -3.234  1.00 22.97 ? 24  TYR C CZ  1 
ATOM   196  O OH  . TYR A 1 24 ? -10.508 3.738   -3.322  1.00 26.06 ? 24  TYR C OH  1 
ATOM   197  N N   . ILE A 1 25 ? -2.514  6.740   -1.995  1.00 22.44 ? 25  ILE C N   1 
ATOM   198  C CA  . ILE A 1 25 ? -1.178  7.308   -2.156  1.00 20.44 ? 25  ILE C CA  1 
ATOM   199  C C   . ILE A 1 25 ? -0.127  6.404   -1.510  1.00 23.12 ? 25  ILE C C   1 
ATOM   200  O O   . ILE A 1 25 ? 0.963   6.207   -2.056  1.00 23.70 ? 25  ILE C O   1 
ATOM   201  C CB  . ILE A 1 25 ? -1.115  8.720   -1.545  1.00 22.12 ? 25  ILE C CB  1 
ATOM   202  C CG1 . ILE A 1 25 ? -1.972  9.669   -2.392  1.00 17.69 ? 25  ILE C CG1 1 
ATOM   203  C CG2 . ILE A 1 25 ? 0.341   9.187   -1.376  1.00 14.64 ? 25  ILE C CG2 1 
ATOM   204  C CD1 . ILE A 1 25 ? -2.127  11.064  -1.815  1.00 24.34 ? 25  ILE C CD1 1 
ATOM   205  N N   . MET A 1 26 ? -0.464  5.815   -0.368  1.00 26.46 ? 26  MET C N   1 
ATOM   206  C CA  . MET A 1 26 ? 0.467   4.926   0.306   1.00 18.67 ? 26  MET C CA  1 
ATOM   207  C C   . MET A 1 26 ? 0.599   3.615   -0.458  1.00 20.03 ? 26  MET C C   1 
ATOM   208  O O   . MET A 1 26 ? 1.667   3.009   -0.450  1.00 21.24 ? 26  MET C O   1 
ATOM   209  C CB  . MET A 1 26 ? 0.078   4.729   1.760   1.00 21.39 ? 26  MET C CB  1 
ATOM   210  C CG  . MET A 1 26 ? 0.132   6.028   2.554   1.00 24.46 ? 26  MET C CG  1 
ATOM   211  S SD  . MET A 1 26 ? 0.089   5.825   4.361   1.00 25.42 ? 26  MET C SD  1 
ATOM   212  C CE  . MET A 1 26 ? -1.676  5.575   4.595   1.00 27.21 ? 26  MET C CE  1 
ATOM   213  N N   . ASP A 1 27 ? -0.458  3.195   -1.158  1.00 17.34 ? 27  ASP C N   1 
ATOM   214  C CA  . ASP A 1 27 ? -0.389  1.978   -1.980  1.00 14.78 ? 27  ASP C CA  1 
ATOM   215  C C   . ASP A 1 27 ? 0.684   2.174   -3.047  1.00 14.08 ? 27  ASP C C   1 
ATOM   216  O O   . ASP A 1 27 ? 1.503   1.297   -3.292  1.00 15.59 ? 27  ASP C O   1 
ATOM   217  C CB  . ASP A 1 27 ? -1.722  1.697   -2.675  1.00 16.96 ? 27  ASP C CB  1 
ATOM   218  C CG  . ASP A 1 27 ? -2.781  1.133   -1.732  1.00 20.04 ? 27  ASP C CG  1 
ATOM   219  O OD1 . ASP A 1 27 ? -2.404  0.426   -0.767  1.00 19.36 ? 27  ASP C OD1 1 
ATOM   220  O OD2 . ASP A 1 27 ? -3.985  1.378   -1.974  1.00 16.69 ? 27  ASP C OD2 1 
ATOM   221  N N   . HIS A 1 28 ? 0.677   3.352   -3.664  1.00 16.35 ? 28  HIS C N   1 
ATOM   222  C CA  . HIS A 1 28 ? 1.653   3.704   -4.689  1.00 11.87 ? 28  HIS C CA  1 
ATOM   223  C C   . HIS A 1 28 ? 3.054   3.768   -4.110  1.00 15.77 ? 28  HIS C C   1 
ATOM   224  O O   . HIS A 1 28 ? 3.978   3.143   -4.625  1.00 18.24 ? 28  HIS C O   1 
ATOM   225  C CB  . HIS A 1 28 ? 1.341   5.075   -5.286  1.00 15.15 ? 28  HIS C CB  1 
ATOM   226  C CG  . HIS A 1 28 ? 0.307   5.053   -6.366  1.00 10.61 ? 28  HIS C CG  1 
ATOM   227  N ND1 . HIS A 1 28 ? -0.982  5.488   -6.170  1.00 19.48 ? 28  HIS C ND1 1 
ATOM   228  C CD2 . HIS A 1 28 ? 0.382   4.661   -7.657  1.00 10.11 ? 28  HIS C CD2 1 
ATOM   229  C CE1 . HIS A 1 28 ? -1.666  5.364   -7.294  1.00 14.34 ? 28  HIS C CE1 1 
ATOM   230  N NE2 . HIS A 1 28 ? -0.859  4.861   -8.213  1.00 14.59 ? 28  HIS C NE2 1 
ATOM   231  N N   . MET A 1 29 ? 3.221   4.538   -3.039  1.00 19.20 ? 29  MET C N   1 
ATOM   232  C CA  . MET A 1 29 ? 4.533   4.696   -2.422  1.00 17.72 ? 29  MET C CA  1 
ATOM   233  C C   . MET A 1 29 ? 5.102   3.416   -1.861  1.00 21.67 ? 29  MET C C   1 
ATOM   234  O O   . MET A 1 29 ? 6.322   3.258   -1.786  1.00 28.02 ? 29  MET C O   1 
ATOM   235  C CB  . MET A 1 29 ? 4.510   5.802   -1.376  1.00 18.24 ? 29  MET C CB  1 
ATOM   236  C CG  . MET A 1 29 ? 4.190   7.151   -1.997  1.00 19.22 ? 29  MET C CG  1 
ATOM   237  S SD  . MET A 1 29 ? 4.572   8.543   -0.943  1.00 32.00 ? 29  MET C SD  1 
ATOM   238  C CE  . MET A 1 29 ? 6.408   8.492   -0.939  1.00 15.03 ? 29  MET C CE  1 
ATOM   239  N N   . ILE A 1 30 ? 4.227   2.504   -1.450  1.00 25.56 ? 30  ILE C N   1 
ATOM   240  C CA  . ILE A 1 30 ? 4.658   1.212   -0.925  1.00 23.05 ? 30  ILE C CA  1 
ATOM   241  C C   . ILE A 1 30 ? 5.161   0.432   -2.132  1.00 22.49 ? 30  ILE C C   1 
ATOM   242  O O   . ILE A 1 30 ? 6.261   -0.123  -2.111  1.00 23.31 ? 30  ILE C O   1 
ATOM   243  C CB  . ILE A 1 30 ? 3.485   0.425   -0.243  1.00 25.03 ? 30  ILE C CB  1 
ATOM   244  C CG1 . ILE A 1 30 ? 3.077   1.082   1.083   1.00 25.14 ? 30  ILE C CG1 1 
ATOM   245  C CG2 . ILE A 1 30 ? 3.891   -1.006  0.029   1.00 23.16 ? 30  ILE C CG2 1 
ATOM   246  C CD1 . ILE A 1 30 ? 4.113   0.967   2.175   1.00 21.35 ? 30  ILE C CD1 1 
ATOM   247  N N   . SER A 1 31 ? 4.377   0.429   -3.203  1.00 18.09 ? 31  SER C N   1 
ATOM   248  C CA  . SER A 1 31 ? 4.784   -0.282  -4.397  1.00 17.34 ? 31  SER C CA  1 
ATOM   249  C C   . SER A 1 31 ? 6.092   0.277   -4.923  1.00 19.78 ? 31  SER C C   1 
ATOM   250  O O   . SER A 1 31 ? 6.975   -0.481  -5.298  1.00 25.59 ? 31  SER C O   1 
ATOM   251  C CB  . SER A 1 31 ? 3.715   -0.184  -5.470  1.00 15.96 ? 31  SER C CB  1 
ATOM   252  O OG  . SER A 1 31 ? 2.493   -0.743  -5.026  1.00 27.11 ? 31  SER C OG  1 
ATOM   253  N N   . ASP A 1 32 ? 6.233   1.600   -4.926  1.00 23.72 ? 32  ASP C N   1 
ATOM   254  C CA  . ASP A 1 32 ? 7.459   2.235   -5.424  1.00 23.20 ? 32  ASP C CA  1 
ATOM   255  C C   . ASP A 1 32 ? 8.635   1.933   -4.508  1.00 25.28 ? 32  ASP C C   1 
ATOM   256  O O   . ASP A 1 32 ? 9.796   2.064   -4.905  1.00 29.08 ? 32  ASP C O   1 
ATOM   257  C CB  . ASP A 1 32 ? 7.286   3.756   -5.579  1.00 18.67 ? 32  ASP C CB  1 
ATOM   258  C CG  . ASP A 1 32 ? 6.198   4.135   -6.587  1.00 17.78 ? 32  ASP C CG  1 
ATOM   259  O OD1 . ASP A 1 32 ? 5.735   3.271   -7.358  1.00 25.12 ? 32  ASP C OD1 1 
ATOM   260  O OD2 . ASP A 1 32 ? 5.787   5.312   -6.616  1.00 23.52 ? 32  ASP C OD2 1 
ATOM   261  N N   . GLY A 1 33 ? 8.332   1.503   -3.286  1.00 27.67 ? 33  GLY C N   1 
ATOM   262  C CA  . GLY A 1 33 ? 9.378   1.190   -2.334  1.00 29.63 ? 33  GLY C CA  1 
ATOM   263  C C   . GLY A 1 33 ? 9.874   2.421   -1.597  1.00 33.97 ? 33  GLY C C   1 
ATOM   264  O O   . GLY A 1 33 ? 11.009  2.445   -1.121  1.00 35.20 ? 33  GLY C O   1 
ATOM   265  N N   . PHE A 1 34 ? 9.034   3.452   -1.503  1.00 36.96 ? 34  PHE C N   1 
ATOM   266  C CA  . PHE A 1 34 ? 9.407   4.689   -0.816  1.00 37.36 ? 34  PHE C CA  1 
ATOM   267  C C   . PHE A 1 34 ? 8.649   4.897   0.493   1.00 36.65 ? 34  PHE C C   1 
ATOM   268  O O   . PHE A 1 34 ? 8.707   5.969   1.086   1.00 38.51 ? 34  PHE C O   1 
ATOM   269  C CB  . PHE A 1 34 ? 9.256   5.910   -1.754  1.00 34.76 ? 34  PHE C CB  1 
ATOM   270  C CG  . PHE A 1 34 ? 10.159  5.853   -2.955  1.00 29.89 ? 34  PHE C CG  1 
ATOM   271  C CD1 . PHE A 1 34 ? 11.537  5.752   -2.798  1.00 28.86 ? 34  PHE C CD1 1 
ATOM   272  C CD2 . PHE A 1 34 ? 9.628   5.786   -4.236  1.00 30.40 ? 34  PHE C CD2 1 
ATOM   273  C CE1 . PHE A 1 34 ? 12.373  5.570   -3.892  1.00 28.86 ? 34  PHE C CE1 1 
ATOM   274  C CE2 . PHE A 1 34 ? 10.456  5.606   -5.336  1.00 27.83 ? 34  PHE C CE2 1 
ATOM   275  C CZ  . PHE A 1 34 ? 11.835  5.494   -5.161  1.00 27.47 ? 34  PHE C CZ  1 
ATOM   276  N N   . LEU A 1 35 ? 7.926   3.871   0.930   1.00 34.23 ? 35  LEU C N   1 
ATOM   277  C CA  . LEU A 1 35 ? 7.179   3.930   2.183   1.00 28.53 ? 35  LEU C CA  1 
ATOM   278  C C   . LEU A 1 35 ? 7.194   2.518   2.716   1.00 29.01 ? 35  LEU C C   1 
ATOM   279  O O   . LEU A 1 35 ? 7.156   1.568   1.940   1.00 28.99 ? 35  LEU C O   1 
ATOM   280  C CB  . LEU A 1 35 ? 5.740   4.408   1.961   1.00 25.89 ? 35  LEU C CB  1 
ATOM   281  C CG  . LEU A 1 35 ? 4.894   4.785   3.188   1.00 19.75 ? 35  LEU C CG  1 
ATOM   282  C CD1 . LEU A 1 35 ? 5.386   6.076   3.801   1.00 20.98 ? 35  LEU C CD1 1 
ATOM   283  C CD2 . LEU A 1 35 ? 3.464   4.957   2.783   1.00 16.11 ? 35  LEU C CD2 1 
ATOM   284  N N   . THR A 1 36 ? 7.329   2.383   4.030   1.00 30.69 ? 36  THR C N   1 
ATOM   285  C CA  . THR A 1 36 ? 7.368   1.076   4.673   1.00 30.27 ? 36  THR C CA  1 
ATOM   286  C C   . THR A 1 36 ? 6.001   0.740   5.261   1.00 31.23 ? 36  THR C C   1 
ATOM   287  O O   . THR A 1 36 ? 5.129   1.611   5.369   1.00 32.61 ? 36  THR C O   1 
ATOM   288  C CB  . THR A 1 36 ? 8.435   1.023   5.805   1.00 28.96 ? 36  THR C CB  1 
ATOM   289  O OG1 . THR A 1 36 ? 8.096   1.943   6.851   1.00 29.00 ? 36  THR C OG1 1 
ATOM   290  C CG2 . THR A 1 36 ? 9.794   1.386   5.269   1.00 25.02 ? 36  THR C CG2 1 
ATOM   291  N N   . ILE A 1 37 ? 5.812   -0.523  5.639   1.00 33.51 ? 37  ILE C N   1 
ATOM   292  C CA  . ILE A 1 37 ? 4.548   -0.960  6.236   1.00 31.47 ? 37  ILE C CA  1 
ATOM   293  C C   . ILE A 1 37 ? 4.323   -0.282  7.591   1.00 31.12 ? 37  ILE C C   1 
ATOM   294  O O   . ILE A 1 37 ? 3.228   0.204   7.874   1.00 28.07 ? 37  ILE C O   1 
ATOM   295  C CB  . ILE A 1 37 ? 4.502   -2.496  6.409   1.00 31.32 ? 37  ILE C CB  1 
ATOM   296  C CG1 . ILE A 1 37 ? 4.639   -3.186  5.049   1.00 25.43 ? 37  ILE C CG1 1 
ATOM   297  C CG2 . ILE A 1 37 ? 3.207   -2.907  7.090   1.00 30.99 ? 37  ILE C CG2 1 
ATOM   298  C CD1 . ILE A 1 37 ? 3.510   -2.897  4.078   1.00 29.11 ? 37  ILE C CD1 1 
ATOM   299  N N   . SER A 1 38 ? 5.371   -0.228  8.414   1.00 32.85 ? 38  SER C N   1 
ATOM   300  C CA  . SER A 1 38 ? 5.289   0.412   9.723   1.00 31.33 ? 38  SER C CA  1 
ATOM   301  C C   . SER A 1 38 ? 4.905   1.868   9.549   1.00 30.97 ? 38  SER C C   1 
ATOM   302  O O   . SER A 1 38 ? 3.958   2.344   10.177  1.00 31.84 ? 38  SER C O   1 
ATOM   303  C CB  . SER A 1 38 ? 6.622   0.307   10.456  1.00 35.83 ? 38  SER C CB  1 
ATOM   304  O OG  . SER A 1 38 ? 7.699   0.682   9.612   1.00 47.70 ? 38  SER C OG  1 
ATOM   305  N N   . GLU A 1 39 ? 5.638   2.577   8.691   1.00 28.60 ? 39  GLU C N   1 
ATOM   306  C CA  . GLU A 1 39 ? 5.339   3.973   8.427   1.00 24.74 ? 39  GLU C CA  1 
ATOM   307  C C   . GLU A 1 39 ? 3.886   4.063   8.017   1.00 25.57 ? 39  GLU C C   1 
ATOM   308  O O   . GLU A 1 39 ? 3.140   4.898   8.526   1.00 29.16 ? 39  GLU C O   1 
ATOM   309  C CB  . GLU A 1 39 ? 6.211   4.515   7.302   1.00 27.81 ? 39  GLU C CB  1 
ATOM   310  C CG  . GLU A 1 39 ? 7.633   4.883   7.709   1.00 31.83 ? 39  GLU C CG  1 
ATOM   311  C CD  . GLU A 1 39 ? 8.520   5.293   6.526   1.00 35.86 ? 39  GLU C CD  1 
ATOM   312  O OE1 . GLU A 1 39 ? 8.042   5.338   5.373   1.00 37.79 ? 39  GLU C OE1 1 
ATOM   313  O OE2 . GLU A 1 39 ? 9.719   5.564   6.747   1.00 42.67 ? 39  GLU C OE2 1 
ATOM   314  N N   . GLU A 1 40 ? 3.464   3.156   7.140   1.00 25.99 ? 40  GLU C N   1 
ATOM   315  C CA  . GLU A 1 40 ? 2.086   3.158   6.672   1.00 25.89 ? 40  GLU C CA  1 
ATOM   316  C C   . GLU A 1 40 ? 1.063   2.998   7.801   1.00 27.88 ? 40  GLU C C   1 
ATOM   317  O O   . GLU A 1 40 ? 0.022   3.660   7.789   1.00 23.06 ? 40  GLU C O   1 
ATOM   318  C CB  . GLU A 1 40 ? 1.878   2.098   5.595   1.00 23.03 ? 40  GLU C CB  1 
ATOM   319  C CG  . GLU A 1 40 ? 0.447   2.036   5.071   1.00 21.12 ? 40  GLU C CG  1 
ATOM   320  C CD  . GLU A 1 40 ? 0.232   0.893   4.105   1.00 19.95 ? 40  GLU C CD  1 
ATOM   321  O OE1 . GLU A 1 40 ? 0.810   -0.187  4.326   1.00 18.91 ? 40  GLU C OE1 1 
ATOM   322  O OE2 . GLU A 1 40 ? -0.502  1.077   3.120   1.00 19.15 ? 40  GLU C OE2 1 
ATOM   323  N N   . GLU A 1 41 ? 1.337   2.121   8.767   1.00 34.28 ? 41  GLU C N   1 
ATOM   324  C CA  . GLU A 1 41 ? 0.404   1.947   9.883   1.00 39.51 ? 41  GLU C CA  1 
ATOM   325  C C   . GLU A 1 41 ? 0.370   3.164   10.822  1.00 35.55 ? 41  GLU C C   1 
ATOM   326  O O   . GLU A 1 41 ? -0.703  3.533   11.305  1.00 34.04 ? 41  GLU C O   1 
ATOM   327  C CB  . GLU A 1 41 ? 0.620   0.617   10.638  1.00 45.80 ? 41  GLU C CB  1 
ATOM   328  C CG  . GLU A 1 41 ? 2.052   0.263   11.055  1.00 59.08 ? 41  GLU C CG  1 
ATOM   329  C CD  . GLU A 1 41 ? 2.388   0.603   12.511  1.00 64.95 ? 41  GLU C CD  1 
ATOM   330  O OE1 . GLU A 1 41 ? 1.491   0.521   13.377  1.00 71.93 ? 41  GLU C OE1 1 
ATOM   331  O OE2 . GLU A 1 41 ? 3.562   0.940   12.794  1.00 66.68 ? 41  GLU C OE2 1 
ATOM   332  N N   . LYS A 1 42 ? 1.509   3.833   11.014  1.00 33.07 ? 42  LYS C N   1 
ATOM   333  C CA  . LYS A 1 42 ? 1.551   5.022   11.872  1.00 32.36 ? 42  LYS C CA  1 
ATOM   334  C C   . LYS A 1 42 ? 0.621   6.065   11.271  1.00 28.88 ? 42  LYS C C   1 
ATOM   335  O O   . LYS A 1 42 ? -0.139  6.707   11.984  1.00 35.32 ? 42  LYS C O   1 
ATOM   336  C CB  . LYS A 1 42 ? 2.962   5.625   11.953  1.00 37.66 ? 42  LYS C CB  1 
ATOM   337  C CG  . LYS A 1 42 ? 4.089   4.676   12.370  1.00 47.12 ? 42  LYS C CG  1 
ATOM   338  C CD  . LYS A 1 42 ? 5.403   5.452   12.574  1.00 53.53 ? 42  LYS C CD  1 
ATOM   339  C CE  . LYS A 1 42 ? 6.624   4.543   12.835  1.00 56.72 ? 42  LYS C CE  1 
ATOM   340  N NZ  . LYS A 1 42 ? 7.144   3.861   11.610  1.00 54.84 ? 42  LYS C NZ  1 
ATOM   341  N N   . VAL A 1 43 ? 0.691   6.229   9.950   1.00 26.87 ? 43  VAL C N   1 
ATOM   342  C CA  . VAL A 1 43 ? -0.157  7.195   9.235   1.00 27.96 ? 43  VAL C CA  1 
ATOM   343  C C   . VAL A 1 43 ? -1.636  6.795   9.307   1.00 31.69 ? 43  VAL C C   1 
ATOM   344  O O   . VAL A 1 43 ? -2.505  7.608   9.608   1.00 27.21 ? 43  VAL C O   1 
ATOM   345  C CB  . VAL A 1 43 ? 0.265   7.319   7.730   1.00 22.23 ? 43  VAL C CB  1 
ATOM   346  C CG1 . VAL A 1 43 ? -0.691  8.198   6.984   1.00 13.64 ? 43  VAL C CG1 1 
ATOM   347  C CG2 . VAL A 1 43 ? 1.667   7.866   7.603   1.00 14.22 ? 43  VAL C CG2 1 
ATOM   348  N N   . ARG A 1 44 ? -1.908  5.530   9.015   1.00 37.99 ? 44  ARG C N   1 
ATOM   349  C CA  . ARG A 1 44 ? -3.259  5.003   9.046   1.00 43.91 ? 44  ARG C CA  1 
ATOM   350  C C   . ARG A 1 44 ? -3.857  5.085   10.448  1.00 43.14 ? 44  ARG C C   1 
ATOM   351  O O   . ARG A 1 44 ? -5.053  5.319   10.606  1.00 41.80 ? 44  ARG C O   1 
ATOM   352  C CB  . ARG A 1 44 ? -3.253  3.545   8.585   1.00 48.70 ? 44  ARG C CB  1 
ATOM   353  C CG  . ARG A 1 44 ? -4.609  2.861   8.638   1.00 57.31 ? 44  ARG C CG  1 
ATOM   354  C CD  . ARG A 1 44 ? -5.435  3.072   7.368   1.00 69.00 ? 44  ARG C CD  1 
ATOM   355  N NE  . ARG A 1 44 ? -5.865  4.454   7.139   1.00 74.89 ? 44  ARG C NE  1 
ATOM   356  C CZ  . ARG A 1 44 ? -5.507  5.185   6.083   1.00 77.65 ? 44  ARG C CZ  1 
ATOM   357  N NH1 . ARG A 1 44 ? -4.697  4.671   5.161   1.00 78.93 ? 44  ARG C NH1 1 
ATOM   358  N NH2 . ARG A 1 44 ? -6.017  6.399   5.908   1.00 78.75 ? 44  ARG C NH2 1 
ATOM   359  N N   . ASN A 1 45 ? -3.030  4.889   11.468  1.00 43.03 ? 45  ASN C N   1 
ATOM   360  C CA  . ASN A 1 45 ? -3.524  4.924   12.837  1.00 47.80 ? 45  ASN C CA  1 
ATOM   361  C C   . ASN A 1 45 ? -4.038  6.285   13.319  1.00 47.77 ? 45  ASN C C   1 
ATOM   362  O O   . ASN A 1 45 ? -4.758  6.347   14.322  1.00 53.80 ? 45  ASN C O   1 
ATOM   363  C CB  . ASN A 1 45 ? -2.485  4.357   13.823  1.00 47.66 ? 45  ASN C CB  1 
ATOM   364  C CG  . ASN A 1 45 ? -2.447  2.821   13.831  1.00 48.13 ? 45  ASN C CG  1 
ATOM   365  O OD1 . ASN A 1 45 ? -1.399  2.217   14.077  1.00 46.45 ? 45  ASN C OD1 1 
ATOM   366  N ND2 . ASN A 1 45 ? -3.594  2.189   13.581  1.00 43.83 ? 45  ASN C ND2 1 
ATOM   367  N N   . GLU A 1 46 ? -3.677  7.357   12.611  1.00 42.34 ? 46  GLU C N   1 
ATOM   368  C CA  . GLU A 1 46 ? -4.097  8.708   12.974  1.00 34.95 ? 46  GLU C CA  1 
ATOM   369  C C   . GLU A 1 46 ? -5.610  8.802   12.970  1.00 36.52 ? 46  GLU C C   1 
ATOM   370  O O   . GLU A 1 46 ? -6.268  8.275   12.077  1.00 39.25 ? 46  GLU C O   1 
ATOM   371  C CB  . GLU A 1 46 ? -3.518  9.734   12.011  1.00 34.40 ? 46  GLU C CB  1 
ATOM   372  C CG  . GLU A 1 46 ? -2.009  9.700   11.906  1.00 35.38 ? 46  GLU C CG  1 
ATOM   373  C CD  . GLU A 1 46 ? -1.330  10.152  13.162  1.00 35.10 ? 46  GLU C CD  1 
ATOM   374  O OE1 . GLU A 1 46 ? -1.972  10.861  13.954  1.00 38.89 ? 46  GLU C OE1 1 
ATOM   375  O OE2 . GLU A 1 46 ? -0.144  9.817   13.351  1.00 43.67 ? 46  GLU C OE2 1 
ATOM   376  N N   . PRO A 1 47 ? -6.175  9.510   13.963  1.00 37.12 ? 47  PRO C N   1 
ATOM   377  C CA  . PRO A 1 47 ? -7.612  9.719   14.158  1.00 36.84 ? 47  PRO C CA  1 
ATOM   378  C C   . PRO A 1 47 ? -8.392  10.387  13.033  1.00 40.79 ? 47  PRO C C   1 
ATOM   379  O O   . PRO A 1 47 ? -9.575  10.088  12.845  1.00 40.23 ? 47  PRO C O   1 
ATOM   380  C CB  . PRO A 1 47 ? -7.662  10.533  15.449  1.00 37.86 ? 47  PRO C CB  1 
ATOM   381  C CG  . PRO A 1 47 ? -6.346  11.243  15.468  1.00 34.51 ? 47  PRO C CG  1 
ATOM   382  C CD  . PRO A 1 47 ? -5.408  10.177  15.029  1.00 34.80 ? 47  PRO C CD  1 
ATOM   383  N N   . THR A 1 48 ? -7.750  11.305  12.313  1.00 44.76 ? 48  THR C N   1 
ATOM   384  C CA  . THR A 1 48 ? -8.405  12.016  11.212  1.00 46.96 ? 48  THR C CA  1 
ATOM   385  C C   . THR A 1 48 ? -7.502  12.044  9.989   1.00 47.39 ? 48  THR C C   1 
ATOM   386  O O   . THR A 1 48 ? -6.271  12.064  10.118  1.00 44.63 ? 48  THR C O   1 
ATOM   387  C CB  . THR A 1 48 ? -8.773  13.463  11.601  1.00 49.12 ? 48  THR C CB  1 
ATOM   388  O OG1 . THR A 1 48 ? -7.626  14.117  12.166  1.00 54.02 ? 48  THR C OG1 1 
ATOM   389  C CG2 . THR A 1 48 ? -9.917  13.473  12.608  1.00 46.17 ? 48  THR C CG2 1 
ATOM   390  N N   . GLN A 1 49 ? -8.119  12.120  8.810   1.00 48.31 ? 49  GLN C N   1 
ATOM   391  C CA  . GLN A 1 49 ? -7.386  12.130  7.547   1.00 51.25 ? 49  GLN C CA  1 
ATOM   392  C C   . GLN A 1 49 ? -6.424  13.308  7.416   1.00 49.84 ? 49  GLN C C   1 
ATOM   393  O O   . GLN A 1 49 ? -5.407  13.199  6.735   1.00 51.68 ? 49  GLN C O   1 
ATOM   394  C CB  . GLN A 1 49 ? -8.355  12.063  6.359   1.00 55.34 ? 49  GLN C CB  1 
ATOM   395  C CG  . GLN A 1 49 ? -7.726  11.584  5.029   1.00 58.73 ? 49  GLN C CG  1 
ATOM   396  C CD  . GLN A 1 49 ? -7.025  10.217  5.124   1.00 59.38 ? 49  GLN C CD  1 
ATOM   397  O OE1 . GLN A 1 49 ? -5.830  10.151  5.407   1.00 55.39 ? 49  GLN C OE1 1 
ATOM   398  N NE2 . GLN A 1 49 ? -7.758  9.134   4.842   1.00 52.67 ? 49  GLN C NE2 1 
ATOM   399  N N   . GLN A 1 50 ? -6.716  14.412  8.100   1.00 48.99 ? 50  GLN C N   1 
ATOM   400  C CA  . GLN A 1 50 ? -5.840  15.581  8.068   1.00 48.63 ? 50  GLN C CA  1 
ATOM   401  C C   . GLN A 1 50 ? -4.551  15.242  8.796   1.00 44.96 ? 50  GLN C C   1 
ATOM   402  O O   . GLN A 1 50 ? -3.486  15.724  8.432   1.00 45.74 ? 50  GLN C O   1 
ATOM   403  C CB  . GLN A 1 50 ? -6.489  16.775  8.759   1.00 54.80 ? 50  GLN C CB  1 
ATOM   404  C CG  . GLN A 1 50 ? -7.844  17.164  8.206   1.00 69.67 ? 50  GLN C CG  1 
ATOM   405  C CD  . GLN A 1 50 ? -8.680  17.923  9.230   1.00 80.33 ? 50  GLN C CD  1 
ATOM   406  O OE1 . GLN A 1 50 ? -9.476  17.327  9.967   1.00 83.63 ? 50  GLN C OE1 1 
ATOM   407  N NE2 . GLN A 1 50 ? -8.497  19.241  9.289   1.00 83.65 ? 50  GLN C NE2 1 
ATOM   408  N N   . GLN A 1 51 ? -4.649  14.415  9.835   1.00 45.88 ? 51  GLN C N   1 
ATOM   409  C CA  . GLN A 1 51 ? -3.471  14.017  10.609  1.00 44.44 ? 51  GLN C CA  1 
ATOM   410  C C   . GLN A 1 51 ? -2.704  12.925  9.898   1.00 43.10 ? 51  GLN C C   1 
ATOM   411  O O   . GLN A 1 51 ? -1.488  12.818  10.057  1.00 43.83 ? 51  GLN C O   1 
ATOM   412  C CB  . GLN A 1 51 ? -3.856  13.564  12.013  1.00 45.20 ? 51  GLN C CB  1 
ATOM   413  C CG  . GLN A 1 51 ? -4.349  14.693  12.871  1.00 47.98 ? 51  GLN C CG  1 
ATOM   414  C CD  . GLN A 1 51 ? -4.622  14.261  14.279  1.00 49.40 ? 51  GLN C CD  1 
ATOM   415  O OE1 . GLN A 1 51 ? -3.700  14.123  15.087  1.00 50.79 ? 51  GLN C OE1 1 
ATOM   416  N NE2 . GLN A 1 51 ? -5.893  14.053  14.595  1.00 46.39 ? 51  GLN C NE2 1 
ATOM   417  N N   . ARG A 1 52 ? -3.429  12.086  9.162   1.00 38.79 ? 52  ARG C N   1 
ATOM   418  C CA  . ARG A 1 52 ? -2.821  11.011  8.378   1.00 37.44 ? 52  ARG C CA  1 
ATOM   419  C C   . ARG A 1 52 ? -1.999  11.676  7.269   1.00 33.80 ? 52  ARG C C   1 
ATOM   420  O O   . ARG A 1 52 ? -0.823  11.354  7.083   1.00 30.85 ? 52  ARG C O   1 
ATOM   421  C CB  . ARG A 1 52 ? -3.903  10.121  7.773   1.00 39.41 ? 52  ARG C CB  1 
ATOM   422  C CG  . ARG A 1 52 ? -4.784  9.479   8.799   1.00 40.56 ? 52  ARG C CG  1 
ATOM   423  C CD  . ARG A 1 52 ? -5.852  8.666   8.164   1.00 40.70 ? 52  ARG C CD  1 
ATOM   424  N NE  . ARG A 1 52 ? -6.670  8.035   9.180   1.00 45.94 ? 52  ARG C NE  1 
ATOM   425  C CZ  . ARG A 1 52 ? -7.995  8.055   9.180   1.00 50.68 ? 52  ARG C CZ  1 
ATOM   426  N NH1 . ARG A 1 52 ? -8.647  8.680   8.207   1.00 48.87 ? 52  ARG C NH1 1 
ATOM   427  N NH2 . ARG A 1 52 ? -8.665  7.449   10.154  1.00 56.34 ? 52  ARG C NH2 1 
ATOM   428  N N   . ALA A 1 53 ? -2.629  12.607  6.548   1.00 27.70 ? 53  ALA C N   1 
ATOM   429  C CA  . ALA A 1 53 ? -1.963  13.365  5.503   1.00 26.53 ? 53  ALA C CA  1 
ATOM   430  C C   . ALA A 1 53 ? -0.759  14.060  6.151   1.00 27.42 ? 53  ALA C C   1 
ATOM   431  O O   . ALA A 1 53 ? 0.370   13.965  5.666   1.00 27.25 ? 53  ALA C O   1 
ATOM   432  C CB  . ALA A 1 53 ? -2.914  14.397  4.927   1.00 22.20 ? 53  ALA C CB  1 
ATOM   433  N N   . ALA A 1 54 ? -1.001  14.707  7.282   1.00 28.40 ? 54  ALA C N   1 
ATOM   434  C CA  . ALA A 1 54 ? 0.047   15.408  8.002   1.00 30.43 ? 54  ALA C CA  1 
ATOM   435  C C   . ALA A 1 54 ? 1.206   14.495  8.380   1.00 29.90 ? 54  ALA C C   1 
ATOM   436  O O   . ALA A 1 54 ? 2.371   14.883  8.287   1.00 33.36 ? 54  ALA C O   1 
ATOM   437  C CB  . ALA A 1 54 ? -0.528  16.060  9.232   1.00 34.56 ? 54  ALA C CB  1 
ATOM   438  N N   . MET A 1 55 ? 0.893   13.275  8.787   1.00 30.54 ? 55  MET C N   1 
ATOM   439  C CA  . MET A 1 55 ? 1.928   12.327  9.176   1.00 28.77 ? 55  MET C CA  1 
ATOM   440  C C   . MET A 1 55 ? 2.718   11.853  7.956   1.00 25.07 ? 55  MET C C   1 
ATOM   441  O O   . MET A 1 55 ? 3.943   11.782  7.994   1.00 25.39 ? 55  MET C O   1 
ATOM   442  C CB  . MET A 1 55 ? 1.298   11.137  9.921   1.00 32.40 ? 55  MET C CB  1 
ATOM   443  C CG  . MET A 1 55 ? 2.273   10.035  10.314  1.00 34.65 ? 55  MET C CG  1 
ATOM   444  S SD  . MET A 1 55 ? 3.600   10.584  11.404  1.00 43.77 ? 55  MET C SD  1 
ATOM   445  C CE  . MET A 1 55 ? 3.026   9.913   12.951  1.00 47.96 ? 55  MET C CE  1 
ATOM   446  N N   . LEU A 1 56 ? 2.010   11.576  6.866   1.00 24.74 ? 56  LEU C N   1 
ATOM   447  C CA  . LEU A 1 56 ? 2.616   11.103  5.619   1.00 25.36 ? 56  LEU C CA  1 
ATOM   448  C C   . LEU A 1 56 ? 3.632   12.152  5.180   1.00 31.45 ? 56  LEU C C   1 
ATOM   449  O O   . LEU A 1 56 ? 4.823   11.861  5.038   1.00 33.80 ? 56  LEU C O   1 
ATOM   450  C CB  . LEU A 1 56 ? 1.543   10.973  4.531   1.00 18.70 ? 56  LEU C CB  1 
ATOM   451  C CG  . LEU A 1 56 ? 1.502   9.809   3.535   1.00 21.83 ? 56  LEU C CG  1 
ATOM   452  C CD1 . LEU A 1 56 ? 0.664   10.226  2.317   1.00 12.74 ? 56  LEU C CD1 1 
ATOM   453  C CD2 . LEU A 1 56 ? 2.888   9.386   3.106   1.00 16.61 ? 56  LEU C CD2 1 
ATOM   454  N N   . ILE A 1 57 ? 3.142   13.384  5.028   1.00 33.08 ? 57  ILE C N   1 
ATOM   455  C CA  . ILE A 1 57 ? 3.936   14.535  4.615   1.00 30.84 ? 57  ILE C CA  1 
ATOM   456  C C   . ILE A 1 57 ? 5.103   14.755  5.574   1.00 32.33 ? 57  ILE C C   1 
ATOM   457  O O   . ILE A 1 57 ? 6.222   15.075  5.150   1.00 31.11 ? 57  ILE C O   1 
ATOM   458  C CB  . ILE A 1 57 ? 3.053   15.791  4.557   1.00 34.02 ? 57  ILE C CB  1 
ATOM   459  C CG1 . ILE A 1 57 ? 1.927   15.579  3.538   1.00 31.43 ? 57  ILE C CG1 1 
ATOM   460  C CG2 . ILE A 1 57 ? 3.893   17.014  4.217   1.00 32.31 ? 57  ILE C CG2 1 
ATOM   461  C CD1 . ILE A 1 57 ? 0.879   16.664  3.561   1.00 34.72 ? 57  ILE C CD1 1 
ATOM   462  N N   . LYS A 1 58 ? 4.848   14.553  6.864   1.00 31.62 ? 58  LYS C N   1 
ATOM   463  C CA  . LYS A 1 58 ? 5.886   14.697  7.867   1.00 28.44 ? 58  LYS C CA  1 
ATOM   464  C C   . LYS A 1 58 ? 6.995   13.722  7.541   1.00 25.63 ? 58  LYS C C   1 
ATOM   465  O O   . LYS A 1 58 ? 8.167   14.074  7.585   1.00 29.95 ? 58  LYS C O   1 
ATOM   466  C CB  . LYS A 1 58 ? 5.337   14.396  9.259   1.00 34.19 ? 58  LYS C CB  1 
ATOM   467  C CG  . LYS A 1 58 ? 6.351   14.608  10.369  1.00 36.33 ? 58  LYS C CG  1 
ATOM   468  C CD  . LYS A 1 58 ? 5.775   14.271  11.724  1.00 40.79 ? 58  LYS C CD  1 
ATOM   469  C CE  . LYS A 1 58 ? 6.753   14.619  12.831  1.00 41.93 ? 58  LYS C CE  1 
ATOM   470  N NZ  . LYS A 1 58 ? 8.099   14.018  12.584  1.00 49.68 ? 58  LYS C NZ  1 
ATOM   471  N N   . MET A 1 59 ? 6.613   12.508  7.168   1.00 29.15 ? 59  MET C N   1 
ATOM   472  C CA  . MET A 1 59 ? 7.572   11.459  6.829   1.00 31.77 ? 59  MET C CA  1 
ATOM   473  C C   . MET A 1 59 ? 8.306   11.713  5.518   1.00 31.83 ? 59  MET C C   1 
ATOM   474  O O   . MET A 1 59 ? 9.526   11.602  5.444   1.00 33.33 ? 59  MET C O   1 
ATOM   475  C CB  . MET A 1 59 ? 6.857   10.109  6.760   1.00 37.61 ? 59  MET C CB  1 
ATOM   476  C CG  . MET A 1 59 ? 6.148   9.711   8.044   1.00 37.71 ? 59  MET C CG  1 
ATOM   477  S SD  . MET A 1 59 ? 5.238   8.176   7.890   1.00 40.16 ? 59  MET C SD  1 
ATOM   478  C CE  . MET A 1 59 ? 5.684   7.390   9.426   1.00 37.52 ? 59  MET C CE  1 
ATOM   479  N N   . ILE A 1 60 ? 7.556   12.043  4.479   1.00 33.49 ? 60  ILE C N   1 
ATOM   480  C CA  . ILE A 1 60 ? 8.134   12.313  3.173   1.00 38.05 ? 60  ILE C CA  1 
ATOM   481  C C   . ILE A 1 60 ? 9.189   13.416  3.228   1.00 38.71 ? 60  ILE C C   1 
ATOM   482  O O   . ILE A 1 60 ? 10.185  13.347  2.507   1.00 40.57 ? 60  ILE C O   1 
ATOM   483  C CB  . ILE A 1 60 ? 7.046   12.701  2.155   1.00 37.98 ? 60  ILE C CB  1 
ATOM   484  C CG1 . ILE A 1 60 ? 6.076   11.531  1.970   1.00 32.74 ? 60  ILE C CG1 1 
ATOM   485  C CG2 . ILE A 1 60 ? 7.680   13.105  0.826   1.00 36.56 ? 60  ILE C CG2 1 
ATOM   486  C CD1 . ILE A 1 60 ? 4.816   11.915  1.255   1.00 29.75 ? 60  ILE C CD1 1 
ATOM   487  N N   . LEU A 1 61 ? 8.971   14.418  4.082   1.00 39.03 ? 61  LEU C N   1 
ATOM   488  C CA  . LEU A 1 61 ? 9.908   15.538  4.235   1.00 36.58 ? 61  LEU C CA  1 
ATOM   489  C C   . LEU A 1 61 ? 11.328  15.105  4.615   1.00 37.61 ? 61  LEU C C   1 
ATOM   490  O O   . LEU A 1 61 ? 12.301  15.753  4.223   1.00 39.10 ? 61  LEU C O   1 
ATOM   491  C CB  . LEU A 1 61 ? 9.372   16.558  5.246   1.00 33.45 ? 61  LEU C CB  1 
ATOM   492  C CG  . LEU A 1 61 ? 8.319   17.534  4.710   1.00 36.43 ? 61  LEU C CG  1 
ATOM   493  C CD1 . LEU A 1 61 ? 7.418   18.039  5.805   1.00 27.98 ? 61  LEU C CD1 1 
ATOM   494  C CD2 . LEU A 1 61 ? 9.004   18.695  4.021   1.00 38.40 ? 61  LEU C CD2 1 
ATOM   495  N N   . LYS A 1 62 ? 11.449  13.995  5.341   1.00 38.60 ? 62  LYS C N   1 
ATOM   496  C CA  . LYS A 1 62 ? 12.754  13.485  5.762   1.00 38.83 ? 62  LYS C CA  1 
ATOM   497  C C   . LYS A 1 62 ? 13.288  12.452  4.770   1.00 39.07 ? 62  LYS C C   1 
ATOM   498  O O   . LYS A 1 62 ? 14.331  11.839  5.017   1.00 40.12 ? 62  LYS C O   1 
ATOM   499  C CB  . LYS A 1 62 ? 12.650  12.818  7.135   1.00 44.35 ? 62  LYS C CB  1 
ATOM   500  C CG  . LYS A 1 62 ? 11.599  13.412  8.054   1.00 55.80 ? 62  LYS C CG  1 
ATOM   501  C CD  . LYS A 1 62 ? 11.537  12.664  9.391   1.00 63.24 ? 62  LYS C CD  1 
ATOM   502  C CE  . LYS A 1 62 ? 10.252  12.986  10.163  1.00 66.84 ? 62  LYS C CE  1 
ATOM   503  N NZ  . LYS A 1 62 ? 10.052  14.451  10.409  1.00 68.95 ? 62  LYS C NZ  1 
ATOM   504  N N   . LYS A 1 63 ? 12.572  12.257  3.662   1.00 37.70 ? 63  LYS C N   1 
ATOM   505  C CA  . LYS A 1 63 ? 12.942  11.279  2.639   1.00 34.46 ? 63  LYS C CA  1 
ATOM   506  C C   . LYS A 1 63 ? 13.768  11.824  1.479   1.00 33.94 ? 63  LYS C C   1 
ATOM   507  O O   . LYS A 1 63 ? 13.987  13.037  1.354   1.00 32.91 ? 63  LYS C O   1 
ATOM   508  C CB  . LYS A 1 63 ? 11.688  10.579  2.101   1.00 36.38 ? 63  LYS C CB  1 
ATOM   509  C CG  . LYS A 1 63 ? 11.013  9.622   3.095   1.00 41.22 ? 63  LYS C CG  1 
ATOM   510  C CD  . LYS A 1 63 ? 9.655   9.089   2.597   1.00 32.39 ? 63  LYS C CD  1 
ATOM   511  C CE  . LYS A 1 63 ? 9.088   8.030   3.543   1.00 25.34 ? 63  LYS C CE  1 
ATOM   512  N NZ  . LYS A 1 63 ? 10.022  6.863   3.671   1.00 28.52 ? 63  LYS C NZ  1 
ATOM   513  N N   . ASP A 1 64 ? 14.226  10.917  0.618   1.00 32.38 ? 64  ASP C N   1 
ATOM   514  C CA  . ASP A 1 64 ? 15.033  11.319  -0.524  1.00 34.28 ? 64  ASP C CA  1 
ATOM   515  C C   . ASP A 1 64 ? 14.215  11.968  -1.634  1.00 35.32 ? 64  ASP C C   1 
ATOM   516  O O   . ASP A 1 64 ? 12.985  12.034  -1.562  1.00 35.69 ? 64  ASP C O   1 
ATOM   517  C CB  . ASP A 1 64 ? 15.903  10.156  -1.045  1.00 35.13 ? 64  ASP C CB  1 
ATOM   518  C CG  . ASP A 1 64 ? 15.140  9.153   -1.902  1.00 39.70 ? 64  ASP C CG  1 
ATOM   519  O OD1 . ASP A 1 64 ? 13.895  9.143   -1.893  1.00 43.87 ? 64  ASP C OD1 1 
ATOM   520  O OD2 . ASP A 1 64 ? 15.806  8.350   -2.593  1.00 41.24 ? 64  ASP C OD2 1 
ATOM   521  N N   . ASN A 1 65 ? 14.910  12.441  -2.662  1.00 40.42 ? 65  ASN C N   1 
ATOM   522  C CA  . ASN A 1 65 ? 14.283  13.101  -3.798  1.00 40.56 ? 65  ASN C CA  1 
ATOM   523  C C   . ASN A 1 65 ? 13.288  12.209  -4.524  1.00 41.70 ? 65  ASN C C   1 
ATOM   524  O O   . ASN A 1 65 ? 12.214  12.667  -4.918  1.00 45.13 ? 65  ASN C O   1 
ATOM   525  C CB  . ASN A 1 65 ? 15.352  13.626  -4.766  1.00 42.35 ? 65  ASN C CB  1 
ATOM   526  C CG  . ASN A 1 65 ? 15.945  14.945  -4.314  1.00 38.50 ? 65  ASN C CG  1 
ATOM   527  O OD1 . ASN A 1 65 ? 17.008  14.985  -3.709  1.00 40.45 ? 65  ASN C OD1 1 
ATOM   528  N ND2 . ASN A 1 65 ? 15.236  16.029  -4.577  1.00 39.90 ? 65  ASN C ND2 1 
ATOM   529  N N   . ASP A 1 66 ? 13.626  10.932  -4.670  1.00 40.65 ? 66  ASP C N   1 
ATOM   530  C CA  . ASP A 1 66 ? 12.740  9.987   -5.343  1.00 39.63 ? 66  ASP C CA  1 
ATOM   531  C C   . ASP A 1 66 ? 11.377  9.830   -4.684  1.00 36.14 ? 66  ASP C C   1 
ATOM   532  O O   . ASP A 1 66 ? 10.378  9.561   -5.355  1.00 37.77 ? 66  ASP C O   1 
ATOM   533  C CB  . ASP A 1 66 ? 13.433  8.641   -5.492  1.00 44.26 ? 66  ASP C CB  1 
ATOM   534  C CG  . ASP A 1 66 ? 14.534  8.680   -6.524  1.00 48.46 ? 66  ASP C CG  1 
ATOM   535  O OD1 . ASP A 1 66 ? 14.690  9.737   -7.177  1.00 51.42 ? 66  ASP C OD1 1 
ATOM   536  O OD2 . ASP A 1 66 ? 15.242  7.664   -6.690  1.00 54.98 ? 66  ASP C OD2 1 
ATOM   537  N N   . SER A 1 67 ? 11.324  10.045  -3.378  1.00 30.40 ? 67  SER C N   1 
ATOM   538  C CA  . SER A 1 67 ? 10.068  9.948   -2.663  1.00 25.09 ? 67  SER C CA  1 
ATOM   539  C C   . SER A 1 67 ? 9.206   11.151  -2.993  1.00 25.57 ? 67  SER C C   1 
ATOM   540  O O   . SER A 1 67 ? 7.979   11.048  -3.036  1.00 26.63 ? 67  SER C O   1 
ATOM   541  C CB  . SER A 1 67 ? 10.335  9.866   -1.176  1.00 30.26 ? 67  SER C CB  1 
ATOM   542  O OG  . SER A 1 67 ? 11.341  8.892   -0.933  1.00 33.17 ? 67  SER C OG  1 
ATOM   543  N N   . TYR A 1 68 ? 9.841   12.293  -3.258  1.00 25.07 ? 68  TYR C N   1 
ATOM   544  C CA  . TYR A 1 68 ? 9.097   13.499  -3.616  1.00 21.22 ? 68  TYR C CA  1 
ATOM   545  C C   . TYR A 1 68 ? 8.407   13.243  -4.959  1.00 24.08 ? 68  TYR C C   1 
ATOM   546  O O   . TYR A 1 68 ? 7.242   13.614  -5.157  1.00 26.22 ? 68  TYR C O   1 
ATOM   547  C CB  . TYR A 1 68 ? 10.032  14.720  -3.696  1.00 22.89 ? 68  TYR C CB  1 
ATOM   548  C CG  . TYR A 1 68 ? 9.312   16.030  -3.972  1.00 21.95 ? 68  TYR C CG  1 
ATOM   549  C CD1 . TYR A 1 68 ? 8.889   16.359  -5.257  1.00 17.49 ? 68  TYR C CD1 1 
ATOM   550  C CD2 . TYR A 1 68 ? 9.021   16.920  -2.942  1.00 24.01 ? 68  TYR C CD2 1 
ATOM   551  C CE1 . TYR A 1 68 ? 8.195   17.528  -5.511  1.00 18.99 ? 68  TYR C CE1 1 
ATOM   552  C CE2 . TYR A 1 68 ? 8.323   18.105  -3.186  1.00 22.04 ? 68  TYR C CE2 1 
ATOM   553  C CZ  . TYR A 1 68 ? 7.916   18.399  -4.473  1.00 22.71 ? 68  TYR C CZ  1 
ATOM   554  O OH  . TYR A 1 68 ? 7.229   19.566  -4.730  1.00 26.43 ? 68  TYR C OH  1 
ATOM   555  N N   . VAL A 1 69 ? 9.110   12.583  -5.874  1.00 25.29 ? 69  VAL C N   1 
ATOM   556  C CA  . VAL A 1 69 ? 8.538   12.273  -7.186  1.00 29.86 ? 69  VAL C CA  1 
ATOM   557  C C   . VAL A 1 69 ? 7.489   11.148  -7.099  1.00 28.24 ? 69  VAL C C   1 
ATOM   558  O O   . VAL A 1 69 ? 6.488   11.146  -7.826  1.00 28.04 ? 69  VAL C O   1 
ATOM   559  C CB  . VAL A 1 69 ? 9.642   11.954  -8.228  1.00 31.22 ? 69  VAL C CB  1 
ATOM   560  C CG1 . VAL A 1 69 ? 9.029   11.458  -9.524  1.00 26.42 ? 69  VAL C CG1 1 
ATOM   561  C CG2 . VAL A 1 69 ? 10.477  13.214  -8.487  1.00 31.00 ? 69  VAL C CG2 1 
ATOM   562  N N   . SER A 1 70 ? 7.695   10.215  -6.177  1.00 24.65 ? 70  SER C N   1 
ATOM   563  C CA  . SER A 1 70 ? 6.742   9.132   -5.973  1.00 21.09 ? 70  SER C CA  1 
ATOM   564  C C   . SER A 1 70 ? 5.408   9.693   -5.466  1.00 20.88 ? 70  SER C C   1 
ATOM   565  O O   . SER A 1 70 ? 4.338   9.299   -5.944  1.00 24.44 ? 70  SER C O   1 
ATOM   566  C CB  . SER A 1 70 ? 7.311   8.126   -4.976  1.00 18.13 ? 70  SER C CB  1 
ATOM   567  O OG  . SER A 1 70 ? 6.383   7.099   -4.728  1.00 21.29 ? 70  SER C OG  1 
ATOM   568  N N   . PHE A 1 71 ? 5.486   10.629  -4.520  1.00 19.83 ? 71  PHE C N   1 
ATOM   569  C CA  . PHE A 1 71 ? 4.312   11.281  -3.936  1.00 18.33 ? 71  PHE C CA  1 
ATOM   570  C C   . PHE A 1 71 ? 3.601   12.132  -4.995  1.00 21.39 ? 71  PHE C C   1 
ATOM   571  O O   . PHE A 1 71 ? 2.368   12.173  -5.059  1.00 21.91 ? 71  PHE C O   1 
ATOM   572  C CB  . PHE A 1 71 ? 4.764   12.153  -2.761  1.00 20.31 ? 71  PHE C CB  1 
ATOM   573  C CG  . PHE A 1 71 ? 3.646   12.875  -2.056  1.00 22.40 ? 71  PHE C CG  1 
ATOM   574  C CD1 . PHE A 1 71 ? 2.455   12.226  -1.737  1.00 19.21 ? 71  PHE C CD1 1 
ATOM   575  C CD2 . PHE A 1 71 ? 3.798   14.208  -1.691  1.00 17.08 ? 71  PHE C CD2 1 
ATOM   576  C CE1 . PHE A 1 71 ? 1.423   12.897  -1.065  1.00 19.32 ? 71  PHE C CE1 1 
ATOM   577  C CE2 . PHE A 1 71 ? 2.776   14.884  -1.020  1.00 21.17 ? 71  PHE C CE2 1 
ATOM   578  C CZ  . PHE A 1 71 ? 1.582   14.222  -0.704  1.00 20.10 ? 71  PHE C CZ  1 
ATOM   579  N N   . TYR A 1 72 ? 4.390   12.800  -5.837  1.00 26.64 ? 72  TYR C N   1 
ATOM   580  C CA  . TYR A 1 72 ? 3.874   13.649  -6.910  1.00 23.42 ? 72  TYR C CA  1 
ATOM   581  C C   . TYR A 1 72 ? 3.148   12.825  -7.988  1.00 21.49 ? 72  TYR C C   1 
ATOM   582  O O   . TYR A 1 72 ? 2.069   13.210  -8.474  1.00 21.98 ? 72  TYR C O   1 
ATOM   583  C CB  . TYR A 1 72 ? 5.025   14.467  -7.519  1.00 25.41 ? 72  TYR C CB  1 
ATOM   584  C CG  . TYR A 1 72 ? 4.669   15.165  -8.810  1.00 23.58 ? 72  TYR C CG  1 
ATOM   585  C CD1 . TYR A 1 72 ? 3.992   16.386  -8.804  1.00 25.10 ? 72  TYR C CD1 1 
ATOM   586  C CD2 . TYR A 1 72 ? 4.994   14.594  -10.044 1.00 23.24 ? 72  TYR C CD2 1 
ATOM   587  C CE1 . TYR A 1 72 ? 3.644   17.020  -9.996  1.00 27.37 ? 72  TYR C CE1 1 
ATOM   588  C CE2 . TYR A 1 72 ? 4.648   15.218  -11.241 1.00 25.81 ? 72  TYR C CE2 1 
ATOM   589  C CZ  . TYR A 1 72 ? 3.970   16.427  -11.211 1.00 29.77 ? 72  TYR C CZ  1 
ATOM   590  O OH  . TYR A 1 72 ? 3.572   17.009  -12.387 1.00 30.88 ? 72  TYR C OH  1 
ATOM   591  N N   . ASN A 1 73 ? 3.743   11.702  -8.369  1.00 17.98 ? 73  ASN C N   1 
ATOM   592  C CA  . ASN A 1 73 ? 3.144   10.821  -9.359  1.00 17.74 ? 73  ASN C CA  1 
ATOM   593  C C   . ASN A 1 73 ? 1.861   10.232  -8.790  1.00 21.73 ? 73  ASN C C   1 
ATOM   594  O O   . ASN A 1 73 ? 0.847   10.124  -9.493  1.00 25.55 ? 73  ASN C O   1 
ATOM   595  C CB  . ASN A 1 73 ? 4.096   9.683   -9.720  1.00 19.71 ? 73  ASN C CB  1 
ATOM   596  C CG  . ASN A 1 73 ? 5.332   10.155  -10.475 1.00 27.13 ? 73  ASN C CG  1 
ATOM   597  O OD1 . ASN A 1 73 ? 5.392   11.285  -10.961 1.00 23.69 ? 73  ASN C OD1 1 
ATOM   598  N ND2 . ASN A 1 73 ? 6.335   9.288   -10.561 1.00 19.06 ? 73  ASN C ND2 1 
ATOM   599  N N   . ALA A 1 74 ? 1.897   9.842   -7.515  1.00 22.70 ? 74  ALA C N   1 
ATOM   600  C CA  . ALA A 1 74 ? 0.731   9.258   -6.850  1.00 18.36 ? 74  ALA C CA  1 
ATOM   601  C C   . ALA A 1 74 ? -0.457  10.217  -6.871  1.00 17.83 ? 74  ALA C C   1 
ATOM   602  O O   . ALA A 1 74 ? -1.567  9.820   -7.226  1.00 21.96 ? 74  ALA C O   1 
ATOM   603  C CB  . ALA A 1 74 ? 1.081   8.866   -5.437  1.00 18.62 ? 74  ALA C CB  1 
ATOM   604  N N   . LEU A 1 75 ? -0.200  11.486  -6.554  1.00 20.69 ? 75  LEU C N   1 
ATOM   605  C CA  . LEU A 1 75 ? -1.215  12.550  -6.546  1.00 20.58 ? 75  LEU C CA  1 
ATOM   606  C C   . LEU A 1 75 ? -1.878  12.703  -7.902  1.00 22.00 ? 75  LEU C C   1 
ATOM   607  O O   . LEU A 1 75 ? -3.098  12.887  -7.998  1.00 21.54 ? 75  LEU C O   1 
ATOM   608  C CB  . LEU A 1 75 ? -0.573  13.886  -6.168  1.00 23.21 ? 75  LEU C CB  1 
ATOM   609  C CG  . LEU A 1 75 ? -0.149  14.125  -4.721  1.00 22.28 ? 75  LEU C CG  1 
ATOM   610  C CD1 . LEU A 1 75 ? 0.908   15.226  -4.664  1.00 17.99 ? 75  LEU C CD1 1 
ATOM   611  C CD2 . LEU A 1 75 ? -1.373  14.489  -3.894  1.00 19.72 ? 75  LEU C CD2 1 
ATOM   612  N N   . LEU A 1 76 ? -1.050  12.714  -8.943  1.00 22.66 ? 76  LEU C N   1 
ATOM   613  C CA  . LEU A 1 76 ? -1.532  12.815  -10.317 1.00 25.24 ? 76  LEU C CA  1 
ATOM   614  C C   . LEU A 1 76 ? -2.366  11.600  -10.648 1.00 20.93 ? 76  LEU C C   1 
ATOM   615  O O   . LEU A 1 76 ? -3.508  11.718  -11.090 1.00 19.94 ? 76  LEU C O   1 
ATOM   616  C CB  . LEU A 1 76 ? -0.363  12.841  -11.307 1.00 29.13 ? 76  LEU C CB  1 
ATOM   617  C CG  . LEU A 1 76 ? 0.262   14.185  -11.617 1.00 29.87 ? 76  LEU C CG  1 
ATOM   618  C CD1 . LEU A 1 76 ? 1.483   13.962  -12.485 1.00 27.24 ? 76  LEU C CD1 1 
ATOM   619  C CD2 . LEU A 1 76 ? -0.779  15.056  -12.307 1.00 28.00 ? 76  LEU C CD2 1 
ATOM   620  N N   . HIS A 1 77 ? -1.772  10.428  -10.441 1.00 15.35 ? 77  HIS C N   1 
ATOM   621  C CA  . HIS A 1 77 ? -2.433  9.166   -10.720 1.00 17.08 ? 77  HIS C CA  1 
ATOM   622  C C   . HIS A 1 77 ? -3.737  9.004   -9.965  1.00 18.29 ? 77  HIS C C   1 
ATOM   623  O O   . HIS A 1 77 ? -4.644  8.300   -10.436 1.00 17.14 ? 77  HIS C O   1 
ATOM   624  C CB  . HIS A 1 77 ? -1.503  7.994   -10.413 1.00 19.79 ? 77  HIS C CB  1 
ATOM   625  C CG  . HIS A 1 77 ? -0.394  7.830   -11.406 1.00 25.78 ? 77  HIS C CG  1 
ATOM   626  N ND1 . HIS A 1 77 ? -0.621  7.682   -12.758 1.00 27.57 ? 77  HIS C ND1 1 
ATOM   627  C CD2 . HIS A 1 77 ? 0.949   7.784   -11.246 1.00 27.87 ? 77  HIS C CD2 1 
ATOM   628  C CE1 . HIS A 1 77 ? 0.532   7.553   -13.387 1.00 31.12 ? 77  HIS C CE1 1 
ATOM   629  N NE2 . HIS A 1 77 ? 1.500   7.615   -12.492 1.00 30.81 ? 77  HIS C NE2 1 
ATOM   630  N N   . GLU A 1 78 ? -3.836  9.676   -8.816  1.00 17.73 ? 78  GLU C N   1 
ATOM   631  C CA  . GLU A 1 78 ? -5.024  9.615   -7.979  1.00 19.90 ? 78  GLU C CA  1 
ATOM   632  C C   . GLU A 1 78 ? -6.029  10.739  -8.145  1.00 24.27 ? 78  GLU C C   1 
ATOM   633  O O   . GLU A 1 78 ? -6.999  10.834  -7.388  1.00 31.61 ? 78  GLU C O   1 
ATOM   634  C CB  . GLU A 1 78 ? -4.633  9.440   -6.513  1.00 18.44 ? 78  GLU C CB  1 
ATOM   635  C CG  . GLU A 1 78 ? -4.002  8.057   -6.218  1.00 17.15 ? 78  GLU C CG  1 
ATOM   636  C CD  . GLU A 1 78 ? -4.912  6.878   -6.592  1.00 18.18 ? 78  GLU C CD  1 
ATOM   637  O OE1 . GLU A 1 78 ? -6.150  7.043   -6.667  1.00 23.78 ? 78  GLU C OE1 1 
ATOM   638  O OE2 . GLU A 1 78 ? -4.393  5.767   -6.801  1.00 19.44 ? 78  GLU C OE2 1 
ATOM   639  N N   . GLY A 1 79 ? -5.804  11.596  -9.133  1.00 26.84 ? 79  GLY C N   1 
ATOM   640  C CA  . GLY A 1 79 ? -6.726  12.690  -9.388  1.00 23.94 ? 79  GLY C CA  1 
ATOM   641  C C   . GLY A 1 79 ? -6.493  14.022  -8.689  1.00 18.84 ? 79  GLY C C   1 
ATOM   642  O O   . GLY A 1 79 ? -7.282  14.941  -8.866  1.00 20.43 ? 79  GLY C O   1 
ATOM   643  N N   . TYR A 1 80 ? -5.440  14.143  -7.894  1.00 19.42 ? 80  TYR C N   1 
ATOM   644  C CA  . TYR A 1 80 ? -5.157  15.404  -7.196  1.00 23.71 ? 80  TYR C CA  1 
ATOM   645  C C   . TYR A 1 80 ? -4.333  16.288  -8.106  1.00 23.58 ? 80  TYR C C   1 
ATOM   646  O O   . TYR A 1 80 ? -3.247  16.760  -7.735  1.00 22.71 ? 80  TYR C O   1 
ATOM   647  C CB  . TYR A 1 80 ? -4.387  15.146  -5.902  1.00 23.66 ? 80  TYR C CB  1 
ATOM   648  C CG  . TYR A 1 80 ? -5.124  14.267  -4.942  1.00 22.23 ? 80  TYR C CG  1 
ATOM   649  C CD1 . TYR A 1 80 ? -6.193  14.761  -4.204  1.00 23.63 ? 80  TYR C CD1 1 
ATOM   650  C CD2 . TYR A 1 80 ? -4.772  12.927  -4.791  1.00 23.06 ? 80  TYR C CD2 1 
ATOM   651  C CE1 . TYR A 1 80 ? -6.899  13.938  -3.337  1.00 30.31 ? 80  TYR C CE1 1 
ATOM   652  C CE2 . TYR A 1 80 ? -5.465  12.097  -3.937  1.00 24.75 ? 80  TYR C CE2 1 
ATOM   653  C CZ  . TYR A 1 80 ? -6.530  12.602  -3.211  1.00 31.22 ? 80  TYR C CZ  1 
ATOM   654  O OH  . TYR A 1 80 ? -7.228  11.774  -2.365  1.00 35.23 ? 80  TYR C OH  1 
ATOM   655  N N   . LYS A 1 81 ? -4.878  16.538  -9.288  1.00 24.39 ? 81  LYS C N   1 
ATOM   656  C CA  . LYS A 1 81 ? -4.199  17.327  -10.301 1.00 29.37 ? 81  LYS C CA  1 
ATOM   657  C C   . LYS A 1 81 ? -3.708  18.693  -9.832  1.00 29.66 ? 81  LYS C C   1 
ATOM   658  O O   . LYS A 1 81 ? -2.511  18.980  -9.915  1.00 32.92 ? 81  LYS C O   1 
ATOM   659  C CB  . LYS A 1 81 ? -5.091  17.483  -11.520 1.00 30.50 ? 81  LYS C CB  1 
ATOM   660  C CG  . LYS A 1 81 ? -4.377  18.025  -12.701 1.00 31.69 ? 81  LYS C CG  1 
ATOM   661  C CD  . LYS A 1 81 ? -5.353  18.379  -13.790 1.00 38.21 ? 81  LYS C CD  1 
ATOM   662  C CE  . LYS A 1 81 ? -4.587  18.806  -15.032 1.00 49.80 ? 81  LYS C CE  1 
ATOM   663  N NZ  . LYS A 1 81 ? -3.527  19.829  -14.733 1.00 53.67 ? 81  LYS C NZ  1 
ATOM   664  N N   . ASP A 1 82 ? -4.609  19.512  -9.297  1.00 26.07 ? 82  ASP C N   1 
ATOM   665  C CA  . ASP A 1 82 ? -4.224  20.849  -8.845  1.00 25.43 ? 82  ASP C CA  1 
ATOM   666  C C   . ASP A 1 82 ? -3.112  20.869  -7.803  1.00 26.35 ? 82  ASP C C   1 
ATOM   667  O O   . ASP A 1 82 ? -2.253  21.747  -7.834  1.00 28.64 ? 82  ASP C O   1 
ATOM   668  C CB  . ASP A 1 82 ? -5.436  21.616  -8.324  1.00 25.86 ? 82  ASP C CB  1 
ATOM   669  C CG  . ASP A 1 82 ? -6.515  21.800  -9.379  1.00 29.38 ? 82  ASP C CG  1 
ATOM   670  O OD1 . ASP A 1 82 ? -6.264  21.516  -10.575 1.00 33.06 ? 82  ASP C OD1 1 
ATOM   671  O OD2 . ASP A 1 82 ? -7.627  22.234  -9.004  1.00 30.31 ? 82  ASP C OD2 1 
ATOM   672  N N   . LEU A 1 83 ? -3.112  19.892  -6.902  1.00 29.18 ? 83  LEU C N   1 
ATOM   673  C CA  . LEU A 1 83 ? -2.101  19.807  -5.846  1.00 28.10 ? 83  LEU C CA  1 
ATOM   674  C C   . LEU A 1 83 ? -0.774  19.301  -6.395  1.00 26.03 ? 83  LEU C C   1 
ATOM   675  O O   . LEU A 1 83 ? 0.287   19.607  -5.855  1.00 31.64 ? 83  LEU C O   1 
ATOM   676  C CB  . LEU A 1 83 ? -2.601  18.918  -4.707  1.00 25.11 ? 83  LEU C CB  1 
ATOM   677  C CG  . LEU A 1 83 ? -3.848  19.466  -4.009  1.00 26.45 ? 83  LEU C CG  1 
ATOM   678  C CD1 . LEU A 1 83 ? -4.407  18.444  -3.023  1.00 27.70 ? 83  LEU C CD1 1 
ATOM   679  C CD2 . LEU A 1 83 ? -3.500  20.768  -3.307  1.00 24.08 ? 83  LEU C CD2 1 
ATOM   680  N N   . ALA A 1 84 ? -0.845  18.484  -7.438  1.00 26.47 ? 84  ALA C N   1 
ATOM   681  C CA  . ALA A 1 84 ? 0.353   17.976  -8.092  1.00 27.61 ? 84  ALA C CA  1 
ATOM   682  C C   . ALA A 1 84 ? 0.952   19.162  -8.866  1.00 27.84 ? 84  ALA C C   1 
ATOM   683  O O   . ALA A 1 84 ? 2.171   19.321  -8.959  1.00 27.19 ? 84  ALA C O   1 
ATOM   684  C CB  . ALA A 1 84 ? -0.014  16.855  -9.051  1.00 31.77 ? 84  ALA C CB  1 
ATOM   685  N N   . ALA A 1 85 ? 0.072   20.002  -9.402  1.00 23.24 ? 85  ALA C N   1 
ATOM   686  C CA  . ALA A 1 85 ? 0.479   21.180  -10.141 1.00 23.32 ? 85  ALA C CA  1 
ATOM   687  C C   . ALA A 1 85 ? 1.303   22.088  -9.232  1.00 26.73 ? 85  ALA C C   1 
ATOM   688  O O   . ALA A 1 85 ? 2.406   22.517  -9.593  1.00 30.38 ? 85  ALA C O   1 
ATOM   689  C CB  . ALA A 1 85 ? -0.746  21.915  -10.660 1.00 15.92 ? 85  ALA C CB  1 
ATOM   690  N N   . LEU A 1 86 ? 0.796   22.323  -8.027  1.00 28.74 ? 86  LEU C N   1 
ATOM   691  C CA  . LEU A 1 86 ? 1.473   23.181  -7.064  1.00 26.95 ? 86  LEU C CA  1 
ATOM   692  C C   . LEU A 1 86 ? 2.835   22.658  -6.685  1.00 26.91 ? 86  LEU C C   1 
ATOM   693  O O   . LEU A 1 86 ? 3.729   23.437  -6.342  1.00 37.86 ? 86  LEU C O   1 
ATOM   694  C CB  . LEU A 1 86 ? 0.640   23.356  -5.798  1.00 27.17 ? 86  LEU C CB  1 
ATOM   695  C CG  . LEU A 1 86 ? -0.773  23.923  -5.929  1.00 27.48 ? 86  LEU C CG  1 
ATOM   696  C CD1 . LEU A 1 86 ? -1.345  24.138  -4.531  1.00 28.28 ? 86  LEU C CD1 1 
ATOM   697  C CD2 . LEU A 1 86 ? -0.765  25.225  -6.722  1.00 26.73 ? 86  LEU C CD2 1 
ATOM   698  N N   . LEU A 1 87 ? 2.992   21.343  -6.716  1.00 30.00 ? 87  LEU C N   1 
ATOM   699  C CA  . LEU A 1 87 ? 4.265   20.714  -6.364  1.00 27.41 ? 87  LEU C CA  1 
ATOM   700  C C   . LEU A 1 87 ? 5.205   20.580  -7.550  1.00 26.78 ? 87  LEU C C   1 
ATOM   701  O O   . LEU A 1 87 ? 6.370   20.206  -7.375  1.00 23.04 ? 87  LEU C O   1 
ATOM   702  C CB  . LEU A 1 87 ? 4.040   19.320  -5.768  1.00 30.62 ? 87  LEU C CB  1 
ATOM   703  C CG  . LEU A 1 87 ? 3.250   19.139  -4.475  1.00 31.22 ? 87  LEU C CG  1 
ATOM   704  C CD1 . LEU A 1 87 ? 3.307   17.669  -4.153  1.00 33.13 ? 87  LEU C CD1 1 
ATOM   705  C CD2 . LEU A 1 87 ? 3.849   19.941  -3.324  1.00 29.49 ? 87  LEU C CD2 1 
ATOM   706  N N   . HIS A 1 88 ? 4.717   20.880  -8.757  1.00 29.28 ? 88  HIS C N   1 
ATOM   707  C CA  . HIS A 1 88 ? 5.555   20.762  -9.943  1.00 26.06 ? 88  HIS C CA  1 
ATOM   708  C C   . HIS A 1 88 ? 6.813   21.587  -9.811  1.00 27.66 ? 88  HIS C C   1 
ATOM   709  O O   . HIS A 1 88 ? 7.867   21.229  -10.333 1.00 27.75 ? 88  HIS C O   1 
ATOM   710  C CB  . HIS A 1 88 ? 4.823   21.160  -11.207 1.00 24.10 ? 88  HIS C CB  1 
ATOM   711  C CG  . HIS A 1 88 ? 5.533   20.727  -12.451 1.00 33.48 ? 88  HIS C CG  1 
ATOM   712  N ND1 . HIS A 1 88 ? 6.720   21.299  -12.869 1.00 29.84 ? 88  HIS C ND1 1 
ATOM   713  C CD2 . HIS A 1 88 ? 5.276   19.724  -13.320 1.00 31.93 ? 88  HIS C CD2 1 
ATOM   714  C CE1 . HIS A 1 88 ? 7.160   20.661  -13.936 1.00 31.09 ? 88  HIS C CE1 1 
ATOM   715  N NE2 . HIS A 1 88 ? 6.304   19.698  -14.231 1.00 31.43 ? 88  HIS C NE2 1 
ATOM   716  N N   . ASP A 1 89 ? 6.677   22.699  -9.109  1.00 30.63 ? 89  ASP C N   1 
ATOM   717  C CA  . ASP A 1 89 ? 7.762   23.625  -8.841  1.00 33.95 ? 89  ASP C CA  1 
ATOM   718  C C   . ASP A 1 89 ? 8.958   22.944  -8.141  1.00 32.97 ? 89  ASP C C   1 
ATOM   719  O O   . ASP A 1 89 ? 10.103  23.131  -8.546  1.00 32.88 ? 89  ASP C O   1 
ATOM   720  C CB  . ASP A 1 89 ? 7.197   24.733  -7.945  1.00 43.04 ? 89  ASP C CB  1 
ATOM   721  C CG  . ASP A 1 89 ? 7.970   26.028  -8.039  1.00 51.78 ? 89  ASP C CG  1 
ATOM   722  O OD1 . ASP A 1 89 ? 9.135   26.069  -7.580  1.00 58.48 ? 89  ASP C OD1 1 
ATOM   723  O OD2 . ASP A 1 89 ? 7.390   27.018  -8.543  1.00 54.61 ? 89  ASP C OD2 1 
ATOM   724  N N   . GLY A 1 90 ? 8.659   22.103  -7.149  1.00 33.89 ? 90  GLY C N   1 
ATOM   725  C CA  . GLY A 1 90 ? 9.661   21.422  -6.335  1.00 30.27 ? 90  GLY C CA  1 
ATOM   726  C C   . GLY A 1 90 ? 10.675  20.415  -6.852  1.00 34.20 ? 90  GLY C C   1 
ATOM   727  O O   . GLY A 1 90 ? 11.585  20.073  -6.100  1.00 34.53 ? 90  GLY C O   1 
ATOM   728  N N   . ILE A 1 91 ? 10.503  19.915  -8.073  1.00 40.60 ? 91  ILE C N   1 
ATOM   729  C CA  . ILE A 1 91 ? 11.411  18.949  -8.738  1.00 46.71 ? 91  ILE C CA  1 
ATOM   730  C C   . ILE A 1 91 ? 10.811  18.028  -9.825  1.00 52.55 ? 91  ILE C C   1 
ATOM   731  O O   . ILE A 1 91 ? 11.561  17.329  -10.508 1.00 60.40 ? 91  ILE C O   1 
ATOM   732  C CB  . ILE A 1 91 ? 12.254  18.060  -7.746  1.00 45.19 ? 91  ILE C CB  1 
ATOM   733  C CG1 . ILE A 1 91 ? 13.500  17.507  -8.447  1.00 46.63 ? 91  ILE C CG1 1 
ATOM   734  C CG2 . ILE A 1 91 ? 11.421  16.905  -7.192  1.00 50.61 ? 91  ILE C CG2 1 
ATOM   735  C CD1 . ILE A 1 91 ? 14.233  16.442  -7.656  1.00 44.38 ? 91  ILE C CD1 1 
ATOM   736  N N   . PRO A 1 92 ? 9.474   18.013  -10.009 1.00 53.80 ? 92  PRO C N   1 
ATOM   737  C CA  . PRO A 1 92 ? 8.790   16.822  -10.615 1.00 57.85 ? 92  PRO C CA  1 
ATOM   738  C C   . PRO A 1 92 ? 9.502   16.268  -11.853 1.00 64.63 ? 92  PRO C C   1 
ATOM   739  O O   . PRO A 1 92 ? 9.815   16.991  -12.825 1.00 66.89 ? 92  PRO C O   1 
ATOM   740  C CB  . PRO A 1 92 ? 7.471   17.484  -10.960 1.00 52.53 ? 92  PRO C CB  1 
ATOM   741  C CG  . PRO A 1 92 ? 7.096   17.995  -9.658  1.00 54.40 ? 92  PRO C CG  1 
ATOM   742  C CD  . PRO A 1 92 ? 8.382   18.650  -9.149  1.00 54.54 ? 92  PRO C CD  1 
ATOM   743  N N   . VAL A 1 93 ? 9.748   14.962  -11.766 1.00 66.72 ? 93  VAL C N   1 
ATOM   744  C CA  . VAL A 1 93 ? 10.365  14.125  -12.792 1.00 65.40 ? 93  VAL C CA  1 
ATOM   745  C C   . VAL A 1 93 ? 9.295   13.034  -12.891 1.00 58.23 ? 93  VAL C C   1 
ATOM   746  O O   . VAL A 1 93 ? 8.451   12.923  -12.001 1.00 60.20 ? 93  VAL C O   1 
ATOM   747  C CB  . VAL A 1 93 ? 11.738  13.512  -12.313 1.00 69.79 ? 93  VAL C CB  1 
ATOM   748  C CG1 . VAL A 1 93 ? 12.334  12.599  -13.383 1.00 69.53 ? 93  VAL C CG1 1 
ATOM   749  C CG2 . VAL A 1 93 ? 12.744  14.624  -11.976 1.00 70.12 ? 93  VAL C CG2 1 
ATOM   750  N N   . VAL A 1 94 ? 9.300   12.239  -13.955 1.00 53.80 ? 94  VAL C N   1 
ATOM   751  C CA  . VAL A 1 94 ? 8.284   11.202  -14.123 1.00 48.37 ? 94  VAL C CA  1 
ATOM   752  C C   . VAL A 1 94 ? 6.918   11.903  -14.085 1.00 43.62 ? 94  VAL C C   1 
ATOM   753  O O   . VAL A 1 94 ? 6.860   13.128  -13.995 1.00 46.08 ? 94  VAL C O   1 
ATOM   754  C CB  . VAL A 1 94 ? 8.383   10.120  -12.999 1.00 45.63 ? 94  VAL C CB  1 
ATOM   755  C CG1 . VAL A 1 94 ? 7.686   8.820   -13.424 1.00 47.12 ? 94  VAL C CG1 1 
ATOM   756  C CG2 . VAL A 1 94 ? 9.840   9.833   -12.661 1.00 45.23 ? 94  VAL C CG2 1 
ATOM   757  N N   . SER A 1 95 ? 5.829   11.148  -14.209 1.00 45.86 ? 95  SER C N   1 
ATOM   758  C CA  . SER A 1 95 ? 4.485   11.718  -14.170 1.00 44.45 ? 95  SER C CA  1 
ATOM   759  C C   . SER A 1 95 ? 3.376   10.662  -14.101 1.00 45.46 ? 95  SER C C   1 
ATOM   760  O O   . SER A 1 95 ? 3.586   9.609   -13.448 1.00 46.33 ? 95  SER C O   1 
ATOM   761  C CB  . SER A 1 95 ? 4.265   12.690  -15.346 1.00 44.36 ? 95  SER C CB  1 
ATOM   762  O OG  . SER A 1 95 ? 4.857   12.233  -16.549 1.00 45.68 ? 95  SER C OG  1 
ATOM   763  O OXT . SER A 1 95 ? 2.287   10.912  -14.662 1.00 43.39 ? 95  SER C OXT 1 
ATOM   764  N N   . SER B 2 1  ? 9.674   -15.027 10.473  1.00 40.11 ? 1   SER P N   1 
ATOM   765  C CA  . SER B 2 1  ? 9.169   -16.225 9.756   1.00 38.39 ? 1   SER P CA  1 
ATOM   766  C C   . SER B 2 1  ? 9.073   -16.013 8.246   1.00 35.24 ? 1   SER P C   1 
ATOM   767  O O   . SER B 2 1  ? 9.712   -16.747 7.497   1.00 36.89 ? 1   SER P O   1 
ATOM   768  C CB  . SER B 2 1  ? 7.825   -16.662 10.338  1.00 44.53 ? 1   SER P CB  1 
ATOM   769  O OG  . SER B 2 1  ? 7.978   -17.195 11.643  1.00 45.45 ? 1   SER P OG  1 
ATOM   770  N N   . MET B 2 2  ? 8.251   -15.070 7.785   1.00 30.73 ? 2   MET P N   1 
ATOM   771  C CA  . MET B 2 2  ? 8.171   -14.823 6.337   1.00 29.27 ? 2   MET P CA  1 
ATOM   772  C C   . MET B 2 2  ? 9.470   -14.122 5.927   1.00 26.83 ? 2   MET P C   1 
ATOM   773  O O   . MET B 2 2  ? 9.807   -13.074 6.489   1.00 27.74 ? 2   MET P O   1 
ATOM   774  C CB  . MET B 2 2  ? 6.979   -13.924 5.965   1.00 27.28 ? 2   MET P CB  1 
ATOM   775  C CG  . MET B 2 2  ? 6.868   -13.694 4.445   1.00 23.74 ? 2   MET P CG  1 
ATOM   776  S SD  . MET B 2 2  ? 5.713   -12.422 3.872   1.00 25.02 ? 2   MET P SD  1 
ATOM   777  C CE  . MET B 2 2  ? 4.366   -13.378 3.311   1.00 14.67 ? 2   MET P CE  1 
ATOM   778  N N   . ASP B 2 3  ? 10.194  -14.677 4.959   1.00 20.86 ? 3   ASP P N   1 
ATOM   779  C CA  . ASP B 2 3  ? 11.448  -14.057 4.558   1.00 23.58 ? 3   ASP P CA  1 
ATOM   780  C C   . ASP B 2 3  ? 11.306  -12.712 3.838   1.00 29.64 ? 3   ASP P C   1 
ATOM   781  O O   . ASP B 2 3  ? 10.221  -12.362 3.344   1.00 32.48 ? 3   ASP P O   1 
ATOM   782  C CB  . ASP B 2 3  ? 12.331  -15.031 3.767   1.00 23.24 ? 3   ASP P CB  1 
ATOM   783  C CG  . ASP B 2 3  ? 11.719  -15.475 2.444   1.00 27.26 ? 3   ASP P CG  1 
ATOM   784  O OD1 . ASP B 2 3  ? 10.820  -14.787 1.915   1.00 30.15 ? 3   ASP P OD1 1 
ATOM   785  O OD2 . ASP B 2 3  ? 12.173  -16.517 1.915   1.00 27.81 ? 3   ASP P OD2 1 
ATOM   786  N N   . GLU B 2 4  ? 12.420  -11.988 3.724   1.00 31.84 ? 4   GLU P N   1 
ATOM   787  C CA  . GLU B 2 4  ? 12.439  -10.675 3.084   1.00 32.17 ? 4   GLU P CA  1 
ATOM   788  C C   . GLU B 2 4  ? 12.025  -10.682 1.624   1.00 27.01 ? 4   GLU P C   1 
ATOM   789  O O   . GLU B 2 4  ? 11.391  -9.740  1.164   1.00 28.38 ? 4   GLU P O   1 
ATOM   790  C CB  . GLU B 2 4  ? 13.811  -10.001 3.243   1.00 37.80 ? 4   GLU P CB  1 
ATOM   791  C CG  . GLU B 2 4  ? 13.909  -8.576  2.654   1.00 48.97 ? 4   GLU P CG  1 
ATOM   792  C CD  . GLU B 2 4  ? 12.886  -7.581  3.242   1.00 56.47 ? 4   GLU P CD  1 
ATOM   793  O OE1 . GLU B 2 4  ? 11.709  -7.583  2.799   1.00 60.03 ? 4   GLU P OE1 1 
ATOM   794  O OE2 . GLU B 2 4  ? 13.261  -6.779  4.131   1.00 57.99 ? 4   GLU P OE2 1 
ATOM   795  N N   . ALA B 2 5  ? 12.366  -11.735 0.895   1.00 24.87 ? 5   ALA P N   1 
ATOM   796  C CA  . ALA B 2 5  ? 11.999  -11.818 -0.514  1.00 22.00 ? 5   ALA P CA  1 
ATOM   797  C C   . ALA B 2 5  ? 10.486  -11.766 -0.679  1.00 24.12 ? 5   ALA P C   1 
ATOM   798  O O   . ALA B 2 5  ? 9.975   -11.035 -1.519  1.00 27.84 ? 5   ALA P O   1 
ATOM   799  C CB  . ALA B 2 5  ? 12.542  -13.084 -1.125  1.00 22.07 ? 5   ALA P CB  1 
ATOM   800  N N   . ASP B 2 6  ? 9.767   -12.511 0.153   1.00 26.10 ? 6   ASP P N   1 
ATOM   801  C CA  . ASP B 2 6  ? 8.317   -12.541 0.082   1.00 22.60 ? 6   ASP P CA  1 
ATOM   802  C C   . ASP B 2 6  ? 7.709   -11.265 0.614   1.00 20.71 ? 6   ASP P C   1 
ATOM   803  O O   . ASP B 2 6  ? 6.659   -10.843 0.140   1.00 24.56 ? 6   ASP P O   1 
ATOM   804  C CB  . ASP B 2 6  ? 7.755   -13.735 0.853   1.00 27.84 ? 6   ASP P CB  1 
ATOM   805  C CG  . ASP B 2 6  ? 8.073   -15.063 0.196   1.00 31.90 ? 6   ASP P CG  1 
ATOM   806  O OD1 . ASP B 2 6  ? 8.338   -15.079 -1.028  1.00 38.66 ? 6   ASP P OD1 1 
ATOM   807  O OD2 . ASP B 2 6  ? 8.053   -16.096 0.903   1.00 33.34 ? 6   ASP P OD2 1 
ATOM   808  N N   . ARG B 2 7  ? 8.336   -10.665 1.615   1.00 20.41 ? 7   ARG P N   1 
ATOM   809  C CA  . ARG B 2 7  ? 7.810   -9.428  2.176   1.00 25.84 ? 7   ARG P CA  1 
ATOM   810  C C   . ARG B 2 7  ? 7.990   -8.316  1.146   1.00 28.54 ? 7   ARG P C   1 
ATOM   811  O O   . ARG B 2 7  ? 7.065   -7.547  0.871   1.00 31.33 ? 7   ARG P O   1 
ATOM   812  C CB  . ARG B 2 7  ? 8.517   -9.088  3.495   1.00 29.36 ? 7   ARG P CB  1 
ATOM   813  C CG  . ARG B 2 7  ? 8.484   -10.230 4.514   1.00 30.78 ? 7   ARG P CG  1 
ATOM   814  C CD  . ARG B 2 7  ? 9.278   -9.922  5.770   1.00 33.51 ? 7   ARG P CD  1 
ATOM   815  N NE  . ARG B 2 7  ? 8.466   -9.249  6.778   1.00 45.65 ? 7   ARG P NE  1 
ATOM   816  C CZ  . ARG B 2 7  ? 7.942   -9.848  7.851   1.00 51.04 ? 7   ARG P CZ  1 
ATOM   817  N NH1 . ARG B 2 7  ? 8.147   -11.143 8.063   1.00 49.45 ? 7   ARG P NH1 1 
ATOM   818  N NH2 . ARG B 2 7  ? 7.199   -9.151  8.711   1.00 51.56 ? 7   ARG P NH2 1 
ATOM   819  N N   . ARG B 2 8  ? 9.166   -8.284  0.527   1.00 28.92 ? 8   ARG P N   1 
ATOM   820  C CA  . ARG B 2 8  ? 9.498   -7.300  -0.497  1.00 26.73 ? 8   ARG P CA  1 
ATOM   821  C C   . ARG B 2 8  ? 8.558   -7.472  -1.697  1.00 26.37 ? 8   ARG P C   1 
ATOM   822  O O   . ARG B 2 8  ? 8.056   -6.489  -2.254  1.00 29.45 ? 8   ARG P O   1 
ATOM   823  C CB  . ARG B 2 8  ? 10.949  -7.498  -0.936  1.00 29.15 ? 8   ARG P CB  1 
ATOM   824  C CG  . ARG B 2 8  ? 11.564  -6.331  -1.658  1.00 30.09 ? 8   ARG P CG  1 
ATOM   825  C CD  . ARG B 2 8  ? 12.915  -6.716  -2.256  1.00 38.11 ? 8   ARG P CD  1 
ATOM   826  N NE  . ARG B 2 8  ? 13.990  -6.905  -1.279  1.00 42.95 ? 8   ARG P NE  1 
ATOM   827  C CZ  . ARG B 2 8  ? 14.384  -5.992  -0.393  1.00 46.55 ? 8   ARG P CZ  1 
ATOM   828  N NH1 . ARG B 2 8  ? 13.791  -4.805  -0.323  1.00 53.74 ? 8   ARG P NH1 1 
ATOM   829  N NH2 . ARG B 2 8  ? 15.417  -6.243  0.397   1.00 47.48 ? 8   ARG P NH2 1 
ATOM   830  N N   . LEU B 2 9  ? 8.303   -8.724  -2.070  1.00 22.06 ? 9   LEU P N   1 
ATOM   831  C CA  . LEU B 2 9  ? 7.424   -9.053  -3.187  1.00 21.89 ? 9   LEU P CA  1 
ATOM   832  C C   . LEU B 2 9  ? 6.008   -8.544  -2.936  1.00 28.31 ? 9   LEU P C   1 
ATOM   833  O O   . LEU B 2 9  ? 5.362   -8.022  -3.850  1.00 30.99 ? 9   LEU P O   1 
ATOM   834  C CB  . LEU B 2 9  ? 7.408   -10.567 -3.420  1.00 17.30 ? 9   LEU P CB  1 
ATOM   835  C CG  . LEU B 2 9  ? 6.865   -11.149 -4.728  1.00 15.95 ? 9   LEU P CG  1 
ATOM   836  C CD1 . LEU B 2 9  ? 5.642   -11.985 -4.465  1.00 12.35 ? 9   LEU P CD1 1 
ATOM   837  C CD2 . LEU B 2 9  ? 6.556   -10.036 -5.714  1.00 18.98 ? 9   LEU P CD2 1 
ATOM   838  N N   . LEU B 2 10 ? 5.526   -8.683  -1.702  1.00 30.50 ? 10  LEU P N   1 
ATOM   839  C CA  . LEU B 2 10 ? 4.185   -8.212  -1.361  1.00 32.03 ? 10  LEU P CA  1 
ATOM   840  C C   . LEU B 2 10 ? 4.124   -6.688  -1.350  1.00 30.89 ? 10  LEU P C   1 
ATOM   841  O O   . LEU B 2 10 ? 3.058   -6.098  -1.562  1.00 33.30 ? 10  LEU P O   1 
ATOM   842  C CB  . LEU B 2 10 ? 3.703   -8.791  -0.027  1.00 28.42 ? 10  LEU P CB  1 
ATOM   843  C CG  . LEU B 2 10 ? 3.406   -10.295 0.000   1.00 28.26 ? 10  LEU P CG  1 
ATOM   844  C CD1 . LEU B 2 10 ? 2.976   -10.662 1.414   1.00 27.52 ? 10  LEU P CD1 1 
ATOM   845  C CD2 . LEU B 2 10 ? 2.325   -10.679 -1.020  1.00 20.57 ? 10  LEU P CD2 1 
ATOM   846  N N   . ARG B 2 11 ? 5.267   -6.055  -1.100  1.00 28.80 ? 11  ARG P N   1 
ATOM   847  C CA  . ARG B 2 11 ? 5.342   -4.595  -1.115  1.00 26.03 ? 11  ARG P CA  1 
ATOM   848  C C   . ARG B 2 11 ? 5.387   -4.079  -2.563  1.00 24.18 ? 11  ARG P C   1 
ATOM   849  O O   . ARG B 2 11 ? 4.495   -3.347  -2.978  1.00 27.22 ? 11  ARG P O   1 
ATOM   850  C CB  . ARG B 2 11 ? 6.539   -4.093  -0.315  1.00 24.57 ? 11  ARG P CB  1 
ATOM   851  C CG  . ARG B 2 11 ? 6.430   -4.351  1.186   1.00 30.98 ? 11  ARG P CG  1 
ATOM   852  C CD  . ARG B 2 11 ? 7.400   -3.481  1.978   1.00 29.82 ? 11  ARG P CD  1 
ATOM   853  N NE  . ARG B 2 11 ? 8.786   -3.640  1.541   1.00 32.38 ? 11  ARG P NE  1 
ATOM   854  C CZ  . ARG B 2 11 ? 9.568   -4.669  1.863   1.00 33.73 ? 11  ARG P CZ  1 
ATOM   855  N NH1 . ARG B 2 11 ? 9.107   -5.647  2.629   1.00 37.26 ? 11  ARG P NH1 1 
ATOM   856  N NH2 . ARG B 2 11 ? 10.823  -4.714  1.433   1.00 39.78 ? 11  ARG P NH2 1 
ATOM   857  N N   . ARG B 2 12 ? 6.355   -4.524  -3.360  1.00 20.72 ? 12  ARG P N   1 
ATOM   858  C CA  . ARG B 2 12 ? 6.441   -4.075  -4.758  1.00 25.76 ? 12  ARG P CA  1 
ATOM   859  C C   . ARG B 2 12 ? 5.165   -4.360  -5.558  1.00 25.49 ? 12  ARG P C   1 
ATOM   860  O O   . ARG B 2 12 ? 4.862   -3.632  -6.512  1.00 24.48 ? 12  ARG P O   1 
ATOM   861  C CB  . ARG B 2 12 ? 7.645   -4.691  -5.479  1.00 26.06 ? 12  ARG P CB  1 
ATOM   862  C CG  . ARG B 2 12 ? 8.951   -4.572  -4.717  1.00 30.02 ? 12  ARG P CG  1 
ATOM   863  C CD  . ARG B 2 12 ? 9.196   -3.142  -4.228  1.00 32.05 ? 12  ARG P CD  1 
ATOM   864  N NE  . ARG B 2 12 ? 9.078   -2.176  -5.314  1.00 32.01 ? 12  ARG P NE  1 
ATOM   865  C CZ  . ARG B 2 12 ? 9.827   -2.174  -6.416  1.00 36.14 ? 12  ARG P CZ  1 
ATOM   866  N NH1 . ARG B 2 12 ? 10.784  -3.080  -6.594  1.00 34.91 ? 12  ARG P NH1 1 
ATOM   867  N NH2 . ARG B 2 12 ? 9.560   -1.310  -7.385  1.00 38.65 ? 12  ARG P NH2 1 
ATOM   868  N N   . CYS B 2 13 ? 4.431   -5.411  -5.173  1.00 25.31 ? 13  CYS P N   1 
ATOM   869  C CA  . CYS B 2 13 ? 3.172   -5.784  -5.839  1.00 25.99 ? 13  CYS P CA  1 
ATOM   870  C C   . CYS B 2 13 ? 1.921   -5.194  -5.190  1.00 22.09 ? 13  CYS P C   1 
ATOM   871  O O   . CYS B 2 13 ? 0.807   -5.554  -5.567  1.00 25.51 ? 13  CYS P O   1 
ATOM   872  C CB  . CYS B 2 13 ? 3.006   -7.305  -5.907  1.00 20.28 ? 13  CYS P CB  1 
ATOM   873  S SG  . CYS B 2 13 ? 4.269   -8.137  -6.863  1.00 36.56 ? 13  CYS P SG  1 
ATOM   874  N N   . ARG B 2 14 ? 2.088   -4.274  -4.247  1.00 20.38 ? 14  ARG P N   1 
ATOM   875  C CA  . ARG B 2 14 ? 0.952   -3.664  -3.570  1.00 21.18 ? 14  ARG P CA  1 
ATOM   876  C C   . ARG B 2 14 ? -0.213  -3.223  -4.458  1.00 22.93 ? 14  ARG P C   1 
ATOM   877  O O   . ARG B 2 14 ? -1.358  -3.626  -4.220  1.00 29.24 ? 14  ARG P O   1 
ATOM   878  C CB  . ARG B 2 14 ? 1.399   -2.484  -2.709  1.00 22.35 ? 14  ARG P CB  1 
ATOM   879  C CG  . ARG B 2 14 ? 0.241   -1.673  -2.132  1.00 22.14 ? 14  ARG P CG  1 
ATOM   880  C CD  . ARG B 2 14 ? -0.637  -2.493  -1.185  1.00 26.99 ? 14  ARG P CD  1 
ATOM   881  N NE  . ARG B 2 14 ? -0.649  -1.934  0.169   1.00 27.29 ? 14  ARG P NE  1 
ATOM   882  C CZ  . ARG B 2 14 ? 0.123   -2.360  1.163   1.00 27.32 ? 14  ARG P CZ  1 
ATOM   883  N NH1 . ARG B 2 14 ? 0.977   -3.367  0.980   1.00 39.08 ? 14  ARG P NH1 1 
ATOM   884  N NH2 . ARG B 2 14 ? 0.075   -1.757  2.334   1.00 31.61 ? 14  ARG P NH2 1 
ATOM   885  N N   . LEU B 2 15 ? 0.055   -2.410  -5.476  1.00 21.25 ? 15  LEU P N   1 
ATOM   886  C CA  . LEU B 2 15 ? -1.022  -1.921  -6.344  1.00 15.53 ? 15  LEU P CA  1 
ATOM   887  C C   . LEU B 2 15 ? -1.767  -2.979  -7.129  1.00 14.60 ? 15  LEU P C   1 
ATOM   888  O O   . LEU B 2 15 ? -2.990  -2.986  -7.160  1.00 20.74 ? 15  LEU P O   1 
ATOM   889  C CB  . LEU B 2 15 ? -0.508  -0.841  -7.286  1.00 18.48 ? 15  LEU P CB  1 
ATOM   890  C CG  . LEU B 2 15 ? -0.689  0.580   -6.762  1.00 17.65 ? 15  LEU P CG  1 
ATOM   891  C CD1 . LEU B 2 15 ? 0.166   1.489   -7.561  1.00 22.13 ? 15  LEU P CD1 1 
ATOM   892  C CD2 . LEU B 2 15 ? -2.146  1.006   -6.834  1.00 13.45 ? 15  LEU P CD2 1 
ATOM   893  N N   . ARG B 2 16 ? -1.028  -3.858  -7.789  1.00 15.41 ? 16  ARG P N   1 
ATOM   894  C CA  . ARG B 2 16 ? -1.625  -4.918  -8.574  1.00 16.29 ? 16  ARG P CA  1 
ATOM   895  C C   . ARG B 2 16 ? -2.568  -5.729  -7.693  1.00 17.32 ? 16  ARG P C   1 
ATOM   896  O O   . ARG B 2 16 ? -3.695  -6.042  -8.077  1.00 19.30 ? 16  ARG P O   1 
ATOM   897  C CB  . ARG B 2 16 ? -0.524  -5.814  -9.122  1.00 22.00 ? 16  ARG P CB  1 
ATOM   898  C CG  . ARG B 2 16 ? -1.037  -7.046  -9.816  1.00 29.33 ? 16  ARG P CG  1 
ATOM   899  C CD  . ARG B 2 16 ? 0.116   -7.942  -10.238 1.00 37.46 ? 16  ARG P CD  1 
ATOM   900  N NE  . ARG B 2 16 ? 0.841   -7.406  -11.385 1.00 42.04 ? 16  ARG P NE  1 
ATOM   901  C CZ  . ARG B 2 16 ? 0.453   -7.561  -12.646 1.00 41.50 ? 16  ARG P CZ  1 
ATOM   902  N NH1 . ARG B 2 16 ? -0.652  -8.241  -12.931 1.00 41.50 ? 16  ARG P NH1 1 
ATOM   903  N NH2 . ARG B 2 16 ? 1.171   -7.031  -13.621 1.00 41.99 ? 16  ARG P NH2 1 
ATOM   904  N N   . LEU B 2 17 ? -2.094  -6.029  -6.490  1.00 20.34 ? 17  LEU P N   1 
ATOM   905  C CA  . LEU B 2 17 ? -2.844  -6.789  -5.501  1.00 17.16 ? 17  LEU P CA  1 
ATOM   906  C C   . LEU B 2 17 ? -4.100  -6.086  -5.015  1.00 15.43 ? 17  LEU P C   1 
ATOM   907  O O   . LEU B 2 17 ? -5.193  -6.633  -5.119  1.00 17.92 ? 17  LEU P O   1 
ATOM   908  C CB  . LEU B 2 17 ? -1.948  -7.108  -4.307  1.00 16.34 ? 17  LEU P CB  1 
ATOM   909  C CG  . LEU B 2 17 ? -0.952  -8.233  -4.565  1.00 17.59 ? 17  LEU P CG  1 
ATOM   910  C CD1 . LEU B 2 17 ? 0.122   -8.253  -3.481  1.00 18.08 ? 17  LEU P CD1 1 
ATOM   911  C CD2 . LEU B 2 17 ? -1.708  -9.545  -4.628  1.00 18.84 ? 17  LEU P CD2 1 
ATOM   912  N N   . VAL B 2 18 ? -3.961  -4.881  -4.478  1.00 16.45 ? 18  VAL P N   1 
ATOM   913  C CA  . VAL B 2 18 ? -5.134  -4.175  -3.985  1.00 18.94 ? 18  VAL P CA  1 
ATOM   914  C C   . VAL B 2 18 ? -6.092  -3.800  -5.109  1.00 20.50 ? 18  VAL P C   1 
ATOM   915  O O   . VAL B 2 18 ? -7.236  -3.443  -4.854  1.00 20.27 ? 18  VAL P O   1 
ATOM   916  C CB  . VAL B 2 18 ? -4.780  -2.918  -3.142  1.00 18.36 ? 18  VAL P CB  1 
ATOM   917  C CG1 . VAL B 2 18 ? -3.895  -3.290  -1.961  1.00 18.12 ? 18  VAL P CG1 1 
ATOM   918  C CG2 . VAL B 2 18 ? -4.112  -1.883  -3.988  1.00 24.71 ? 18  VAL P CG2 1 
ATOM   919  N N   . GLU B 2 19 ? -5.626  -3.846  -6.349  1.00 20.73 ? 19  GLU P N   1 
ATOM   920  C CA  . GLU B 2 19 ? -6.490  -3.525  -7.481  1.00 21.90 ? 19  GLU P CA  1 
ATOM   921  C C   . GLU B 2 19 ? -7.229  -4.750  -7.970  1.00 18.69 ? 19  GLU P C   1 
ATOM   922  O O   . GLU B 2 19 ? -8.360  -4.652  -8.447  1.00 16.58 ? 19  GLU P O   1 
ATOM   923  C CB  . GLU B 2 19 ? -5.677  -2.966  -8.661  1.00 24.06 ? 19  GLU P CB  1 
ATOM   924  C CG  . GLU B 2 19 ? -5.280  -1.513  -8.537  1.00 31.74 ? 19  GLU P CG  1 
ATOM   925  C CD  . GLU B 2 19 ? -4.310  -1.048  -9.618  1.00 36.24 ? 19  GLU P CD  1 
ATOM   926  O OE1 . GLU B 2 19 ? -3.903  -1.857  -10.480 1.00 37.15 ? 19  GLU P OE1 1 
ATOM   927  O OE2 . GLU B 2 19 ? -3.944  0.148   -9.593  1.00 42.89 ? 19  GLU P OE2 1 
ATOM   928  N N   . GLU B 2 20 ? -6.575  -5.904  -7.872  1.00 21.45 ? 20  GLU P N   1 
ATOM   929  C CA  . GLU B 2 20 ? -7.138  -7.156  -8.366  1.00 25.34 ? 20  GLU P CA  1 
ATOM   930  C C   . GLU B 2 20 ? -7.767  -8.170  -7.400  1.00 19.15 ? 20  GLU P C   1 
ATOM   931  O O   . GLU B 2 20 ? -8.659  -8.925  -7.795  1.00 20.30 ? 20  GLU P O   1 
ATOM   932  C CB  . GLU B 2 20 ? -6.094  -7.864  -9.248  1.00 30.65 ? 20  GLU P CB  1 
ATOM   933  C CG  . GLU B 2 20 ? -5.577  -7.018  -10.410 1.00 32.72 ? 20  GLU P CG  1 
ATOM   934  C CD  . GLU B 2 20 ? -4.656  -7.778  -11.363 1.00 39.88 ? 20  GLU P CD  1 
ATOM   935  O OE1 . GLU B 2 20 ? -4.715  -9.033  -11.441 1.00 40.08 ? 20  GLU P OE1 1 
ATOM   936  O OE2 . GLU B 2 20 ? -3.878  -7.096  -12.062 1.00 44.23 ? 20  GLU P OE2 1 
ATOM   937  N N   . LEU B 2 21 ? -7.322  -8.198  -6.152  1.00 18.10 ? 21  LEU P N   1 
ATOM   938  C CA  . LEU B 2 21 ? -7.854  -9.164  -5.191  1.00 20.09 ? 21  LEU P CA  1 
ATOM   939  C C   . LEU B 2 21 ? -9.367  -9.192  -4.995  1.00 15.64 ? 21  LEU P C   1 
ATOM   940  O O   . LEU B 2 21 ? -9.978  -8.172  -4.720  1.00 18.85 ? 21  LEU P O   1 
ATOM   941  C CB  . LEU B 2 21 ? -7.208  -8.984  -3.812  1.00 22.90 ? 21  LEU P CB  1 
ATOM   942  C CG  . LEU B 2 21 ? -6.370  -10.098 -3.163  1.00 17.19 ? 21  LEU P CG  1 
ATOM   943  C CD1 . LEU B 2 21 ? -6.489  -9.971  -1.651  1.00 13.94 ? 21  LEU P CD1 1 
ATOM   944  C CD2 . LEU B 2 21 ? -6.822  -11.464 -3.600  1.00 9.87  ? 21  LEU P CD2 1 
ATOM   945  N N   . GLN B 2 22 ? -9.940  -10.387 -5.086  1.00 16.12 ? 22  GLN P N   1 
ATOM   946  C CA  . GLN B 2 22 ? -11.362 -10.631 -4.864  1.00 17.24 ? 22  GLN P CA  1 
ATOM   947  C C   . GLN B 2 22 ? -11.406 -11.406 -3.547  1.00 17.98 ? 22  GLN P C   1 
ATOM   948  O O   . GLN B 2 22 ? -11.010 -12.568 -3.505  1.00 22.59 ? 22  GLN P O   1 
ATOM   949  C CB  . GLN B 2 22 ? -11.931 -11.497 -5.987  1.00 21.76 ? 22  GLN P CB  1 
ATOM   950  C CG  . GLN B 2 22 ? -11.820 -10.870 -7.358  1.00 27.02 ? 22  GLN P CG  1 
ATOM   951  C CD  . GLN B 2 22 ? -12.351 -9.449  -7.374  1.00 37.12 ? 22  GLN P CD  1 
ATOM   952  O OE1 . GLN B 2 22 ? -13.527 -9.212  -7.057  1.00 38.46 ? 22  GLN P OE1 1 
ATOM   953  N NE2 . GLN B 2 22 ? -11.482 -8.485  -7.708  1.00 36.93 ? 22  GLN P NE2 1 
ATOM   954  N N   . VAL B 2 23 ? -11.872 -10.767 -2.479  1.00 17.98 ? 23  VAL P N   1 
ATOM   955  C CA  . VAL B 2 23 ? -11.918 -11.385 -1.145  1.00 17.48 ? 23  VAL P CA  1 
ATOM   956  C C   . VAL B 2 23 ? -13.195 -12.132 -0.709  1.00 18.30 ? 23  VAL P C   1 
ATOM   957  O O   . VAL B 2 23 ? -13.143 -13.006 0.156   1.00 16.15 ? 23  VAL P O   1 
ATOM   958  C CB  . VAL B 2 23 ? -11.603 -10.339 -0.066  1.00 17.10 ? 23  VAL P CB  1 
ATOM   959  C CG1 . VAL B 2 23 ? -10.157 -9.883  -0.166  1.00 10.39 ? 23  VAL P CG1 1 
ATOM   960  C CG2 . VAL B 2 23 ? -12.532 -9.158  -0.219  1.00 12.13 ? 23  VAL P CG2 1 
ATOM   961  N N   . ASP B 2 24 ? -14.328 -11.807 -1.324  1.00 20.40 ? 24  ASP P N   1 
ATOM   962  C CA  . ASP B 2 24 ? -15.609 -12.421 -0.994  1.00 17.97 ? 24  ASP P CA  1 
ATOM   963  C C   . ASP B 2 24 ? -15.567 -13.923 -0.845  1.00 21.96 ? 24  ASP P C   1 
ATOM   964  O O   . ASP B 2 24 ? -16.120 -14.461 0.109   1.00 26.27 ? 24  ASP P O   1 
ATOM   965  C CB  . ASP B 2 24 ? -16.677 -12.071 -2.035  1.00 18.57 ? 24  ASP P CB  1 
ATOM   966  C CG  . ASP B 2 24 ? -17.242 -10.668 -1.872  1.00 19.21 ? 24  ASP P CG  1 
ATOM   967  O OD1 . ASP B 2 24 ? -16.771 -9.908  -1.001  1.00 25.66 ? 24  ASP P OD1 1 
ATOM   968  O OD2 . ASP B 2 24 ? -18.181 -10.324 -2.624  1.00 19.49 ? 24  ASP P OD2 1 
ATOM   969  N N   . GLN B 2 25 ? -14.950 -14.610 -1.800  1.00 23.36 ? 25  GLN P N   1 
ATOM   970  C CA  . GLN B 2 25 ? -14.889 -16.064 -1.740  1.00 20.00 ? 25  GLN P CA  1 
ATOM   971  C C   . GLN B 2 25 ? -13.613 -16.616 -1.137  1.00 18.56 ? 25  GLN P C   1 
ATOM   972  O O   . GLN B 2 25 ? -13.444 -17.824 -1.089  1.00 27.67 ? 25  GLN P O   1 
ATOM   973  C CB  . GLN B 2 25 ? -15.087 -16.664 -3.124  1.00 28.08 ? 25  GLN P CB  1 
ATOM   974  C CG  . GLN B 2 25 ? -16.269 -16.093 -3.910  1.00 39.89 ? 25  GLN P CG  1 
ATOM   975  C CD  . GLN B 2 25 ? -17.614 -16.328 -3.245  1.00 44.58 ? 25  GLN P CD  1 
ATOM   976  O OE1 . GLN B 2 25 ? -18.398 -15.394 -3.063  1.00 48.19 ? 25  GLN P OE1 1 
ATOM   977  N NE2 . GLN B 2 25 ? -17.900 -17.581 -2.902  1.00 50.13 ? 25  GLN P NE2 1 
ATOM   978  N N   . LEU B 2 26 ? -12.734 -15.747 -0.657  1.00 16.62 ? 26  LEU P N   1 
ATOM   979  C CA  . LEU B 2 26 ? -11.466 -16.168 -0.063  1.00 15.46 ? 26  LEU P CA  1 
ATOM   980  C C   . LEU B 2 26 ? -11.581 -16.533 1.407   1.00 17.81 ? 26  LEU P C   1 
ATOM   981  O O   . LEU B 2 26 ? -10.855 -17.395 1.891   1.00 25.37 ? 26  LEU P O   1 
ATOM   982  C CB  . LEU B 2 26 ? -10.438 -15.036 -0.147  1.00 16.50 ? 26  LEU P CB  1 
ATOM   983  C CG  . LEU B 2 26 ? -9.272  -14.996 -1.130  1.00 15.37 ? 26  LEU P CG  1 
ATOM   984  C CD1 . LEU B 2 26 ? -8.270  -13.973 -0.607  1.00 9.70  ? 26  LEU P CD1 1 
ATOM   985  C CD2 . LEU B 2 26 ? -8.626  -16.352 -1.286  1.00 10.27 ? 26  LEU P CD2 1 
ATOM   986  N N   . TRP B 2 27 ? -12.412 -15.787 2.128   1.00 20.28 ? 27  TRP P N   1 
ATOM   987  C CA  . TRP B 2 27 ? -12.623 -15.947 3.562   1.00 20.01 ? 27  TRP P CA  1 
ATOM   988  C C   . TRP B 2 27 ? -12.547 -17.386 4.045   1.00 20.79 ? 27  TRP P C   1 
ATOM   989  O O   . TRP B 2 27 ? -11.710 -17.726 4.880   1.00 20.45 ? 27  TRP P O   1 
ATOM   990  C CB  . TRP B 2 27 ? -13.977 -15.349 3.969   1.00 18.70 ? 27  TRP P CB  1 
ATOM   991  C CG  . TRP B 2 27 ? -14.191 -13.916 3.565   1.00 14.41 ? 27  TRP P CG  1 
ATOM   992  C CD1 . TRP B 2 27 ? -15.331 -13.385 3.047   1.00 15.06 ? 27  TRP P CD1 1 
ATOM   993  C CD2 . TRP B 2 27 ? -13.253 -12.825 3.679   1.00 13.36 ? 27  TRP P CD2 1 
ATOM   994  N NE1 . TRP B 2 27 ? -15.173 -12.031 2.831   1.00 15.08 ? 27  TRP P NE1 1 
ATOM   995  C CE2 . TRP B 2 27 ? -13.906 -11.662 3.207   1.00 10.52 ? 27  TRP P CE2 1 
ATOM   996  C CE3 . TRP B 2 27 ? -11.932 -12.719 4.132   1.00 15.33 ? 27  TRP P CE3 1 
ATOM   997  C CZ2 . TRP B 2 27 ? -13.291 -10.404 3.178   1.00 7.39  ? 27  TRP P CZ2 1 
ATOM   998  C CZ3 . TRP B 2 27 ? -11.314 -11.457 4.105   1.00 17.05 ? 27  TRP P CZ3 1 
ATOM   999  C CH2 . TRP B 2 27 ? -12.003 -10.320 3.630   1.00 11.65 ? 27  TRP P CH2 1 
ATOM   1000 N N   . ASP B 2 28 ? -13.404 -18.230 3.490   1.00 18.81 ? 28  ASP P N   1 
ATOM   1001 C CA  . ASP B 2 28 ? -13.452 -19.642 3.853   1.00 23.94 ? 28  ASP P CA  1 
ATOM   1002 C C   . ASP B 2 28 ? -12.208 -20.441 3.512   1.00 26.74 ? 28  ASP P C   1 
ATOM   1003 O O   . ASP B 2 28 ? -11.952 -21.475 4.121   1.00 32.52 ? 28  ASP P O   1 
ATOM   1004 C CB  . ASP B 2 28 ? -14.649 -20.329 3.193   1.00 21.45 ? 28  ASP P CB  1 
ATOM   1005 C CG  . ASP B 2 28 ? -15.960 -19.945 3.819   1.00 17.78 ? 28  ASP P CG  1 
ATOM   1006 O OD1 . ASP B 2 28 ? -15.948 -19.320 4.906   1.00 21.24 ? 28  ASP P OD1 1 
ATOM   1007 O OD2 . ASP B 2 28 ? -17.004 -20.280 3.223   1.00 16.21 ? 28  ASP P OD2 1 
ATOM   1008 N N   . VAL B 2 29 ? -11.480 -20.024 2.489   1.00 26.51 ? 29  VAL P N   1 
ATOM   1009 C CA  . VAL B 2 29 ? -10.280 -20.740 2.108   1.00 22.20 ? 29  VAL P CA  1 
ATOM   1010 C C   . VAL B 2 29 ? -9.129  -20.345 3.007   1.00 22.20 ? 29  VAL P C   1 
ATOM   1011 O O   . VAL B 2 29 ? -8.286  -21.166 3.335   1.00 23.24 ? 29  VAL P O   1 
ATOM   1012 C CB  . VAL B 2 29 ? -9.915  -20.463 0.683   1.00 25.58 ? 29  VAL P CB  1 
ATOM   1013 C CG1 . VAL B 2 29 ? -8.894  -21.463 0.250   1.00 38.28 ? 29  VAL P CG1 1 
ATOM   1014 C CG2 . VAL B 2 29 ? -11.154 -20.531 -0.205  1.00 28.42 ? 29  VAL P CG2 1 
ATOM   1015 N N   . LEU B 2 30 ? -9.106  -19.085 3.432   1.00 25.81 ? 30  LEU P N   1 
ATOM   1016 C CA  . LEU B 2 30 ? -8.057  -18.602 4.331   1.00 24.15 ? 30  LEU P CA  1 
ATOM   1017 C C   . LEU B 2 30 ? -8.216  -19.301 5.671   1.00 23.55 ? 30  LEU P C   1 
ATOM   1018 O O   . LEU B 2 30 ? -7.238  -19.595 6.351   1.00 26.23 ? 30  LEU P O   1 
ATOM   1019 C CB  . LEU B 2 30 ? -8.162  -17.092 4.520   1.00 19.13 ? 30  LEU P CB  1 
ATOM   1020 C CG  . LEU B 2 30 ? -8.013  -16.272 3.237   1.00 18.27 ? 30  LEU P CG  1 
ATOM   1021 C CD1 . LEU B 2 30 ? -8.370  -14.817 3.512   1.00 21.58 ? 30  LEU P CD1 1 
ATOM   1022 C CD2 . LEU B 2 30 ? -6.591  -16.387 2.701   1.00 20.71 ? 30  LEU P CD2 1 
ATOM   1023 N N   . LEU B 2 31 ? -9.465  -19.549 6.046   1.00 27.23 ? 31  LEU P N   1 
ATOM   1024 C CA  . LEU B 2 31 ? -9.808  -20.246 7.279   1.00 29.22 ? 31  LEU P CA  1 
ATOM   1025 C C   . LEU B 2 31 ? -9.539  -21.755 7.134   1.00 26.61 ? 31  LEU P C   1 
ATOM   1026 O O   . LEU B 2 31 ? -8.912  -22.371 7.988   1.00 26.56 ? 31  LEU P O   1 
ATOM   1027 C CB  . LEU B 2 31 ? -11.290 -20.039 7.577   1.00 35.27 ? 31  LEU P CB  1 
ATOM   1028 C CG  . LEU B 2 31 ? -11.720 -18.630 7.971   1.00 41.79 ? 31  LEU P CG  1 
ATOM   1029 C CD1 . LEU B 2 31 ? -13.240 -18.449 7.804   1.00 39.37 ? 31  LEU P CD1 1 
ATOM   1030 C CD2 . LEU B 2 31 ? -11.260 -18.384 9.407   1.00 47.08 ? 31  LEU P CD2 1 
ATOM   1031 N N   . SER B 2 32 ? -10.037 -22.334 6.045   1.00 25.57 ? 32  SER P N   1 
ATOM   1032 C CA  . SER B 2 32 ? -9.887  -23.751 5.747   1.00 21.91 ? 32  SER P CA  1 
ATOM   1033 C C   . SER B 2 32 ? -8.441  -24.184 5.611   1.00 26.30 ? 32  SER P C   1 
ATOM   1034 O O   . SER B 2 32 ? -8.127  -25.351 5.832   1.00 37.50 ? 32  SER P O   1 
ATOM   1035 C CB  . SER B 2 32 ? -10.646 -24.096 4.475   1.00 25.48 ? 32  SER P CB  1 
ATOM   1036 O OG  . SER B 2 32 ? -10.303 -25.379 3.983   1.00 36.26 ? 32  SER P OG  1 
ATOM   1037 N N   . ARG B 2 33 ? -7.570  -23.281 5.184   1.00 22.39 ? 33  ARG P N   1 
ATOM   1038 C CA  . ARG B 2 33 ? -6.158  -23.621 5.051   1.00 21.87 ? 33  ARG P CA  1 
ATOM   1039 C C   . ARG B 2 33 ? -5.374  -23.103 6.230   1.00 21.62 ? 33  ARG P C   1 
ATOM   1040 O O   . ARG B 2 33 ? -4.148  -23.212 6.273   1.00 27.20 ? 33  ARG P O   1 
ATOM   1041 C CB  . ARG B 2 33 ? -5.561  -23.073 3.757   1.00 20.99 ? 33  ARG P CB  1 
ATOM   1042 C CG  . ARG B 2 33 ? -5.891  -23.904 2.552   1.00 20.76 ? 33  ARG P CG  1 
ATOM   1043 C CD  . ARG B 2 33 ? -5.281  -23.324 1.306   1.00 23.66 ? 33  ARG P CD  1 
ATOM   1044 N NE  . ARG B 2 33 ? -5.751  -24.052 0.144   1.00 23.30 ? 33  ARG P NE  1 
ATOM   1045 C CZ  . ARG B 2 33 ? -5.227  -25.195 -0.267  1.00 29.05 ? 33  ARG P CZ  1 
ATOM   1046 N NH1 . ARG B 2 33 ? -4.204  -25.720 0.392   1.00 35.53 ? 33  ARG P NH1 1 
ATOM   1047 N NH2 . ARG B 2 33 ? -5.763  -25.840 -1.299  1.00 25.50 ? 33  ARG P NH2 1 
ATOM   1048 N N   . GLU B 2 34 ? -6.068  -22.489 7.169   1.00 19.66 ? 34  GLU P N   1 
ATOM   1049 C CA  . GLU B 2 34 ? -5.408  -21.980 8.348   1.00 25.44 ? 34  GLU P CA  1 
ATOM   1050 C C   . GLU B 2 34 ? -4.324  -20.958 8.022   1.00 25.62 ? 34  GLU P C   1 
ATOM   1051 O O   . GLU B 2 34 ? -3.257  -20.964 8.644   1.00 29.04 ? 34  GLU P O   1 
ATOM   1052 C CB  . GLU B 2 34 ? -4.780  -23.132 9.131   1.00 28.69 ? 34  GLU P CB  1 
ATOM   1053 C CG  . GLU B 2 34 ? -5.718  -24.284 9.420   1.00 36.23 ? 34  GLU P CG  1 
ATOM   1054 C CD  . GLU B 2 34 ? -5.085  -25.297 10.345  1.00 41.44 ? 34  GLU P CD  1 
ATOM   1055 O OE1 . GLU B 2 34 ? -4.985  -24.995 11.552  1.00 48.83 ? 34  GLU P OE1 1 
ATOM   1056 O OE2 . GLU B 2 34 ? -4.658  -26.374 9.872   1.00 42.57 ? 34  GLU P OE2 1 
ATOM   1057 N N   . LEU B 2 35 ? -4.555  -20.119 7.018   1.00 24.80 ? 35  LEU P N   1 
ATOM   1058 C CA  . LEU B 2 35 ? -3.580  -19.086 6.689   1.00 20.89 ? 35  LEU P CA  1 
ATOM   1059 C C   . LEU B 2 35 ? -3.734  -18.004 7.751   1.00 19.83 ? 35  LEU P C   1 
ATOM   1060 O O   . LEU B 2 35 ? -2.754  -17.502 8.276   1.00 19.67 ? 35  LEU P O   1 
ATOM   1061 C CB  . LEU B 2 35 ? -3.823  -18.527 5.287   1.00 22.61 ? 35  LEU P CB  1 
ATOM   1062 C CG  . LEU B 2 35 ? -2.984  -17.319 4.857   1.00 18.45 ? 35  LEU P CG  1 
ATOM   1063 C CD1 . LEU B 2 35 ? -1.508  -17.583 5.064   1.00 16.68 ? 35  LEU P CD1 1 
ATOM   1064 C CD2 . LEU B 2 35 ? -3.275  -17.022 3.410   1.00 16.96 ? 35  LEU P CD2 1 
ATOM   1065 N N   . PHE B 2 36 ? -4.979  -17.677 8.088   1.00 22.64 ? 36  PHE P N   1 
ATOM   1066 C CA  . PHE B 2 36 ? -5.270  -16.678 9.117   1.00 26.46 ? 36  PHE P CA  1 
ATOM   1067 C C   . PHE B 2 36 ? -6.195  -17.302 10.177  1.00 28.12 ? 36  PHE P C   1 
ATOM   1068 O O   . PHE B 2 36 ? -6.883  -18.284 9.915   1.00 22.71 ? 36  PHE P O   1 
ATOM   1069 C CB  . PHE B 2 36 ? -5.959  -15.444 8.511   1.00 26.29 ? 36  PHE P CB  1 
ATOM   1070 C CG  . PHE B 2 36 ? -5.081  -14.620 7.613   1.00 30.12 ? 36  PHE P CG  1 
ATOM   1071 C CD1 . PHE B 2 36 ? -4.056  -13.847 8.137   1.00 30.84 ? 36  PHE P CD1 1 
ATOM   1072 C CD2 . PHE B 2 36 ? -5.305  -14.584 6.242   1.00 30.15 ? 36  PHE P CD2 1 
ATOM   1073 C CE1 . PHE B 2 36 ? -3.269  -13.053 7.303   1.00 30.00 ? 36  PHE P CE1 1 
ATOM   1074 C CE2 . PHE B 2 36 ? -4.523  -13.792 5.404   1.00 26.27 ? 36  PHE P CE2 1 
ATOM   1075 C CZ  . PHE B 2 36 ? -3.508  -13.027 5.938   1.00 26.41 ? 36  PHE P CZ  1 
ATOM   1076 N N   . ARG B 2 37 ? -6.208  -16.738 11.373  1.00 31.29 ? 37  ARG P N   1 
ATOM   1077 C CA  . ARG B 2 37 ? -7.084  -17.268 12.414  1.00 36.68 ? 37  ARG P CA  1 
ATOM   1078 C C   . ARG B 2 37 ? -8.423  -16.507 12.335  1.00 33.80 ? 37  ARG P C   1 
ATOM   1079 O O   . ARG B 2 37 ? -8.445  -15.351 11.928  1.00 32.59 ? 37  ARG P O   1 
ATOM   1080 C CB  . ARG B 2 37 ? -6.397  -17.181 13.786  1.00 40.64 ? 37  ARG P CB  1 
ATOM   1081 C CG  . ARG B 2 37 ? -5.157  -18.095 13.869  1.00 49.96 ? 37  ARG P CG  1 
ATOM   1082 C CD  . ARG B 2 37 ? -4.614  -18.296 15.294  1.00 56.74 ? 37  ARG P CD  1 
ATOM   1083 N NE  . ARG B 2 37 ? -3.347  -17.598 15.559  1.00 60.21 ? 37  ARG P NE  1 
ATOM   1084 C CZ  . ARG B 2 37 ? -2.133  -18.126 15.384  1.00 58.53 ? 37  ARG P CZ  1 
ATOM   1085 N NH1 . ARG B 2 37 ? -1.992  -19.368 14.937  1.00 58.25 ? 37  ARG P NH1 1 
ATOM   1086 N NH2 . ARG B 2 37 ? -1.051  -17.411 15.658  1.00 56.94 ? 37  ARG P NH2 1 
ATOM   1087 N N   . PRO B 2 38 ? -9.552  -17.167 12.697  1.00 35.23 ? 38  PRO P N   1 
ATOM   1088 C CA  . PRO B 2 38 ? -10.884 -16.547 12.651  1.00 34.71 ? 38  PRO P CA  1 
ATOM   1089 C C   . PRO B 2 38 ? -11.044 -15.109 13.118  1.00 33.12 ? 38  PRO P C   1 
ATOM   1090 O O   . PRO B 2 38 ? -11.835 -14.357 12.540  1.00 35.73 ? 38  PRO P O   1 
ATOM   1091 C CB  . PRO B 2 38 ? -11.732 -17.535 13.452  1.00 34.43 ? 38  PRO P CB  1 
ATOM   1092 C CG  . PRO B 2 38 ? -11.158 -18.844 13.032  1.00 32.75 ? 38  PRO P CG  1 
ATOM   1093 C CD  . PRO B 2 38 ? -9.664  -18.557 13.166  1.00 36.78 ? 38  PRO P CD  1 
ATOM   1094 N N   . HIS B 2 39 ? -10.309 -14.699 14.142  1.00 32.77 ? 39  HIS P N   1 
ATOM   1095 C CA  . HIS B 2 39 ? -10.438 -13.324 14.582  1.00 34.84 ? 39  HIS P CA  1 
ATOM   1096 C C   . HIS B 2 39 ? -9.764  -12.329 13.642  1.00 35.11 ? 39  HIS P C   1 
ATOM   1097 O O   . HIS B 2 39 ? -10.234 -11.195 13.497  1.00 36.35 ? 39  HIS P O   1 
ATOM   1098 C CB  . HIS B 2 39 ? -9.935  -13.123 16.007  1.00 42.60 ? 39  HIS P CB  1 
ATOM   1099 C CG  . HIS B 2 39 ? -10.051 -11.706 16.462  1.00 50.72 ? 39  HIS P CG  1 
ATOM   1100 N ND1 . HIS B 2 39 ? -11.236 -11.002 16.390  1.00 55.05 ? 39  HIS P ND1 1 
ATOM   1101 C CD2 . HIS B 2 39 ? -9.118  -10.825 16.892  1.00 57.63 ? 39  HIS P CD2 1 
ATOM   1102 C CE1 . HIS B 2 39 ? -11.027 -9.749  16.746  1.00 60.18 ? 39  HIS P CE1 1 
ATOM   1103 N NE2 . HIS B 2 39 ? -9.748  -9.614  17.056  1.00 64.04 ? 39  HIS P NE2 1 
ATOM   1104 N N   . MET B 2 40 ? -8.636  -12.717 13.049  1.00 35.83 ? 40  MET P N   1 
ATOM   1105 C CA  . MET B 2 40 ? -7.931  -11.840 12.113  1.00 31.17 ? 40  MET P CA  1 
ATOM   1106 C C   . MET B 2 40 ? -8.763  -11.693 10.855  1.00 28.72 ? 40  MET P C   1 
ATOM   1107 O O   . MET B 2 40 ? -8.849  -10.613 10.289  1.00 27.59 ? 40  MET P O   1 
ATOM   1108 C CB  . MET B 2 40 ? -6.570  -12.393 11.742  1.00 27.98 ? 40  MET P CB  1 
ATOM   1109 C CG  . MET B 2 40 ? -5.760  -11.438 10.892  1.00 29.11 ? 40  MET P CG  1 
ATOM   1110 S SD  . MET B 2 40 ? -4.045  -11.990 10.727  1.00 31.84 ? 40  MET P SD  1 
ATOM   1111 C CE  . MET B 2 40 ? -3.303  -11.109 12.095  1.00 31.34 ? 40  MET P CE  1 
ATOM   1112 N N   . ILE B 2 41 ? -9.382  -12.787 10.423  1.00 27.76 ? 41  ILE P N   1 
ATOM   1113 C CA  . ILE B 2 41 ? -10.232 -12.753 9.245   1.00 26.30 ? 41  ILE P CA  1 
ATOM   1114 C C   . ILE B 2 41 ? -11.320 -11.688 9.400   1.00 26.43 ? 41  ILE P C   1 
ATOM   1115 O O   . ILE B 2 41 ? -11.584 -10.925 8.477   1.00 33.84 ? 41  ILE P O   1 
ATOM   1116 C CB  . ILE B 2 41 ? -10.847 -14.133 8.954   1.00 24.63 ? 41  ILE P CB  1 
ATOM   1117 C CG1 . ILE B 2 41 ? -9.748  -15.103 8.536   1.00 24.31 ? 41  ILE P CG1 1 
ATOM   1118 C CG2 . ILE B 2 41 ? -11.884 -14.042 7.850   1.00 25.27 ? 41  ILE P CG2 1 
ATOM   1119 C CD1 . ILE B 2 41 ? -8.950  -14.618 7.346   1.00 26.94 ? 41  ILE P CD1 1 
ATOM   1120 N N   . GLU B 2 42 ? -11.926 -11.599 10.573  1.00 27.40 ? 42  GLU P N   1 
ATOM   1121 C CA  . GLU B 2 42 ? -12.954 -10.594 10.775  1.00 28.65 ? 42  GLU P CA  1 
ATOM   1122 C C   . GLU B 2 42 ? -12.338 -9.203  10.853  1.00 25.55 ? 42  GLU P C   1 
ATOM   1123 O O   . GLU B 2 42 ? -12.970 -8.233  10.462  1.00 28.96 ? 42  GLU P O   1 
ATOM   1124 C CB  . GLU B 2 42 ? -13.804 -10.902 12.001  1.00 31.35 ? 42  GLU P CB  1 
ATOM   1125 C CG  . GLU B 2 42 ? -13.023 -11.000 13.271  1.00 44.62 ? 42  GLU P CG  1 
ATOM   1126 C CD  . GLU B 2 42 ? -13.842 -11.559 14.400  1.00 51.02 ? 42  GLU P CD  1 
ATOM   1127 O OE1 . GLU B 2 42 ? -14.294 -12.723 14.280  1.00 48.37 ? 42  GLU P OE1 1 
ATOM   1128 O OE2 . GLU B 2 42 ? -14.031 -10.826 15.398  1.00 57.08 ? 42  GLU P OE2 1 
ATOM   1129 N N   . ASP B 2 43 ? -11.111 -9.097  11.355  1.00 22.94 ? 43  ASP P N   1 
ATOM   1130 C CA  . ASP B 2 43 ? -10.440 -7.804  11.423  1.00 22.28 ? 43  ASP P CA  1 
ATOM   1131 C C   . ASP B 2 43 ? -10.240 -7.268  9.991   1.00 25.30 ? 43  ASP P C   1 
ATOM   1132 O O   . ASP B 2 43 ? -10.436 -6.085  9.714   1.00 25.73 ? 43  ASP P O   1 
ATOM   1133 C CB  . ASP B 2 43 ? -9.082  -7.956  12.104  1.00 26.05 ? 43  ASP P CB  1 
ATOM   1134 C CG  . ASP B 2 43 ? -9.189  -8.135  13.601  1.00 33.12 ? 43  ASP P CG  1 
ATOM   1135 O OD1 . ASP B 2 43 ? -10.273 -7.871  14.162  1.00 43.09 ? 43  ASP P OD1 1 
ATOM   1136 O OD2 . ASP B 2 43 ? -8.176  -8.522  14.230  1.00 36.25 ? 43  ASP P OD2 1 
ATOM   1137 N N   . ILE B 2 44 ? -9.836  -8.163  9.092   1.00 24.74 ? 44  ILE P N   1 
ATOM   1138 C CA  . ILE B 2 44 ? -9.613  -7.859  7.683   1.00 16.87 ? 44  ILE P CA  1 
ATOM   1139 C C   . ILE B 2 44 ? -10.914 -7.433  7.015   1.00 18.74 ? 44  ILE P C   1 
ATOM   1140 O O   . ILE B 2 44 ? -10.953 -6.415  6.333   1.00 27.72 ? 44  ILE P O   1 
ATOM   1141 C CB  . ILE B 2 44 ? -9.032  -9.090  6.947   1.00 17.43 ? 44  ILE P CB  1 
ATOM   1142 C CG1 . ILE B 2 44 ? -7.552  -9.256  7.296   1.00 15.85 ? 44  ILE P CG1 1 
ATOM   1143 C CG2 . ILE B 2 44 ? -9.249  -8.979  5.447   1.00 14.92 ? 44  ILE P CG2 1 
ATOM   1144 C CD1 . ILE B 2 44 ? -6.983  -10.609 6.910   1.00 14.88 ? 44  ILE P CD1 1 
ATOM   1145 N N   . GLN B 2 45 ? -11.979 -8.202  7.207   1.00 18.16 ? 45  GLN P N   1 
ATOM   1146 C CA  . GLN B 2 45 ? -13.269 -7.873  6.612   1.00 19.45 ? 45  GLN P CA  1 
ATOM   1147 C C   . GLN B 2 45 ? -13.819 -6.534  7.104   1.00 21.11 ? 45  GLN P C   1 
ATOM   1148 O O   . GLN B 2 45 ? -14.631 -5.908  6.416   1.00 25.28 ? 45  GLN P O   1 
ATOM   1149 C CB  . GLN B 2 45 ? -14.301 -8.941  6.928   1.00 16.78 ? 45  GLN P CB  1 
ATOM   1150 C CG  . GLN B 2 45 ? -13.870 -10.366 6.667   1.00 27.70 ? 45  GLN P CG  1 
ATOM   1151 C CD  . GLN B 2 45 ? -14.870 -11.385 7.204   1.00 28.87 ? 45  GLN P CD  1 
ATOM   1152 O OE1 . GLN B 2 45 ? -14.942 -12.519 6.720   1.00 32.28 ? 45  GLN P OE1 1 
ATOM   1153 N NE2 . GLN B 2 45 ? -15.646 -10.988 8.207   1.00 28.76 ? 45  GLN P NE2 1 
ATOM   1154 N N   . ARG B 2 46 ? -13.398 -6.109  8.291   1.00 25.89 ? 46  ARG P N   1 
ATOM   1155 C CA  . ARG B 2 46 ? -13.878 -4.860  8.884   1.00 27.78 ? 46  ARG P CA  1 
ATOM   1156 C C   . ARG B 2 46 ? -12.905 -3.713  8.686   1.00 28.85 ? 46  ARG P C   1 
ATOM   1157 O O   . ARG B 2 46 ? -13.148 -2.606  9.175   1.00 29.95 ? 46  ARG P O   1 
ATOM   1158 C CB  . ARG B 2 46 ? -14.153 -5.043  10.390  1.00 32.98 ? 46  ARG P CB  1 
ATOM   1159 C CG  . ARG B 2 46 ? -15.110 -6.198  10.738  1.00 38.35 ? 46  ARG P CG  1 
ATOM   1160 C CD  . ARG B 2 46 ? -15.587 -6.189  12.206  1.00 47.82 ? 46  ARG P CD  1 
ATOM   1161 N NE  . ARG B 2 46 ? -14.586 -6.609  13.194  1.00 47.28 ? 46  ARG P NE  1 
ATOM   1162 C CZ  . ARG B 2 46 ? -14.716 -7.665  14.001  1.00 48.72 ? 46  ARG P CZ  1 
ATOM   1163 N NH1 . ARG B 2 46 ? -15.803 -8.439  13.961  1.00 41.96 ? 46  ARG P NH1 1 
ATOM   1164 N NH2 . ARG B 2 46 ? -13.736 -7.972  14.839  1.00 48.91 ? 46  ARG P NH2 1 
ATOM   1165 N N   . ALA B 2 47 ? -11.815 -3.980  7.966   1.00 27.22 ? 47  ALA P N   1 
ATOM   1166 C CA  . ALA B 2 47 ? -10.785 -2.978  7.692   1.00 24.97 ? 47  ALA P CA  1 
ATOM   1167 C C   . ALA B 2 47 ? -11.291 -1.752  6.935   1.00 21.54 ? 47  ALA P C   1 
ATOM   1168 O O   . ALA B 2 47 ? -11.987 -1.859  5.924   1.00 17.88 ? 47  ALA P O   1 
ATOM   1169 C CB  . ALA B 2 47 ? -9.623  -3.610  6.947   1.00 27.57 ? 47  ALA P CB  1 
ATOM   1170 N N   . GLY B 2 48 ? -10.950 -0.579  7.459   1.00 23.14 ? 48  GLY P N   1 
ATOM   1171 C CA  . GLY B 2 48 ? -11.356 0.672   6.846   1.00 22.65 ? 48  GLY P CA  1 
ATOM   1172 C C   . GLY B 2 48 ? -12.859 0.796   6.676   1.00 26.83 ? 48  GLY P C   1 
ATOM   1173 O O   . GLY B 2 48 ? -13.625 0.650   7.628   1.00 32.24 ? 48  GLY P O   1 
ATOM   1174 N N   . SER B 2 49 ? -13.278 1.083   5.450   1.00 23.30 ? 49  SER P N   1 
ATOM   1175 C CA  . SER B 2 49 ? -14.679 1.230   5.120   1.00 19.47 ? 49  SER P CA  1 
ATOM   1176 C C   . SER B 2 49 ? -15.284 -0.134  4.830   1.00 18.43 ? 49  SER P C   1 
ATOM   1177 O O   . SER B 2 49 ? -16.462 -0.233  4.481   1.00 18.68 ? 49  SER P O   1 
ATOM   1178 C CB  . SER B 2 49 ? -14.797 2.079   3.867   1.00 21.48 ? 49  SER P CB  1 
ATOM   1179 O OG  . SER B 2 49 ? -14.050 1.475   2.823   1.00 20.76 ? 49  SER P OG  1 
ATOM   1180 N N   . GLY B 2 50 ? -14.450 -1.169  4.889   1.00 18.08 ? 50  GLY P N   1 
ATOM   1181 C CA  . GLY B 2 50 ? -14.906 -2.517  4.602   1.00 15.67 ? 50  GLY P CA  1 
ATOM   1182 C C   . GLY B 2 50 ? -15.054 -2.729  3.113   1.00 17.81 ? 50  GLY P C   1 
ATOM   1183 O O   . GLY B 2 50 ? -15.719 -3.666  2.671   1.00 19.77 ? 50  GLY P O   1 
ATOM   1184 N N   . SER B 2 51 ? -14.466 -1.830  2.331   1.00 16.33 ? 51  SER P N   1 
ATOM   1185 C CA  . SER B 2 51 ? -14.532 -1.914  0.883   1.00 14.83 ? 51  SER P CA  1 
ATOM   1186 C C   . SER B 2 51 ? -13.613 -3.038  0.443   1.00 16.31 ? 51  SER P C   1 
ATOM   1187 O O   . SER B 2 51 ? -12.623 -3.334  1.124   1.00 18.14 ? 51  SER P O   1 
ATOM   1188 C CB  . SER B 2 51 ? -14.053 -0.596  0.272   1.00 14.98 ? 51  SER P CB  1 
ATOM   1189 O OG  . SER B 2 51 ? -12.709 -0.340  0.649   1.00 16.68 ? 51  SER P OG  1 
ATOM   1190 N N   . ARG B 2 52 ? -13.909 -3.634  -0.710  1.00 12.87 ? 52  ARG P N   1 
ATOM   1191 C CA  . ARG B 2 52 ? -13.087 -4.710  -1.258  1.00 14.01 ? 52  ARG P CA  1 
ATOM   1192 C C   . ARG B 2 52 ? -11.583 -4.362  -1.216  1.00 20.10 ? 52  ARG P C   1 
ATOM   1193 O O   . ARG B 2 52 ? -10.739 -5.201  -0.859  1.00 28.31 ? 52  ARG P O   1 
ATOM   1194 C CB  . ARG B 2 52 ? -13.507 -4.987  -2.701  1.00 7.80  ? 52  ARG P CB  1 
ATOM   1195 C CG  . ARG B 2 52 ? -12.975 -6.287  -3.274  1.00 17.61 ? 52  ARG P CG  1 
ATOM   1196 C CD  . ARG B 2 52 ? -12.464 -6.135  -4.695  1.00 11.10 ? 52  ARG P CD  1 
ATOM   1197 N NE  . ARG B 2 52 ? -11.053 -5.763  -4.679  1.00 20.53 ? 52  ARG P NE  1 
ATOM   1198 C CZ  . ARG B 2 52 ? -10.559 -4.646  -5.189  1.00 10.21 ? 52  ARG P CZ  1 
ATOM   1199 N NH1 . ARG B 2 52 ? -11.346 -3.768  -5.764  1.00 23.16 ? 52  ARG P NH1 1 
ATOM   1200 N NH2 . ARG B 2 52 ? -9.283  -4.382  -5.078  1.00 10.59 ? 52  ARG P NH2 1 
ATOM   1201 N N   . ARG B 2 53 ? -11.257 -3.112  -1.547  1.00 18.50 ? 53  ARG P N   1 
ATOM   1202 C CA  . ARG B 2 53 ? -9.876  -2.637  -1.566  1.00 13.40 ? 53  ARG P CA  1 
ATOM   1203 C C   . ARG B 2 53 ? -9.241  -2.562  -0.196  1.00 13.61 ? 53  ARG P C   1 
ATOM   1204 O O   . ARG B 2 53 ? -8.087  -2.946  -0.022  1.00 13.02 ? 53  ARG P O   1 
ATOM   1205 C CB  . ARG B 2 53 ? -9.780  -1.260  -2.231  1.00 15.92 ? 53  ARG P CB  1 
ATOM   1206 C CG  . ARG B 2 53 ? -8.343  -0.865  -2.515  1.00 21.08 ? 53  ARG P CG  1 
ATOM   1207 C CD  . ARG B 2 53 ? -8.210  0.459   -3.210  1.00 24.14 ? 53  ARG P CD  1 
ATOM   1208 N NE  . ARG B 2 53 ? -6.803  0.823   -3.405  1.00 28.94 ? 53  ARG P NE  1 
ATOM   1209 C CZ  . ARG B 2 53 ? -6.209  0.919   -4.594  1.00 26.19 ? 53  ARG P CZ  1 
ATOM   1210 N NH1 . ARG B 2 53 ? -6.893  0.680   -5.705  1.00 21.68 ? 53  ARG P NH1 1 
ATOM   1211 N NH2 . ARG B 2 53 ? -4.927  1.261   -4.674  1.00 27.85 ? 53  ARG P NH2 1 
ATOM   1212 N N   . ASP B 2 54 ? -9.981  -2.020  0.765   1.00 17.85 ? 54  ASP P N   1 
ATOM   1213 C CA  . ASP B 2 54 ? -9.495  -1.886  2.128   1.00 15.85 ? 54  ASP P CA  1 
ATOM   1214 C C   . ASP B 2 54 ? -9.296  -3.255  2.738   1.00 15.82 ? 54  ASP P C   1 
ATOM   1215 O O   . ASP B 2 54 ? -8.335  -3.482  3.484   1.00 22.81 ? 54  ASP P O   1 
ATOM   1216 C CB  . ASP B 2 54 ? -10.490 -1.101  2.975   1.00 24.68 ? 54  ASP P CB  1 
ATOM   1217 C CG  . ASP B 2 54 ? -10.472 0.387   2.686   1.00 20.63 ? 54  ASP P CG  1 
ATOM   1218 O OD1 . ASP B 2 54 ? -9.526  0.880   2.043   1.00 27.31 ? 54  ASP P OD1 1 
ATOM   1219 O OD2 . ASP B 2 54 ? -11.407 1.073   3.131   1.00 26.62 ? 54  ASP P OD2 1 
ATOM   1220 N N   . GLN B 2 55 ? -10.205 -4.168  2.427   1.00 9.64  ? 55  GLN P N   1 
ATOM   1221 C CA  . GLN B 2 55 ? -10.105 -5.529  2.932   1.00 14.19 ? 55  GLN P CA  1 
ATOM   1222 C C   . GLN B 2 55 ? -8.884  -6.183  2.310   1.00 13.22 ? 55  GLN P C   1 
ATOM   1223 O O   . GLN B 2 55 ? -8.056  -6.777  3.013   1.00 15.85 ? 55  GLN P O   1 
ATOM   1224 C CB  . GLN B 2 55 ? -11.351 -6.325  2.571   1.00 14.43 ? 55  GLN P CB  1 
ATOM   1225 C CG  . GLN B 2 55 ? -12.623 -5.793  3.170   1.00 8.61  ? 55  GLN P CG  1 
ATOM   1226 C CD  . GLN B 2 55 ? -13.815 -6.578  2.694   1.00 12.60 ? 55  GLN P CD  1 
ATOM   1227 O OE1 . GLN B 2 55 ? -13.907 -6.943  1.515   1.00 14.00 ? 55  GLN P OE1 1 
ATOM   1228 N NE2 . GLN B 2 55 ? -14.750 -6.839  3.601   1.00 18.48 ? 55  GLN P NE2 1 
ATOM   1229 N N   . ALA B 2 56 ? -8.748  -6.024  0.996   1.00 18.41 ? 56  ALA P N   1 
ATOM   1230 C CA  . ALA B 2 56 ? -7.625  -6.584  0.254   1.00 17.41 ? 56  ALA P CA  1 
ATOM   1231 C C   . ALA B 2 56 ? -6.291  -6.037  0.742   1.00 14.83 ? 56  ALA P C   1 
ATOM   1232 O O   . ALA B 2 56 ? -5.310  -6.780  0.859   1.00 22.01 ? 56  ALA P O   1 
ATOM   1233 C CB  . ALA B 2 56 ? -7.804  -6.329  -1.242  1.00 19.46 ? 56  ALA P CB  1 
ATOM   1234 N N   . ARG B 2 57 ? -6.263  -4.752  1.082   1.00 15.93 ? 57  ARG P N   1 
ATOM   1235 C CA  . ARG B 2 57 ? -5.038  -4.124  1.574   1.00 18.64 ? 57  ARG P CA  1 
ATOM   1236 C C   . ARG B 2 57 ? -4.652  -4.654  2.950   1.00 21.23 ? 57  ARG P C   1 
ATOM   1237 O O   . ARG B 2 57 ? -3.479  -4.965  3.193   1.00 25.59 ? 57  ARG P O   1 
ATOM   1238 C CB  . ARG B 2 57 ? -5.177  -2.600  1.622   1.00 16.22 ? 57  ARG P CB  1 
ATOM   1239 C CG  . ARG B 2 57 ? -3.877  -1.867  1.932   1.00 12.14 ? 57  ARG P CG  1 
ATOM   1240 C CD  . ARG B 2 57 ? -4.108  -0.355  2.074   1.00 9.40  ? 57  ARG P CD  1 
ATOM   1241 N NE  . ARG B 2 57 ? -4.687  0.241   0.870   1.00 12.36 ? 57  ARG P NE  1 
ATOM   1242 C CZ  . ARG B 2 57 ? -5.931  0.707   0.772   1.00 15.49 ? 57  ARG P CZ  1 
ATOM   1243 N NH1 . ARG B 2 57 ? -6.748  0.653   1.808   1.00 18.30 ? 57  ARG P NH1 1 
ATOM   1244 N NH2 . ARG B 2 57 ? -6.363  1.216   -0.376  1.00 17.24 ? 57  ARG P NH2 1 
ATOM   1245 N N   . GLN B 2 58 ? -5.634  -4.769  3.847   1.00 24.12 ? 58  GLN P N   1 
ATOM   1246 C CA  . GLN B 2 58 ? -5.371  -5.275  5.194   1.00 21.16 ? 58  GLN P CA  1 
ATOM   1247 C C   . GLN B 2 58 ? -4.942  -6.737  5.144   1.00 19.95 ? 58  GLN P C   1 
ATOM   1248 O O   . GLN B 2 58 ? -4.091  -7.160  5.918   1.00 22.24 ? 58  GLN P O   1 
ATOM   1249 C CB  . GLN B 2 58 ? -6.597  -5.114  6.099   1.00 26.48 ? 58  GLN P CB  1 
ATOM   1250 C CG  . GLN B 2 58 ? -6.275  -5.225  7.582   1.00 24.97 ? 58  GLN P CG  1 
ATOM   1251 C CD  . GLN B 2 58 ? -5.183  -4.250  8.019   1.00 21.79 ? 58  GLN P CD  1 
ATOM   1252 O OE1 . GLN B 2 58 ? -4.116  -4.658  8.500   1.00 24.42 ? 58  GLN P OE1 1 
ATOM   1253 N NE2 . GLN B 2 58 ? -5.446  -2.957  7.858   1.00 19.42 ? 58  GLN P NE2 1 
ATOM   1254 N N   . LEU B 2 59 ? -5.523  -7.498  4.224   1.00 15.94 ? 59  LEU P N   1 
ATOM   1255 C CA  . LEU B 2 59 ? -5.190  -8.908  4.043   1.00 14.67 ? 59  LEU P CA  1 
ATOM   1256 C C   . LEU B 2 59 ? -3.718  -9.066  3.692   1.00 18.02 ? 59  LEU P C   1 
ATOM   1257 O O   . LEU B 2 59 ? -2.983  -9.794  4.368   1.00 21.67 ? 59  LEU P O   1 
ATOM   1258 C CB  . LEU B 2 59 ? -6.041  -9.508  2.923   1.00 9.54  ? 59  LEU P CB  1 
ATOM   1259 C CG  . LEU B 2 59 ? -6.186  -11.021 2.739   1.00 15.76 ? 59  LEU P CG  1 
ATOM   1260 C CD1 . LEU B 2 59 ? -7.393  -11.274 1.859   1.00 9.32  ? 59  LEU P CD1 1 
ATOM   1261 C CD2 . LEU B 2 59 ? -4.936  -11.678 2.147   1.00 13.87 ? 59  LEU P CD2 1 
ATOM   1262 N N   . ILE B 2 60 ? -3.264  -8.364  2.656   1.00 20.67 ? 60  ILE P N   1 
ATOM   1263 C CA  . ILE B 2 60 ? -1.866  -8.486  2.251   1.00 19.02 ? 60  ILE P CA  1 
ATOM   1264 C C   . ILE B 2 60 ? -0.857  -7.918  3.257   1.00 18.07 ? 60  ILE P C   1 
ATOM   1265 O O   . ILE B 2 60 ? 0.302   -8.338  3.278   1.00 19.14 ? 60  ILE P O   1 
ATOM   1266 C CB  . ILE B 2 60 ? -1.608  -7.978  0.805   1.00 18.91 ? 60  ILE P CB  1 
ATOM   1267 C CG1 . ILE B 2 60 ? -1.782  -6.465  0.722   1.00 15.86 ? 60  ILE P CG1 1 
ATOM   1268 C CG2 . ILE B 2 60 ? -2.552  -8.700  -0.176  1.00 10.06 ? 60  ILE P CG2 1 
ATOM   1269 C CD1 . ILE B 2 60 ? -1.418  -5.891  -0.620  1.00 19.11 ? 60  ILE P CD1 1 
ATOM   1270 N N   . ILE B 2 61 ? -1.275  -6.974  4.092   1.00 17.85 ? 61  ILE P N   1 
ATOM   1271 C CA  . ILE B 2 61 ? -0.372  -6.445  5.117   1.00 17.93 ? 61  ILE P CA  1 
ATOM   1272 C C   . ILE B 2 61 ? -0.210  -7.504  6.242   1.00 17.61 ? 61  ILE P C   1 
ATOM   1273 O O   . ILE B 2 61 ? 0.908   -7.820  6.674   1.00 16.41 ? 61  ILE P O   1 
ATOM   1274 C CB  . ILE B 2 61 ? -0.924  -5.148  5.708   1.00 16.48 ? 61  ILE P CB  1 
ATOM   1275 C CG1 . ILE B 2 61 ? -0.908  -4.056  4.648   1.00 16.74 ? 61  ILE P CG1 1 
ATOM   1276 C CG2 . ILE B 2 61 ? -0.117  -4.728  6.916   1.00 17.76 ? 61  ILE P CG2 1 
ATOM   1277 C CD1 . ILE B 2 61 ? -1.790  -2.884  4.979   1.00 16.38 ? 61  ILE P CD1 1 
ATOM   1278 N N   . ASP B 2 62 ? -1.329  -8.078  6.679   1.00 22.85 ? 62  ASP P N   1 
ATOM   1279 C CA  . ASP B 2 62 ? -1.335  -9.104  7.734   1.00 23.41 ? 62  ASP P CA  1 
ATOM   1280 C C   . ASP B 2 62 ? -0.603  -10.358 7.287   1.00 24.65 ? 62  ASP P C   1 
ATOM   1281 O O   . ASP B 2 62 ? -0.069  -11.103 8.109   1.00 29.57 ? 62  ASP P O   1 
ATOM   1282 C CB  . ASP B 2 62 ? -2.768  -9.478  8.131   1.00 13.59 ? 62  ASP P CB  1 
ATOM   1283 C CG  . ASP B 2 62 ? -3.490  -8.360  8.846   1.00 9.24  ? 62  ASP P CG  1 
ATOM   1284 O OD1 . ASP B 2 62 ? -2.833  -7.519  9.468   1.00 16.97 ? 62  ASP P OD1 1 
ATOM   1285 O OD2 . ASP B 2 62 ? -4.727  -8.318  8.794   1.00 15.22 ? 62  ASP P OD2 1 
ATOM   1286 N N   . LEU B 2 63 ? -0.571  -10.579 5.979   1.00 25.91 ? 63  LEU P N   1 
ATOM   1287 C CA  . LEU B 2 63 ? 0.087   -11.741 5.389   1.00 23.91 ? 63  LEU P CA  1 
ATOM   1288 C C   . LEU B 2 63 ? 1.561   -11.822 5.789   1.00 25.21 ? 63  LEU P C   1 
ATOM   1289 O O   . LEU B 2 63 ? 2.096   -12.909 6.000   1.00 25.27 ? 63  LEU P O   1 
ATOM   1290 C CB  . LEU B 2 63 ? -0.060  -11.675 3.869   1.00 21.08 ? 63  LEU P CB  1 
ATOM   1291 C CG  . LEU B 2 63 ? 0.012   -12.970 3.073   1.00 24.06 ? 63  LEU P CG  1 
ATOM   1292 C CD1 . LEU B 2 63 ? -0.902  -14.028 3.697   1.00 23.47 ? 63  LEU P CD1 1 
ATOM   1293 C CD2 . LEU B 2 63 ? -0.385  -12.681 1.633   1.00 13.84 ? 63  LEU P CD2 1 
ATOM   1294 N N   . GLU B 2 64 ? 2.214   -10.674 5.931   1.00 28.71 ? 64  GLU P N   1 
ATOM   1295 C CA  . GLU B 2 64 ? 3.623   -10.658 6.315   1.00 33.65 ? 64  GLU P CA  1 
ATOM   1296 C C   . GLU B 2 64 ? 3.882   -11.338 7.655   1.00 33.37 ? 64  GLU P C   1 
ATOM   1297 O O   . GLU B 2 64 ? 4.980   -11.852 7.899   1.00 34.67 ? 64  GLU P O   1 
ATOM   1298 C CB  . GLU B 2 64 ? 4.135   -9.225  6.400   1.00 35.63 ? 64  GLU P CB  1 
ATOM   1299 C CG  . GLU B 2 64 ? 4.358   -8.566  5.072   1.00 44.58 ? 64  GLU P CG  1 
ATOM   1300 C CD  . GLU B 2 64 ? 5.120   -7.247  5.186   1.00 50.79 ? 64  GLU P CD  1 
ATOM   1301 O OE1 . GLU B 2 64 ? 5.558   -6.888  6.310   1.00 43.10 ? 64  GLU P OE1 1 
ATOM   1302 O OE2 . GLU B 2 64 ? 5.278   -6.571  4.134   1.00 54.98 ? 64  GLU P OE2 1 
ATOM   1303 N N   . THR B 2 65 ? 2.865   -11.343 8.516   1.00 32.52 ? 65  THR P N   1 
ATOM   1304 C CA  . THR B 2 65 ? 2.969   -11.916 9.856   1.00 26.21 ? 65  THR P CA  1 
ATOM   1305 C C   . THR B 2 65 ? 2.571   -13.398 9.990   1.00 26.81 ? 65  THR P C   1 
ATOM   1306 O O   . THR B 2 65 ? 2.620   -13.953 11.087  1.00 30.69 ? 65  THR P O   1 
ATOM   1307 C CB  . THR B 2 65 ? 2.149   -11.069 10.882  1.00 23.81 ? 65  THR P CB  1 
ATOM   1308 O OG1 . THR B 2 65 ? 0.760   -11.078 10.543  1.00 23.26 ? 65  THR P OG1 1 
ATOM   1309 C CG2 . THR B 2 65 ? 2.614   -9.635  10.897  1.00 19.83 ? 65  THR P CG2 1 
ATOM   1310 N N   . ARG B 2 66 ? 2.281   -14.064 8.874   1.00 26.99 ? 66  ARG P N   1 
ATOM   1311 C CA  . ARG B 2 66 ? 1.837   -15.457 8.898   1.00 20.25 ? 66  ARG P CA  1 
ATOM   1312 C C   . ARG B 2 66 ? 2.870   -16.565 8.645   1.00 23.38 ? 66  ARG P C   1 
ATOM   1313 O O   . ARG B 2 66 ? 2.516   -17.703 8.308   1.00 23.96 ? 66  ARG P O   1 
ATOM   1314 C CB  . ARG B 2 66 ? 0.659   -15.607 7.945   1.00 18.76 ? 66  ARG P CB  1 
ATOM   1315 C CG  . ARG B 2 66 ? -0.438  -14.592 8.203   1.00 19.26 ? 66  ARG P CG  1 
ATOM   1316 C CD  . ARG B 2 66 ? -0.942  -14.698 9.636   1.00 23.89 ? 66  ARG P CD  1 
ATOM   1317 N NE  . ARG B 2 66 ? -1.355  -16.062 9.961   1.00 27.02 ? 66  ARG P NE  1 
ATOM   1318 C CZ  . ARG B 2 66 ? -1.532  -16.519 11.195  1.00 26.51 ? 66  ARG P CZ  1 
ATOM   1319 N NH1 . ARG B 2 66 ? -1.322  -15.716 12.229  1.00 29.64 ? 66  ARG P NH1 1 
ATOM   1320 N NH2 . ARG B 2 66 ? -1.937  -17.766 11.390  1.00 19.36 ? 66  ARG P NH2 1 
ATOM   1321 N N   . GLY B 2 67 ? 4.146   -16.245 8.790   1.00 20.30 ? 67  GLY P N   1 
ATOM   1322 C CA  . GLY B 2 67 ? 5.148   -17.270 8.595   1.00 24.44 ? 67  GLY P CA  1 
ATOM   1323 C C   . GLY B 2 67 ? 5.673   -17.483 7.190   1.00 28.92 ? 67  GLY P C   1 
ATOM   1324 O O   . GLY B 2 67 ? 5.171   -16.911 6.221   1.00 27.98 ? 67  GLY P O   1 
ATOM   1325 N N   . SER B 2 68 ? 6.659   -18.371 7.092   1.00 27.48 ? 68  SER P N   1 
ATOM   1326 C CA  . SER B 2 68 ? 7.325   -18.704 5.845   1.00 29.90 ? 68  SER P CA  1 
ATOM   1327 C C   . SER B 2 68 ? 6.437   -19.243 4.732   1.00 28.23 ? 68  SER P C   1 
ATOM   1328 O O   . SER B 2 68 ? 6.725   -19.035 3.557   1.00 38.93 ? 68  SER P O   1 
ATOM   1329 C CB  . SER B 2 68 ? 8.460   -19.694 6.117   1.00 30.78 ? 68  SER P CB  1 
ATOM   1330 O OG  . SER B 2 68 ? 7.968   -20.893 6.697   1.00 36.66 ? 68  SER P OG  1 
ATOM   1331 N N   . GLN B 2 69 ? 5.369   -19.945 5.088   1.00 28.89 ? 69  GLN P N   1 
ATOM   1332 C CA  . GLN B 2 69 ? 4.469   -20.508 4.085   1.00 25.00 ? 69  GLN P CA  1 
ATOM   1333 C C   . GLN B 2 69 ? 3.287   -19.605 3.800   1.00 21.39 ? 69  GLN P C   1 
ATOM   1334 O O   . GLN B 2 69 ? 2.367   -19.993 3.085   1.00 20.34 ? 69  GLN P O   1 
ATOM   1335 C CB  . GLN B 2 69 ? 3.967   -21.892 4.512   1.00 32.11 ? 69  GLN P CB  1 
ATOM   1336 C CG  . GLN B 2 69 ? 5.082   -22.863 4.840   1.00 40.49 ? 69  GLN P CG  1 
ATOM   1337 C CD  . GLN B 2 69 ? 6.213   -22.788 3.830   1.00 46.36 ? 69  GLN P CD  1 
ATOM   1338 O OE1 . GLN B 2 69 ? 7.334   -22.370 4.157   1.00 47.78 ? 69  GLN P OE1 1 
ATOM   1339 N NE2 . GLN B 2 69 ? 5.925   -23.175 2.590   1.00 46.63 ? 69  GLN P NE2 1 
ATOM   1340 N N   . ALA B 2 70 ? 3.320   -18.392 4.341   1.00 17.79 ? 70  ALA P N   1 
ATOM   1341 C CA  . ALA B 2 70 ? 2.232   -17.451 4.135   1.00 19.31 ? 70  ALA P CA  1 
ATOM   1342 C C   . ALA B 2 70 ? 1.958   -17.224 2.640   1.00 20.74 ? 70  ALA P C   1 
ATOM   1343 O O   . ALA B 2 70 ? 0.831   -17.432 2.185   1.00 22.68 ? 70  ALA P O   1 
ATOM   1344 C CB  . ALA B 2 70 ? 2.517   -16.139 4.849   1.00 14.06 ? 70  ALA P CB  1 
ATOM   1345 N N   . LEU B 2 71 ? 2.994   -16.913 1.855   1.00 24.40 ? 71  LEU P N   1 
ATOM   1346 C CA  . LEU B 2 71 ? 2.809   -16.660 0.417   1.00 20.59 ? 71  LEU P CA  1 
ATOM   1347 C C   . LEU B 2 71 ? 2.350   -17.866 -0.384  1.00 17.56 ? 71  LEU P C   1 
ATOM   1348 O O   . LEU B 2 71 ? 1.330   -17.785 -1.065  1.00 23.62 ? 71  LEU P O   1 
ATOM   1349 C CB  . LEU B 2 71 ? 4.047   -16.026 -0.227  1.00 24.70 ? 71  LEU P CB  1 
ATOM   1350 C CG  . LEU B 2 71 ? 3.784   -14.728 -1.020  1.00 27.73 ? 71  LEU P CG  1 
ATOM   1351 C CD1 . LEU B 2 71 ? 5.077   -14.203 -1.623  1.00 24.63 ? 71  LEU P CD1 1 
ATOM   1352 C CD2 . LEU B 2 71 ? 2.770   -14.956 -2.121  1.00 27.54 ? 71  LEU P CD2 1 
ATOM   1353 N N   . PRO B 2 72 ? 3.081   -18.991 -0.337  1.00 14.72 ? 72  PRO P N   1 
ATOM   1354 C CA  . PRO B 2 72 ? 2.601   -20.130 -1.121  1.00 12.12 ? 72  PRO P CA  1 
ATOM   1355 C C   . PRO B 2 72 ? 1.224   -20.620 -0.679  1.00 17.27 ? 72  PRO P C   1 
ATOM   1356 O O   . PRO B 2 72 ? 0.456   -21.154 -1.489  1.00 24.49 ? 72  PRO P O   1 
ATOM   1357 C CB  . PRO B 2 72 ? 3.700   -21.176 -0.938  1.00 11.45 ? 72  PRO P CB  1 
ATOM   1358 C CG  . PRO B 2 72 ? 4.382   -20.788 0.302   1.00 13.11 ? 72  PRO P CG  1 
ATOM   1359 C CD  . PRO B 2 72 ? 4.405   -19.291 0.247   1.00 16.24 ? 72  PRO P CD  1 
ATOM   1360 N N   . LEU B 2 73 ? 0.896   -20.407 0.596   1.00 22.56 ? 73  LEU P N   1 
ATOM   1361 C CA  . LEU B 2 73 ? -0.408  -20.793 1.157   1.00 19.94 ? 73  LEU P CA  1 
ATOM   1362 C C   . LEU B 2 73 ? -1.472  -19.828 0.600   1.00 19.94 ? 73  LEU P C   1 
ATOM   1363 O O   . LEU B 2 73 ? -2.577  -20.240 0.217   1.00 19.78 ? 73  LEU P O   1 
ATOM   1364 C CB  . LEU B 2 73 ? -0.349  -20.708 2.682   1.00 17.99 ? 73  LEU P CB  1 
ATOM   1365 C CG  . LEU B 2 73 ? -1.388  -21.488 3.469   1.00 22.65 ? 73  LEU P CG  1 
ATOM   1366 C CD1 . LEU B 2 73 ? -1.400  -22.923 2.989   1.00 28.52 ? 73  LEU P CD1 1 
ATOM   1367 C CD2 . LEU B 2 73 ? -1.047  -21.425 4.953   1.00 22.56 ? 73  LEU P CD2 1 
ATOM   1368 N N   . PHE B 2 74 ? -1.095  -18.552 0.519   1.00 16.19 ? 74  PHE P N   1 
ATOM   1369 C CA  . PHE B 2 74 ? -1.937  -17.488 -0.016  1.00 13.32 ? 74  PHE P CA  1 
ATOM   1370 C C   . PHE B 2 74 ? -2.227  -17.785 -1.470  1.00 13.69 ? 74  PHE P C   1 
ATOM   1371 O O   . PHE B 2 74 ? -3.369  -17.651 -1.923  1.00 13.32 ? 74  PHE P O   1 
ATOM   1372 C CB  . PHE B 2 74 ? -1.204  -16.151 0.086   1.00 15.79 ? 74  PHE P CB  1 
ATOM   1373 C CG  . PHE B 2 74 ? -1.960  -14.993 -0.506  1.00 18.11 ? 74  PHE P CG  1 
ATOM   1374 C CD1 . PHE B 2 74 ? -3.265  -14.723 -0.117  1.00 12.17 ? 74  PHE P CD1 1 
ATOM   1375 C CD2 . PHE B 2 74 ? -1.357  -14.160 -1.446  1.00 19.38 ? 74  PHE P CD2 1 
ATOM   1376 C CE1 . PHE B 2 74 ? -3.955  -13.643 -0.647  1.00 14.26 ? 74  PHE P CE1 1 
ATOM   1377 C CE2 . PHE B 2 74 ? -2.042  -13.071 -1.987  1.00 14.15 ? 74  PHE P CE2 1 
ATOM   1378 C CZ  . PHE B 2 74 ? -3.346  -12.816 -1.584  1.00 18.38 ? 74  PHE P CZ  1 
ATOM   1379 N N   . ILE B 2 75 ? -1.194  -18.249 -2.182  1.00 16.57 ? 75  ILE P N   1 
ATOM   1380 C CA  . ILE B 2 75 ? -1.298  -18.580 -3.602  1.00 16.90 ? 75  ILE P CA  1 
ATOM   1381 C C   . ILE B 2 75 ? -2.249  -19.730 -3.800  1.00 15.79 ? 75  ILE P C   1 
ATOM   1382 O O   . ILE B 2 75 ? -3.045  -19.721 -4.741  1.00 20.76 ? 75  ILE P O   1 
ATOM   1383 C CB  . ILE B 2 75 ? 0.085   -18.890 -4.262  1.00 17.12 ? 75  ILE P CB  1 
ATOM   1384 C CG1 . ILE B 2 75 ? 1.023   -17.696 -4.099  1.00 15.51 ? 75  ILE P CG1 1 
ATOM   1385 C CG2 . ILE B 2 75 ? -0.079  -19.097 -5.757  1.00 20.81 ? 75  ILE P CG2 1 
ATOM   1386 C CD1 . ILE B 2 75 ? 2.322   -17.841 -4.823  1.00 11.87 ? 75  ILE P CD1 1 
ATOM   1387 N N   . SER B 2 76 ? -2.212  -20.697 -2.889  1.00 17.92 ? 76  SER P N   1 
ATOM   1388 C CA  . SER B 2 76 ? -3.124  -21.830 -2.979  1.00 16.14 ? 76  SER P CA  1 
ATOM   1389 C C   . SER B 2 76 ? -4.571  -21.393 -2.798  1.00 15.42 ? 76  SER P C   1 
ATOM   1390 O O   . SER B 2 76 ? -5.462  -21.907 -3.473  1.00 16.87 ? 76  SER P O   1 
ATOM   1391 C CB  . SER B 2 76 ? -2.769  -22.899 -1.957  1.00 21.68 ? 76  SER P CB  1 
ATOM   1392 O OG  . SER B 2 76 ? -1.618  -23.613 -2.366  1.00 33.94 ? 76  SER P OG  1 
ATOM   1393 N N   . CYS B 2 77 ? -4.808  -20.429 -1.911  1.00 18.42 ? 77  CYS P N   1 
ATOM   1394 C CA  . CYS B 2 77 ? -6.166  -19.930 -1.682  1.00 17.68 ? 77  CYS P CA  1 
ATOM   1395 C C   . CYS B 2 77 ? -6.647  -19.162 -2.900  1.00 16.99 ? 77  CYS P C   1 
ATOM   1396 O O   . CYS B 2 77 ? -7.825  -19.217 -3.256  1.00 17.41 ? 77  CYS P O   1 
ATOM   1397 C CB  . CYS B 2 77 ? -6.223  -19.027 -0.449  1.00 14.65 ? 77  CYS P CB  1 
ATOM   1398 S SG  . CYS B 2 77 ? -5.662  -19.851 1.056   1.00 24.87 ? 77  CYS P SG  1 
ATOM   1399 N N   . LEU B 2 78 ? -5.737  -18.434 -3.533  1.00 15.95 ? 78  LEU P N   1 
ATOM   1400 C CA  . LEU B 2 78 ? -6.076  -17.677 -4.734  1.00 16.75 ? 78  LEU P CA  1 
ATOM   1401 C C   . LEU B 2 78 ? -6.526  -18.649 -5.814  1.00 15.38 ? 78  LEU P C   1 
ATOM   1402 O O   . LEU B 2 78 ? -7.568  -18.462 -6.452  1.00 16.65 ? 78  LEU P O   1 
ATOM   1403 C CB  . LEU B 2 78 ? -4.851  -16.897 -5.215  1.00 17.62 ? 78  LEU P CB  1 
ATOM   1404 C CG  . LEU B 2 78 ? -4.872  -15.371 -5.282  1.00 13.35 ? 78  LEU P CG  1 
ATOM   1405 C CD1 . LEU B 2 78 ? -5.814  -14.773 -4.272  1.00 10.48 ? 78  LEU P CD1 1 
ATOM   1406 C CD2 . LEU B 2 78 ? -3.461  -14.873 -5.072  1.00 13.08 ? 78  LEU P CD2 1 
ATOM   1407 N N   . GLU B 2 79 ? -5.739  -19.697 -6.019  1.00 18.31 ? 79  GLU P N   1 
ATOM   1408 C CA  . GLU B 2 79 ? -6.076  -20.702 -7.022  1.00 22.03 ? 79  GLU P CA  1 
ATOM   1409 C C   . GLU B 2 79 ? -7.410  -21.406 -6.772  1.00 25.58 ? 79  GLU P C   1 
ATOM   1410 O O   . GLU B 2 79 ? -8.219  -21.531 -7.696  1.00 28.47 ? 79  GLU P O   1 
ATOM   1411 C CB  . GLU B 2 79 ? -4.962  -21.727 -7.148  1.00 22.57 ? 79  GLU P CB  1 
ATOM   1412 C CG  . GLU B 2 79 ? -3.686  -21.144 -7.693  1.00 21.82 ? 79  GLU P CG  1 
ATOM   1413 C CD  . GLU B 2 79 ? -2.476  -21.996 -7.405  1.00 19.10 ? 79  GLU P CD  1 
ATOM   1414 O OE1 . GLU B 2 79 ? -2.550  -22.870 -6.531  1.00 26.80 ? 79  GLU P OE1 1 
ATOM   1415 O OE2 . GLU B 2 79 ? -1.435  -21.787 -8.048  1.00 27.25 ? 79  GLU P OE2 1 
ATOM   1416 N N   . ASP B 2 80 ? -7.674  -21.858 -5.547  1.00 28.73 ? 80  ASP P N   1 
ATOM   1417 C CA  . ASP B 2 80 ? -8.950  -22.523 -5.318  1.00 35.64 ? 80  ASP P CA  1 
ATOM   1418 C C   . ASP B 2 80 ? -10.143 -21.571 -5.374  1.00 34.04 ? 80  ASP P C   1 
ATOM   1419 O O   . ASP B 2 80 ? -11.298 -21.989 -5.277  1.00 36.80 ? 80  ASP P O   1 
ATOM   1420 C CB  . ASP B 2 80 ? -8.953  -23.433 -4.070  1.00 39.55 ? 80  ASP P CB  1 
ATOM   1421 C CG  . ASP B 2 80 ? -8.517  -22.733 -2.824  1.00 36.53 ? 80  ASP P CG  1 
ATOM   1422 O OD1 . ASP B 2 80 ? -8.912  -21.567 -2.644  1.00 44.45 ? 80  ASP P OD1 1 
ATOM   1423 O OD2 . ASP B 2 80 ? -7.805  -23.361 -2.012  1.00 31.72 ? 80  ASP P OD2 1 
ATOM   1424 N N   . THR B 2 81 ? -9.842  -20.289 -5.543  1.00 34.19 ? 81  THR P N   1 
ATOM   1425 C CA  . THR B 2 81 ? -10.854 -19.249 -5.681  1.00 30.35 ? 81  THR P CA  1 
ATOM   1426 C C   . THR B 2 81 ? -10.985 -18.922 -7.180  1.00 26.74 ? 81  THR P C   1 
ATOM   1427 O O   . THR B 2 81 ? -11.883 -18.190 -7.594  1.00 29.13 ? 81  THR P O   1 
ATOM   1428 C CB  . THR B 2 81 ? -10.452 -17.978 -4.893  1.00 29.29 ? 81  THR P CB  1 
ATOM   1429 O OG1 . THR B 2 81 ? -10.408 -18.279 -3.495  1.00 32.12 ? 81  THR P OG1 1 
ATOM   1430 C CG2 . THR B 2 81 ? -11.447 -16.875 -5.117  1.00 35.84 ? 81  THR P CG2 1 
ATOM   1431 N N   . GLY B 2 82 ? -10.083 -19.477 -7.988  1.00 21.99 ? 82  GLY P N   1 
ATOM   1432 C CA  . GLY B 2 82 ? -10.119 -19.238 -9.416  1.00 17.59 ? 82  GLY P CA  1 
ATOM   1433 C C   . GLY B 2 82 ? -9.412  -17.970 -9.866  1.00 16.91 ? 82  GLY P C   1 
ATOM   1434 O O   . GLY B 2 82 ? -9.553  -17.542 -11.007 1.00 20.96 ? 82  GLY P O   1 
ATOM   1435 N N   . GLN B 2 83 ? -8.641  -17.363 -8.980  1.00 16.51 ? 83  GLN P N   1 
ATOM   1436 C CA  . GLN B 2 83 ? -7.913  -16.157 -9.339  1.00 14.10 ? 83  GLN P CA  1 
ATOM   1437 C C   . GLN B 2 83 ? -6.548  -16.571 -9.911  1.00 17.15 ? 83  GLN P C   1 
ATOM   1438 O O   . GLN B 2 83 ? -5.484  -16.328 -9.323  1.00 18.80 ? 83  GLN P O   1 
ATOM   1439 C CB  . GLN B 2 83 ? -7.815  -15.273 -8.104  1.00 12.76 ? 83  GLN P CB  1 
ATOM   1440 C CG  . GLN B 2 83 ? -9.205  -14.849 -7.614  1.00 11.74 ? 83  GLN P CG  1 
ATOM   1441 C CD  . GLN B 2 83 ? -9.169  -14.066 -6.326  1.00 19.23 ? 83  GLN P CD  1 
ATOM   1442 O OE1 . GLN B 2 83 ? -9.521  -14.575 -5.269  1.00 24.43 ? 83  GLN P OE1 1 
ATOM   1443 N NE2 . GLN B 2 83 ? -8.754  -12.816 -6.408  1.00 23.17 ? 83  GLN P NE2 1 
ATOM   1444 N N   . ASP B 2 84 ? -6.604  -17.198 -11.086 1.00 16.99 ? 84  ASP P N   1 
ATOM   1445 C CA  . ASP B 2 84 ? -5.434  -17.750 -11.772 1.00 17.71 ? 84  ASP P CA  1 
ATOM   1446 C C   . ASP B 2 84 ? -4.348  -16.791 -12.263 1.00 16.14 ? 84  ASP P C   1 
ATOM   1447 O O   . ASP B 2 84 ? -3.163  -17.107 -12.167 1.00 15.13 ? 84  ASP P O   1 
ATOM   1448 C CB  . ASP B 2 84 ? -5.898  -18.656 -12.920 1.00 14.58 ? 84  ASP P CB  1 
ATOM   1449 C CG  . ASP B 2 84 ? -6.950  -19.664 -12.480 1.00 15.41 ? 84  ASP P CG  1 
ATOM   1450 O OD1 . ASP B 2 84 ? -6.855  -20.180 -11.352 1.00 16.12 ? 84  ASP P OD1 1 
ATOM   1451 O OD2 . ASP B 2 84 ? -7.886  -19.944 -13.255 1.00 21.44 ? 84  ASP P OD2 1 
ATOM   1452 N N   . MET B 2 85 ? -4.736  -15.634 -12.795 1.00 22.44 ? 85  MET P N   1 
ATOM   1453 C CA  . MET B 2 85 ? -3.764  -14.657 -13.286 1.00 21.05 ? 85  MET P CA  1 
ATOM   1454 C C   . MET B 2 85 ? -2.971  -14.086 -12.124 1.00 22.25 ? 85  MET P C   1 
ATOM   1455 O O   . MET B 2 85 ? -1.731  -14.059 -12.165 1.00 25.09 ? 85  MET P O   1 
ATOM   1456 C CB  . MET B 2 85 ? -4.445  -13.556 -14.119 1.00 25.61 ? 85  MET P CB  1 
ATOM   1457 C CG  . MET B 2 85 ? -4.814  -14.014 -15.551 1.00 32.88 ? 85  MET P CG  1 
ATOM   1458 S SD  . MET B 2 85 ? -6.041  -12.998 -16.492 1.00 48.14 ? 85  MET P SD  1 
ATOM   1459 C CE  . MET B 2 85 ? -5.635  -13.458 -18.220 1.00 35.12 ? 85  MET P CE  1 
ATOM   1460 N N   . LEU B 2 86 ? -3.674  -13.742 -11.046 1.00 22.31 ? 86  LEU P N   1 
ATOM   1461 C CA  . LEU B 2 86 ? -3.038  -13.198 -9.850  1.00 21.99 ? 86  LEU P CA  1 
ATOM   1462 C C   . LEU B 2 86 ? -2.119  -14.246 -9.231  1.00 25.68 ? 86  LEU P C   1 
ATOM   1463 O O   . LEU B 2 86 ? -0.988  -13.930 -8.841  1.00 32.00 ? 86  LEU P O   1 
ATOM   1464 C CB  . LEU B 2 86 ? -4.080  -12.762 -8.829  1.00 20.78 ? 86  LEU P CB  1 
ATOM   1465 C CG  . LEU B 2 86 ? -3.808  -11.493 -8.020  1.00 23.08 ? 86  LEU P CG  1 
ATOM   1466 C CD1 . LEU B 2 86 ? -4.740  -11.476 -6.828  1.00 23.07 ? 86  LEU P CD1 1 
ATOM   1467 C CD2 . LEU B 2 86 ? -2.375  -11.426 -7.546  1.00 22.29 ? 86  LEU P CD2 1 
ATOM   1468 N N   . ALA B 2 87 ? -2.596  -15.489 -9.138  1.00 26.13 ? 87  ALA P N   1 
ATOM   1469 C CA  . ALA B 2 87 ? -1.790  -16.587 -8.583  1.00 24.58 ? 87  ALA P CA  1 
ATOM   1470 C C   . ALA B 2 87 ? -0.557  -16.846 -9.468  1.00 22.47 ? 87  ALA P C   1 
ATOM   1471 O O   . ALA B 2 87 ? 0.550   -17.081 -8.974  1.00 19.00 ? 87  ALA P O   1 
ATOM   1472 C CB  . ALA B 2 87 ? -2.637  -17.861 -8.469  1.00 19.28 ? 87  ALA P CB  1 
ATOM   1473 N N   . SER B 2 88 ? -0.763  -16.751 -10.778 1.00 21.86 ? 88  SER P N   1 
ATOM   1474 C CA  . SER B 2 88 ? 0.280   -16.963 -11.775 1.00 20.57 ? 88  SER P CA  1 
ATOM   1475 C C   . SER B 2 88 ? 1.391   -15.943 -11.672 1.00 16.63 ? 88  SER P C   1 
ATOM   1476 O O   . SER B 2 88 ? 2.578   -16.273 -11.744 1.00 17.34 ? 88  SER P O   1 
ATOM   1477 C CB  . SER B 2 88 ? -0.316  -16.876 -13.178 1.00 26.91 ? 88  SER P CB  1 
ATOM   1478 O OG  . SER B 2 88 ? 0.590   -17.385 -14.143 1.00 31.33 ? 88  SER P OG  1 
ATOM   1479 N N   . PHE B 2 89 ? 0.994   -14.690 -11.548 1.00 11.31 ? 89  PHE P N   1 
ATOM   1480 C CA  . PHE B 2 89 ? 1.948   -13.604 -11.450 1.00 13.07 ? 89  PHE P CA  1 
ATOM   1481 C C   . PHE B 2 89 ? 2.830   -13.776 -10.222 1.00 12.55 ? 89  PHE P C   1 
ATOM   1482 O O   . PHE B 2 89 ? 4.058   -13.689 -10.301 1.00 18.05 ? 89  PHE P O   1 
ATOM   1483 C CB  . PHE B 2 89 ? 1.194   -12.279 -11.415 1.00 11.04 ? 89  PHE P CB  1 
ATOM   1484 C CG  . PHE B 2 89 ? 2.069   -11.105 -11.343 1.00 15.71 ? 89  PHE P CG  1 
ATOM   1485 C CD1 . PHE B 2 89 ? 2.726   -10.653 -12.477 1.00 16.63 ? 89  PHE P CD1 1 
ATOM   1486 C CD2 . PHE B 2 89 ? 2.272   -10.453 -10.131 1.00 20.25 ? 89  PHE P CD2 1 
ATOM   1487 C CE1 . PHE B 2 89 ? 3.573   -9.556  -12.407 1.00 24.70 ? 89  PHE P CE1 1 
ATOM   1488 C CE2 . PHE B 2 89 ? 3.125   -9.349  -10.045 1.00 23.59 ? 89  PHE P CE2 1 
ATOM   1489 C CZ  . PHE B 2 89 ? 3.778   -8.904  -11.187 1.00 22.97 ? 89  PHE P CZ  1 
ATOM   1490 N N   . LEU B 2 90 ? 2.201   -14.066 -9.091  1.00 15.79 ? 90  LEU P N   1 
ATOM   1491 C CA  . LEU B 2 90 ? 2.911   -14.261 -7.833  1.00 17.44 ? 90  LEU P CA  1 
ATOM   1492 C C   . LEU B 2 90 ? 3.865   -15.458 -7.880  1.00 17.68 ? 90  LEU P C   1 
ATOM   1493 O O   . LEU B 2 90 ? 5.014   -15.373 -7.412  1.00 20.54 ? 90  LEU P O   1 
ATOM   1494 C CB  . LEU B 2 90 ? 1.899   -14.398 -6.695  1.00 18.38 ? 90  LEU P CB  1 
ATOM   1495 C CG  . LEU B 2 90 ? 1.128   -13.120 -6.337  1.00 15.72 ? 90  LEU P CG  1 
ATOM   1496 C CD1 . LEU B 2 90 ? 0.003   -13.438 -5.348  1.00 15.17 ? 90  LEU P CD1 1 
ATOM   1497 C CD2 . LEU B 2 90 ? 2.105   -12.094 -5.744  1.00 6.67  ? 90  LEU P CD2 1 
ATOM   1498 N N   . ARG B 2 91 ? 3.403   -16.550 -8.482  1.00 15.35 ? 91  ARG P N   1 
ATOM   1499 C CA  . ARG B 2 91 ? 4.207   -17.756 -8.627  1.00 13.54 ? 91  ARG P CA  1 
ATOM   1500 C C   . ARG B 2 91 ? 5.427   -17.509 -9.485  1.00 16.35 ? 91  ARG P C   1 
ATOM   1501 O O   . ARG B 2 91 ? 6.525   -17.936 -9.149  1.00 19.61 ? 91  ARG P O   1 
ATOM   1502 C CB  . ARG B 2 91 ? 3.414   -18.851 -9.321  1.00 20.29 ? 91  ARG P CB  1 
ATOM   1503 C CG  . ARG B 2 91 ? 2.658   -19.768 -8.430  1.00 24.07 ? 91  ARG P CG  1 
ATOM   1504 C CD  . ARG B 2 91 ? 2.198   -20.962 -9.234  1.00 28.35 ? 91  ARG P CD  1 
ATOM   1505 N NE  . ARG B 2 91 ? 1.276   -21.793 -8.476  1.00 31.32 ? 91  ARG P NE  1 
ATOM   1506 C CZ  . ARG B 2 91 ? 1.637   -22.613 -7.499  1.00 34.50 ? 91  ARG P CZ  1 
ATOM   1507 N NH1 . ARG B 2 91 ? 2.916   -22.716 -7.169  1.00 35.81 ? 91  ARG P NH1 1 
ATOM   1508 N NH2 . ARG B 2 91 ? 0.713   -23.306 -6.838  1.00 39.37 ? 91  ARG P NH2 1 
ATOM   1509 N N   . THR B 2 92 ? 5.221   -16.893 -10.642 1.00 19.79 ? 92  THR P N   1 
ATOM   1510 C CA  . THR B 2 92 ? 6.321   -16.628 -11.559 1.00 25.40 ? 92  THR P CA  1 
ATOM   1511 C C   . THR B 2 92 ? 7.390   -15.790 -10.888 1.00 27.10 ? 92  THR P C   1 
ATOM   1512 O O   . THR B 2 92 ? 8.593   -16.011 -11.091 1.00 28.17 ? 92  THR P O   1 
ATOM   1513 C CB  . THR B 2 92 ? 5.836   -15.931 -12.837 1.00 25.65 ? 92  THR P CB  1 
ATOM   1514 O OG1 . THR B 2 92 ? 4.732   -16.673 -13.386 1.00 27.59 ? 92  THR P OG1 1 
ATOM   1515 C CG2 . THR B 2 92 ? 6.967   -15.866 -13.860 1.00 22.62 ? 92  THR P CG2 1 
ATOM   1516 N N   . ASN B 2 93 ? 6.947   -14.858 -10.052 1.00 26.10 ? 93  ASN P N   1 
ATOM   1517 C CA  . ASN B 2 93 ? 7.866   -14.001 -9.325  1.00 24.98 ? 93  ASN P CA  1 
ATOM   1518 C C   . ASN B 2 93 ? 8.691   -14.761 -8.275  1.00 28.86 ? 93  ASN P C   1 
ATOM   1519 O O   . ASN B 2 93 ? 9.923   -14.640 -8.250  1.00 30.40 ? 93  ASN P O   1 
ATOM   1520 C CB  . ASN B 2 93 ? 7.114   -12.829 -8.711  1.00 23.74 ? 93  ASN P CB  1 
ATOM   1521 C CG  . ASN B 2 93 ? 7.020   -11.662 -9.653  1.00 21.26 ? 93  ASN P CG  1 
ATOM   1522 O OD1 . ASN B 2 93 ? 8.031   -11.067 -10.020 1.00 27.07 ? 93  ASN P OD1 1 
ATOM   1523 N ND2 . ASN B 2 93 ? 5.811   -11.335 -10.068 1.00 24.76 ? 93  ASN P ND2 1 
ATOM   1524 N N   . ARG B 2 94 ? 8.034   -15.556 -7.425  1.00 25.85 ? 94  ARG P N   1 
ATOM   1525 C CA  . ARG B 2 94 ? 8.753   -16.344 -6.415  1.00 23.59 ? 94  ARG P CA  1 
ATOM   1526 C C   . ARG B 2 94 ? 9.594   -17.426 -7.076  1.00 24.21 ? 94  ARG P C   1 
ATOM   1527 O O   . ARG B 2 94 ? 10.615  -17.838 -6.544  1.00 26.37 ? 94  ARG P O   1 
ATOM   1528 C CB  . ARG B 2 94 ? 7.793   -17.042 -5.461  1.00 22.67 ? 94  ARG P CB  1 
ATOM   1529 C CG  . ARG B 2 94 ? 6.912   -16.136 -4.687  1.00 24.59 ? 94  ARG P CG  1 
ATOM   1530 C CD  . ARG B 2 94 ? 6.178   -16.935 -3.641  1.00 29.35 ? 94  ARG P CD  1 
ATOM   1531 N NE  . ARG B 2 94 ? 6.973   -17.157 -2.435  1.00 25.28 ? 94  ARG P NE  1 
ATOM   1532 C CZ  . ARG B 2 94 ? 7.317   -18.353 -1.972  1.00 25.19 ? 94  ARG P CZ  1 
ATOM   1533 N NH1 . ARG B 2 94 ? 6.951   -19.439 -2.630  1.00 29.85 ? 94  ARG P NH1 1 
ATOM   1534 N NH2 . ARG B 2 94 ? 7.950   -18.469 -0.809  1.00 23.26 ? 94  ARG P NH2 1 
ATOM   1535 N N   . GLN B 2 95 ? 9.116   -17.960 -8.190  1.00 23.03 ? 95  GLN P N   1 
ATOM   1536 C CA  . GLN B 2 95 ? 9.854   -18.993 -8.889  1.00 28.38 ? 95  GLN P CA  1 
ATOM   1537 C C   . GLN B 2 95 ? 11.032  -18.434 -9.675  1.00 29.45 ? 95  GLN P C   1 
ATOM   1538 O O   . GLN B 2 95 ? 11.895  -19.189 -10.099 1.00 30.59 ? 95  GLN P O   1 
ATOM   1539 C CB  . GLN B 2 95 ? 8.928   -19.791 -9.796  1.00 31.95 ? 95  GLN P CB  1 
ATOM   1540 C CG  . GLN B 2 95 ? 8.051   -20.742 -9.019  1.00 41.97 ? 95  GLN P CG  1 
ATOM   1541 C CD  . GLN B 2 95 ? 6.833   -21.186 -9.792  1.00 47.14 ? 95  GLN P CD  1 
ATOM   1542 O OE1 . GLN B 2 95 ? 6.857   -21.289 -11.030 1.00 50.96 ? 95  GLN P OE1 1 
ATOM   1543 N NE2 . GLN B 2 95 ? 5.743   -21.447 -9.069  1.00 47.24 ? 95  GLN P NE2 1 
ATOM   1544 N N   . ALA B 2 96 ? 11.055  -17.121 -9.887  1.00 29.46 ? 96  ALA P N   1 
ATOM   1545 C CA  . ALA B 2 96 ? 12.146  -16.494 -10.604 1.00 33.69 ? 96  ALA P CA  1 
ATOM   1546 C C   . ALA B 2 96 ? 13.323  -16.437 -9.652  1.00 41.84 ? 96  ALA P C   1 
ATOM   1547 O O   . ALA B 2 96 ? 13.720  -15.367 -9.190  1.00 49.47 ? 96  ALA P O   1 
ATOM   1548 C CB  . ALA B 2 96 ? 11.757  -15.106 -11.043 1.00 32.53 ? 96  ALA P CB  1 
ATOM   1549 N N   . GLY B 2 97 ? 13.848  -17.608 -9.320  1.00 53.67 ? 97  GLY P N   1 
ATOM   1550 C CA  . GLY B 2 97 ? 14.973  -17.711 -8.411  1.00 58.46 ? 97  GLY P CA  1 
ATOM   1551 C C   . GLY B 2 97 ? 15.719  -19.004 -8.678  1.00 61.80 ? 97  GLY P C   1 
ATOM   1552 O O   . GLY B 2 97 ? 15.089  -20.092 -8.609  1.00 61.21 ? 97  GLY P O   1 
ATOM   1553 O OXT . GLY B 2 97 ? 16.922  -18.921 -9.009  1.00 62.75 ? 97  GLY P OXT 1 
HETATM 1554 O O   . HOH C 3 .  ? -2.558  2.942   2.409   1.00 24.53 ? 96  HOH C O   1 
HETATM 1555 O O   . HOH C 3 .  ? 4.407   24.570  -9.249  1.00 37.87 ? 97  HOH C O   1 
HETATM 1556 O O   . HOH C 3 .  ? 12.104  9.793   -14.489 1.00 33.29 ? 98  HOH C O   1 
HETATM 1557 O O   . HOH C 3 .  ? 2.509   6.260   -9.249  1.00 23.51 ? 99  HOH C O   1 
HETATM 1558 O O   . HOH C 3 .  ? 10.001  7.197   -9.129  1.00 34.37 ? 100 HOH C O   1 
HETATM 1559 O O   . HOH C 3 .  ? 0.764   -0.701  7.222   1.00 28.56 ? 101 HOH C O   1 
HETATM 1560 O O   . HOH C 3 .  ? -0.052  13.747  12.298  1.00 28.80 ? 102 HOH C O   1 
HETATM 1561 O O   . HOH C 3 .  ? -0.219  18.636  -12.859 1.00 32.46 ? 103 HOH C O   1 
HETATM 1562 O O   . HOH C 3 .  ? 16.759  10.287  -4.634  1.00 33.73 ? 104 HOH C O   1 
HETATM 1563 O O   . HOH C 3 .  ? 7.398   10.813  11.219  1.00 38.76 ? 105 HOH C O   1 
HETATM 1564 O O   . HOH C 3 .  ? -9.362  13.381  16.884  1.00 45.31 ? 106 HOH C O   1 
HETATM 1565 O O   . HOH C 3 .  ? 12.708  0.618   -6.328  1.00 47.00 ? 107 HOH C O   1 
HETATM 1566 O O   . HOH C 3 .  ? -12.831 1.667   -2.727  1.00 36.00 ? 108 HOH C O   1 
HETATM 1567 O O   . HOH C 3 .  ? 13.179  7.236   1.127   1.00 46.60 ? 109 HOH C O   1 
HETATM 1568 O O   . HOH C 3 .  ? -5.340  16.196  18.765  1.00 47.27 ? 110 HOH C O   1 
HETATM 1569 O O   . HOH C 3 .  ? 0.981   3.473   14.989  1.00 50.21 ? 111 HOH C O   1 
HETATM 1570 O O   . HOH C 3 .  ? 10.652  9.770   7.374   1.00 50.83 ? 112 HOH C O   1 
HETATM 1571 O O   . HOH C 3 .  ? 6.461   26.036  -4.685  1.00 57.15 ? 113 HOH C O   1 
HETATM 1572 O O   . HOH C 3 .  ? 10.053  9.560   -16.105 1.00 77.02 ? 114 HOH C O   1 
HETATM 1573 O O   . HOH C 3 .  ? -4.752  21.405  -12.822 1.00 37.48 ? 115 HOH C O   1 
HETATM 1574 O O   . HOH C 3 .  ? 12.853  -0.787  -3.137  1.00 48.50 ? 116 HOH C O   1 
HETATM 1575 O O   . HOH C 3 .  ? 1.795   28.999  -2.648  1.00 42.64 ? 117 HOH C O   1 
HETATM 1576 O O   . HOH C 3 .  ? 3.672   14.935  -18.514 1.00 39.57 ? 118 HOH C O   1 
HETATM 1577 O O   . HOH C 3 .  ? -5.180  23.630  -4.766  1.00 56.18 ? 119 HOH C O   1 
HETATM 1578 O O   . HOH C 3 .  ? -7.588  18.667  -8.744  1.00 37.98 ? 120 HOH C O   1 
HETATM 1579 O O   . HOH C 3 .  ? -11.590 13.506  9.876   1.00 43.21 ? 121 HOH C O   1 
HETATM 1580 O O   . HOH C 3 .  ? 3.719   17.461  -16.586 1.00 56.77 ? 122 HOH C O   1 
HETATM 1581 O O   . HOH C 3 .  ? 9.487   6.831   10.174  1.00 53.53 ? 123 HOH C O   1 
HETATM 1582 O O   . HOH C 3 .  ? 16.379  5.330   -5.250  1.00 61.49 ? 124 HOH C O   1 
HETATM 1583 O O   . HOH C 3 .  ? 5.639   12.500  -19.096 1.00 54.62 ? 125 HOH C O   1 
HETATM 1584 O O   . HOH C 3 .  ? 9.883   20.150  -12.660 1.00 52.45 ? 126 HOH C O   1 
HETATM 1585 O O   . HOH C 3 .  ? 5.408   15.494  -14.095 1.00 45.33 ? 127 HOH C O   1 
HETATM 1586 O O   . HOH C 3 .  ? -7.551  14.936  4.629   1.00 70.99 ? 128 HOH C O   1 
HETATM 1587 O O   . HOH C 3 .  ? -0.221  25.436  2.174   1.00 55.78 ? 129 HOH C O   1 
HETATM 1588 O O   . HOH C 3 .  ? 19.452  21.169  -0.940  1.00 65.41 ? 130 HOH C O   1 
HETATM 1589 O O   . HOH C 3 .  ? 5.155   0.853   -8.435  1.00 85.35 ? 131 HOH C O   1 
HETATM 1590 O O   . HOH C 3 .  ? 13.723  26.883  -2.130  1.00 43.71 ? 132 HOH C O   1 
HETATM 1591 O O   . HOH C 3 .  ? 5.627   15.897  -4.647  1.00 65.81 ? 133 HOH C O   1 
HETATM 1592 O O   . HOH C 3 .  ? -10.828 1.960   -5.374  1.00 62.63 ? 134 HOH C O   1 
HETATM 1593 O O   . HOH C 3 .  ? -0.090  29.370  -0.094  1.00 78.23 ? 135 HOH C O   1 
HETATM 1594 O O   . HOH C 3 .  ? 3.913   18.186  11.586  1.00 58.41 ? 136 HOH C O   1 
HETATM 1595 O O   . HOH C 3 .  ? 11.050  21.330  -10.589 1.00 69.78 ? 137 HOH C O   1 
HETATM 1596 O O   . HOH C 3 .  ? -10.073 10.718  17.502  1.00 43.32 ? 138 HOH C O   1 
HETATM 1597 O O   . HOH C 3 .  ? 16.899  22.450  -10.675 1.00 75.37 ? 139 HOH C O   1 
HETATM 1598 O O   . HOH C 3 .  ? -1.174  -0.588  13.064  1.00 59.62 ? 140 HOH C O   1 
HETATM 1599 O O   . HOH C 3 .  ? -1.851  0.224   7.892   1.00 54.64 ? 141 HOH C O   1 
HETATM 1600 O O   . HOH C 3 .  ? 7.699   17.312  -15.207 1.00 31.57 ? 142 HOH C O   1 
HETATM 1601 O O   . HOH C 3 .  ? 4.542   15.593  15.001  1.00 47.64 ? 143 HOH C O   1 
HETATM 1602 O O   . HOH C 3 .  ? -4.786  29.716  4.267   1.00 54.39 ? 144 HOH C O   1 
HETATM 1603 O O   . HOH C 3 .  ? 18.884  20.230  1.981   1.00 49.43 ? 145 HOH C O   1 
HETATM 1604 O O   . HOH C 3 .  ? -11.884 14.495  -7.500  1.00 61.83 ? 146 HOH C O   1 
HETATM 1605 O O   . HOH C 3 .  ? 19.600  23.418  2.216   1.00 67.95 ? 147 HOH C O   1 
HETATM 1606 O O   . HOH C 3 .  ? 17.925  12.078  -2.901  1.00 54.08 ? 148 HOH C O   1 
HETATM 1607 O O   . HOH C 3 .  ? -11.892 20.342  9.079   1.00 60.94 ? 149 HOH C O   1 
HETATM 1608 O O   . HOH C 3 .  ? -10.026 10.633  -7.594  1.00 48.97 ? 150 HOH C O   1 
HETATM 1609 O O   . HOH C 3 .  ? 6.771   -0.602  13.815  1.00 76.48 ? 151 HOH C O   1 
HETATM 1610 O O   . HOH C 3 .  ? 11.517  2.783   3.155   1.00 77.97 ? 152 HOH C O   1 
HETATM 1611 O O   . HOH C 3 .  ? 15.885  21.518  3.285   1.00 47.51 ? 153 HOH C O   1 
HETATM 1612 O O   . HOH C 3 .  ? -6.037  18.466  -6.512  1.00 31.04 ? 154 HOH C O   1 
HETATM 1613 O O   . HOH C 3 .  ? 2.434   32.011  -2.106  1.00 50.45 ? 155 HOH C O   1 
HETATM 1614 O O   . HOH C 3 .  ? 14.970  3.378   -10.985 1.00 71.33 ? 156 HOH C O   1 
HETATM 1615 O O   . HOH C 3 .  ? 10.760  25.916  -3.941  1.00 61.25 ? 157 HOH C O   1 
HETATM 1616 O O   . HOH C 3 .  ? -7.650  8.690   -3.278  1.00 55.25 ? 158 HOH C O   1 
HETATM 1617 O O   . HOH C 3 .  ? 10.140  19.766  -15.429 1.00 79.56 ? 159 HOH C O   1 
HETATM 1618 O O   . HOH C 3 .  ? -9.653  12.803  -5.746  1.00 63.05 ? 160 HOH C O   1 
HETATM 1619 O O   . HOH C 3 .  ? 20.952  23.630  -0.351  1.00 45.54 ? 161 HOH C O   1 
HETATM 1620 O O   . HOH C 3 .  ? -10.188 13.810  -1.690  1.00 55.72 ? 162 HOH C O   1 
HETATM 1621 O O   . HOH C 3 .  ? -5.023  2.786   15.886  1.00 73.85 ? 163 HOH C O   1 
HETATM 1622 O O   . HOH C 3 .  ? -8.203  16.609  -10.503 1.00 62.07 ? 164 HOH C O   1 
HETATM 1623 O O   . HOH C 3 .  ? 13.900  2.615   -2.459  1.00 75.11 ? 165 HOH C O   1 
HETATM 1624 O O   . HOH C 3 .  ? 7.794   -0.807  -0.152  1.00 62.21 ? 166 HOH C O   1 
HETATM 1625 O O   . HOH C 3 .  ? -12.442 12.296  15.614  1.00 61.63 ? 167 HOH C O   1 
HETATM 1626 O O   . HOH C 3 .  ? -3.174  25.913  1.737   1.00 66.57 ? 168 HOH C O   1 
HETATM 1627 O O   . HOH C 3 .  ? -3.667  12.141  17.072  1.00 75.78 ? 169 HOH C O   1 
HETATM 1628 O O   . HOH C 3 .  ? 14.899  10.062  -17.348 1.00 64.63 ? 170 HOH C O   1 
HETATM 1629 O O   . HOH D 3 .  ? -12.889 -0.990  -6.745  1.00 2.00  ? 98  HOH P O   1 
HETATM 1630 O O   . HOH D 3 .  ? -7.647  -13.579 -12.141 1.00 13.19 ? 99  HOH P O   1 
HETATM 1631 O O   . HOH D 3 .  ? -3.100  -13.878 -18.905 1.00 56.79 ? 100 HOH P O   1 
HETATM 1632 O O   . HOH D 3 .  ? 2.367   -6.273  2.760   1.00 23.57 ? 101 HOH P O   1 
HETATM 1633 O O   . HOH D 3 .  ? -6.982  -1.347  4.804   1.00 20.29 ? 102 HOH P O   1 
HETATM 1634 O O   . HOH D 3 .  ? -8.679  -16.368 16.762  1.00 31.51 ? 103 HOH P O   1 
HETATM 1635 O O   . HOH D 3 .  ? -15.680 -16.868 1.715   1.00 21.43 ? 104 HOH P O   1 
HETATM 1636 O O   . HOH D 3 .  ? -16.477 -5.511  0.400   1.00 25.66 ? 105 HOH P O   1 
HETATM 1637 O O   . HOH D 3 .  ? -5.959  -7.035  10.825  1.00 23.21 ? 106 HOH P O   1 
HETATM 1638 O O   . HOH D 3 .  ? -17.704 -16.397 4.382   1.00 32.28 ? 107 HOH P O   1 
HETATM 1639 O O   . HOH D 3 .  ? 4.402   -20.258 -13.327 1.00 27.77 ? 108 HOH P O   1 
HETATM 1640 O O   . HOH D 3 .  ? -8.153  -20.823 10.044  1.00 36.20 ? 109 HOH P O   1 
HETATM 1641 O O   . HOH D 3 .  ? -18.600 -1.753  3.138   1.00 22.39 ? 110 HOH P O   1 
HETATM 1642 O O   . HOH D 3 .  ? 6.840   -1.835  -8.010  1.00 34.32 ? 111 HOH P O   1 
HETATM 1643 O O   . HOH D 3 .  ? 17.342  -17.212 -11.556 1.00 36.84 ? 112 HOH P O   1 
HETATM 1644 O O   . HOH D 3 .  ? -13.850 -15.266 10.470  1.00 32.76 ? 113 HOH P O   1 
HETATM 1645 O O   . HOH D 3 .  ? -19.076 -13.975 5.200   1.00 32.09 ? 114 HOH P O   1 
HETATM 1646 O O   . HOH D 3 .  ? 11.424  -12.435 -7.040  1.00 38.71 ? 115 HOH P O   1 
HETATM 1647 O O   . HOH D 3 .  ? 10.120  2.026   -8.714  1.00 38.34 ? 116 HOH P O   1 
HETATM 1648 O O   . HOH D 3 .  ? -15.326 -5.973  -7.375  1.00 37.84 ? 117 HOH P O   1 
HETATM 1649 O O   . HOH D 3 .  ? 2.347   -3.009  -8.056  1.00 63.09 ? 118 HOH P O   1 
HETATM 1650 O O   . HOH D 3 .  ? 9.849   -14.528 -3.585  1.00 36.64 ? 119 HOH P O   1 
HETATM 1651 O O   . HOH D 3 .  ? -12.319 -23.390 -0.945  1.00 44.90 ? 120 HOH P O   1 
HETATM 1652 O O   . HOH D 3 .  ? 12.847  -20.064 -13.855 1.00 32.56 ? 121 HOH P O   1 
HETATM 1653 O O   . HOH D 3 .  ? 16.635  -19.494 -13.179 1.00 31.57 ? 122 HOH P O   1 
HETATM 1654 O O   . HOH D 3 .  ? 14.512  -20.291 -11.838 1.00 39.44 ? 123 HOH P O   1 
HETATM 1655 O O   . HOH D 3 .  ? -11.598 -25.263 -4.581  1.00 45.82 ? 124 HOH P O   1 
HETATM 1656 O O   . HOH D 3 .  ? 1.419   -22.324 -3.653  1.00 28.12 ? 125 HOH P O   1 
HETATM 1657 O O   . HOH D 3 .  ? 9.191   -18.051 -12.984 1.00 36.10 ? 126 HOH P O   1 
HETATM 1658 O O   . HOH D 3 .  ? -11.831 4.371   6.781   1.00 40.48 ? 127 HOH P O   1 
HETATM 1659 O O   . HOH D 3 .  ? -2.075  -3.298  -11.953 1.00 40.74 ? 128 HOH P O   1 
HETATM 1660 O O   . HOH D 3 .  ? -10.340 -24.241 0.710   1.00 46.08 ? 129 HOH P O   1 
HETATM 1661 O O   . HOH D 3 .  ? -13.406 -14.379 -6.435  1.00 42.10 ? 130 HOH P O   1 
HETATM 1662 O O   . HOH D 3 .  ? 14.855  -13.573 1.952   1.00 43.74 ? 131 HOH P O   1 
HETATM 1663 O O   . HOH D 3 .  ? 2.361   -24.317 1.964   1.00 66.77 ? 132 HOH P O   1 
HETATM 1664 O O   . HOH D 3 .  ? -7.468  -27.867 3.687   1.00 40.86 ? 133 HOH P O   1 
HETATM 1665 O O   . HOH D 3 .  ? -8.046  -25.025 11.413  1.00 34.98 ? 134 HOH P O   1 
HETATM 1666 O O   . HOH D 3 .  ? -0.641  -19.799 9.401   1.00 41.05 ? 135 HOH P O   1 
HETATM 1667 O O   . HOH D 3 .  ? 5.959   -20.328 -5.964  1.00 39.09 ? 136 HOH P O   1 
HETATM 1668 O O   . HOH D 3 .  ? -20.145 -11.715 -3.991  1.00 50.10 ? 137 HOH P O   1 
HETATM 1669 O O   . HOH D 3 .  ? 14.334  2.696   -8.375  1.00 37.16 ? 138 HOH P O   1 
HETATM 1670 O O   . HOH D 3 .  ? -14.916 -18.308 -5.960  1.00 68.52 ? 139 HOH P O   1 
HETATM 1671 O O   . HOH D 3 .  ? 8.333   -22.592 -0.178  1.00 40.06 ? 140 HOH P O   1 
HETATM 1672 O O   . HOH D 3 .  ? 12.332  -16.876 6.915   1.00 46.71 ? 141 HOH P O   1 
HETATM 1673 O O   . HOH D 3 .  ? 8.043   -19.734 10.797  1.00 36.47 ? 142 HOH P O   1 
HETATM 1674 O O   . HOH D 3 .  ? -4.377  -22.141 13.040  1.00 75.08 ? 143 HOH P O   1 
HETATM 1675 O O   . HOH D 3 .  ? -18.315 -4.534  4.408   1.00 41.67 ? 144 HOH P O   1 
HETATM 1676 O O   . HOH D 3 .  ? -10.268 -27.137 12.727  1.00 49.91 ? 145 HOH P O   1 
HETATM 1677 O O   . HOH D 3 .  ? 2.714   -15.737 -14.890 1.00 38.09 ? 146 HOH P O   1 
HETATM 1678 O O   . HOH D 3 .  ? -14.976 -13.427 -4.534  1.00 34.30 ? 147 HOH P O   1 
HETATM 1679 O O   . HOH D 3 .  ? -14.115 -9.430  -3.298  1.00 21.43 ? 148 HOH P O   1 
HETATM 1680 O O   . HOH D 3 .  ? 8.042   -5.170  5.191   1.00 44.28 ? 149 HOH P O   1 
HETATM 1681 O O   . HOH D 3 .  ? -10.358 -24.506 -7.092  1.00 31.25 ? 150 HOH P O   1 
HETATM 1682 O O   . HOH D 3 .  ? -8.796  -1.588  -7.895  1.00 42.12 ? 151 HOH P O   1 
HETATM 1683 O O   . HOH D 3 .  ? 5.617   -24.222 -0.183  1.00 61.37 ? 152 HOH P O   1 
HETATM 1684 O O   . HOH D 3 .  ? 11.020  -16.568 -0.678  1.00 43.73 ? 153 HOH P O   1 
HETATM 1685 O O   . HOH D 3 .  ? -18.362 -7.741  3.102   1.00 46.80 ? 154 HOH P O   1 
HETATM 1686 O O   . HOH D 3 .  ? 14.458  -15.717 -6.418  1.00 74.76 ? 155 HOH P O   1 
HETATM 1687 O O   . HOH D 3 .  ? 1.578   -19.982 -13.771 1.00 43.91 ? 156 HOH P O   1 
HETATM 1688 O O   . HOH D 3 .  ? -8.195  1.231   5.829   1.00 66.69 ? 157 HOH P O   1 
HETATM 1689 O O   . HOH D 3 .  ? 6.352   -11.872 12.042  1.00 34.57 ? 158 HOH P O   1 
HETATM 1690 O O   . HOH D 3 .  ? 16.401  -17.210 -15.510 1.00 37.87 ? 159 HOH P O   1 
HETATM 1691 O O   . HOH D 3 .  ? -3.249  -25.279 4.897   1.00 59.06 ? 160 HOH P O   1 
HETATM 1692 O O   . HOH D 3 .  ? -18.390 -13.160 1.036   1.00 71.67 ? 161 HOH P O   1 
HETATM 1693 O O   . HOH D 3 .  ? 11.600  -21.893 -10.427 1.00 35.96 ? 162 HOH P O   1 
HETATM 1694 O O   . HOH D 3 .  ? 11.358  -19.258 3.190   1.00 50.09 ? 163 HOH P O   1 
HETATM 1695 O O   . HOH D 3 .  ? -0.623  -6.592  10.867  1.00 48.95 ? 164 HOH P O   1 
HETATM 1696 O O   . HOH D 3 .  ? -12.155 -14.123 -9.179  1.00 59.42 ? 165 HOH P O   1 
HETATM 1697 O O   . HOH D 3 .  ? -12.111 1.322   10.728  1.00 50.44 ? 166 HOH P O   1 
HETATM 1698 O O   . HOH D 3 .  ? -7.654  -26.182 -6.350  1.00 47.71 ? 167 HOH P O   1 
HETATM 1699 O O   . HOH D 3 .  ? -18.498 -19.014 -6.431  1.00 51.60 ? 168 HOH P O   1 
HETATM 1700 O O   . HOH D 3 .  ? 13.992  -4.431  -4.999  1.00 57.27 ? 169 HOH P O   1 
HETATM 1701 O O   . HOH D 3 .  ? 0.392   -2.250  -10.866 1.00 52.68 ? 170 HOH P O   1 
HETATM 1702 O O   . HOH D 3 .  ? 10.990  -7.277  6.121   1.00 60.88 ? 171 HOH P O   1 
HETATM 1703 O O   . HOH D 3 .  ? -6.309  -13.474 15.318  1.00 47.87 ? 172 HOH P O   1 
HETATM 1704 O O   . HOH D 3 .  ? -15.311 -8.979  17.546  1.00 41.76 ? 173 HOH P O   1 
HETATM 1705 O O   . HOH D 3 .  ? -4.627  -4.971  12.122  1.00 52.88 ? 174 HOH P O   1 
HETATM 1706 O O   . HOH D 3 .  ? 2.345   -6.484  8.740   1.00 58.56 ? 175 HOH P O   1 
HETATM 1707 O O   . HOH D 3 .  ? -9.656  3.830   3.496   1.00 54.66 ? 176 HOH P O   1 
HETATM 1708 O O   . HOH D 3 .  ? 11.965  -19.272 9.290   1.00 46.25 ? 177 HOH P O   1 
HETATM 1709 O O   . HOH D 3 .  ? 9.186   -21.078 -5.817  1.00 40.13 ? 178 HOH P O   1 
HETATM 1710 O O   . HOH D 3 .  ? -7.315  -4.403  10.924  1.00 56.04 ? 179 HOH P O   1 
HETATM 1711 O O   . HOH D 3 .  ? -19.447 6.909   3.494   1.00 46.55 ? 180 HOH P O   1 
HETATM 1712 O O   . HOH D 3 .  ? -10.191 -3.762  10.503  1.00 46.08 ? 181 HOH P O   1 
HETATM 1713 O O   . HOH D 3 .  ? -16.432 -8.495  -6.285  1.00 68.90 ? 182 HOH P O   1 
HETATM 1714 O O   . HOH D 3 .  ? 0.510   -25.906 -5.507  1.00 54.78 ? 183 HOH P O   1 
HETATM 1715 O O   . HOH D 3 .  ? 18.402  -6.145  -1.572  1.00 63.09 ? 184 HOH P O   1 
HETATM 1716 O O   . HOH D 3 .  ? 14.227  -20.275 10.944  1.00 65.77 ? 185 HOH P O   1 
HETATM 1717 O O   . HOH D 3 .  ? 18.632  -3.108  1.201   1.00 55.98 ? 186 HOH P O   1 
HETATM 1718 O O   . HOH D 3 .  ? -1.272  -23.549 8.656   1.00 70.48 ? 187 HOH P O   1 
HETATM 1719 O O   . HOH D 3 .  ? 14.841  0.752   -11.671 1.00 50.04 ? 188 HOH P O   1 
HETATM 1720 O O   . HOH D 3 .  ? -2.948  -25.523 14.119  1.00 71.70 ? 189 HOH P O   1 
HETATM 1721 O O   . HOH D 3 .  ? -6.620  -18.797 17.257  1.00 58.25 ? 190 HOH P O   1 
HETATM 1722 O O   . HOH D 3 .  ? 11.639  -12.435 9.440   1.00 82.47 ? 191 HOH P O   1 
HETATM 1723 O O   . HOH D 3 .  ? -13.876 -23.117 -3.571  1.00 64.96 ? 192 HOH P O   1 
HETATM 1724 O O   . HOH D 3 .  ? -18.810 -11.034 8.727   1.00 66.62 ? 193 HOH P O   1 
HETATM 1725 O O   . HOH D 3 .  ? 16.220  5.211   -13.136 1.00 69.03 ? 194 HOH P O   1 
HETATM 1726 O O   . HOH D 3 .  ? 11.791  -19.182 -0.097  1.00 65.71 ? 195 HOH P O   1 
# 
